data_5TLW
#
_entry.id   5TLW
#
_cell.length_a   83.857
_cell.length_b   102.707
_cell.length_c   84.905
_cell.angle_alpha   90.000
_cell.angle_beta   98.540
_cell.angle_gamma   90.000
#
_symmetry.space_group_name_H-M   'P 1 21 1'
#
loop_
_entity.id
_entity.type
_entity.pdbx_description
1 polymer 'Fructose-bisphosphate aldolase A'
2 non-polymer '{[4-(phosphonooxy)phenyl]methylene}bis(phosphonic acid)'
3 non-polymer GLYCEROL
4 water water
#
_entity_poly.entity_id   1
_entity_poly.type   'polypeptide(L)'
_entity_poly.pdbx_seq_one_letter_code
;PHSHPALTPEQKKELSDIAHRIVAPGKGILAADESTGSIAKRLQSIGTENTEENRRFYRQLLLTADDRVNPCIGGVILFH
ETLYQKADDGRPFPQVIKSKGGVVGIKVDKGVVPLAGTNGETTTQGLDGLSERCAQYKKDGADFAKWRCVLKIGEHTPSA
LAIMENANVLARYASICQQNGIVPIVEPEILPDGDHDLKRCQYVTEKVLAAVYKALSDHHIYLEGTLLKPNMVTPGHACT
QKYSHEEIAMATVTALRRTVPPAVTGVTFLSGGQSEEEASINLNAINKCPLLKPWALTFSYGRALQASALKAWGGKKENL
KAAQEEYVKRALANSLACQGKYTPSGQAGAAASESLFISNHAY
;
_entity_poly.pdbx_strand_id   A,B,C,D
#
loop_
_chem_comp.id
_chem_comp.type
_chem_comp.name
_chem_comp.formula
GOL non-polymer GLYCEROL 'C3 H8 O3'
RD3 non-polymer '{[4-(phosphonooxy)phenyl]methylene}bis(phosphonic acid)' 'C7 H11 O10 P3'
#
# COMPACT_ATOMS: atom_id res chain seq x y z
N PRO A 1 -7.87 13.35 6.19
CA PRO A 1 -6.79 14.26 6.60
C PRO A 1 -7.17 15.09 7.83
N HIS A 2 -8.14 14.62 8.60
CA HIS A 2 -8.62 15.30 9.78
C HIS A 2 -8.34 14.45 11.01
N SER A 3 -7.77 15.07 12.03
CA SER A 3 -7.42 14.37 13.25
C SER A 3 -8.66 14.18 14.12
N HIS A 4 -8.87 12.95 14.58
CA HIS A 4 -9.84 12.63 15.63
C HIS A 4 -9.03 12.00 16.77
N PRO A 5 -8.41 12.83 17.64
CA PRO A 5 -7.38 12.32 18.54
C PRO A 5 -7.71 11.01 19.21
N ALA A 6 -6.79 10.04 19.09
CA ALA A 6 -6.98 8.76 19.78
C ALA A 6 -6.76 8.89 21.28
N LEU A 7 -5.93 9.85 21.70
CA LEU A 7 -5.52 9.99 23.08
C LEU A 7 -5.61 11.43 23.53
N THR A 8 -5.97 11.63 24.79
CA THR A 8 -5.90 12.93 25.41
C THR A 8 -4.46 13.22 25.87
N PRO A 9 -4.14 14.48 26.15
CA PRO A 9 -2.80 14.76 26.71
C PRO A 9 -2.52 14.01 28.00
N GLU A 10 -3.53 13.83 28.85
CA GLU A 10 -3.33 13.06 30.07
C GLU A 10 -3.01 11.61 29.76
N GLN A 11 -3.74 11.01 28.81
CA GLN A 11 -3.42 9.65 28.39
C GLN A 11 -2.02 9.58 27.82
N LYS A 12 -1.62 10.58 27.03
CA LYS A 12 -0.28 10.58 26.47
C LYS A 12 0.78 10.63 27.57
N LYS A 13 0.58 11.53 28.54
CA LYS A 13 1.55 11.66 29.63
C LYS A 13 1.74 10.35 30.38
N GLU A 14 0.62 9.68 30.71
CA GLU A 14 0.71 8.41 31.44
C GLU A 14 1.56 7.41 30.66
N LEU A 15 1.27 7.24 29.38
CA LEU A 15 2.00 6.26 28.58
C LEU A 15 3.48 6.62 28.50
N SER A 16 3.78 7.88 28.18
CA SER A 16 5.17 8.31 28.08
C SER A 16 5.92 8.08 29.40
N ASP A 17 5.28 8.38 30.52
CA ASP A 17 5.94 8.21 31.81
C ASP A 17 6.23 6.73 32.08
N ILE A 18 5.27 5.85 31.81
CA ILE A 18 5.52 4.42 31.96
C ILE A 18 6.71 4.01 31.10
N ALA A 19 6.72 4.41 29.83
CA ALA A 19 7.77 4.00 28.91
C ALA A 19 9.14 4.43 29.39
N HIS A 20 9.27 5.65 29.91
CA HIS A 20 10.56 6.14 30.36
C HIS A 20 11.02 5.46 31.65
N ARG A 21 10.09 5.11 32.55
CA ARG A 21 10.46 4.38 33.74
C ARG A 21 11.12 3.05 33.39
N ILE A 22 10.56 2.33 32.41
CA ILE A 22 11.02 0.98 32.10
C ILE A 22 12.48 1.01 31.63
N VAL A 23 12.83 1.98 30.78
CA VAL A 23 14.14 1.98 30.13
C VAL A 23 14.99 3.12 30.65
N ALA A 24 14.77 3.53 31.90
CA ALA A 24 15.62 4.53 32.50
C ALA A 24 17.08 4.04 32.47
N PRO A 25 18.04 4.96 32.52
CA PRO A 25 19.44 4.56 32.33
C PRO A 25 19.86 3.43 33.26
N GLY A 26 20.50 2.42 32.68
CA GLY A 26 20.94 1.25 33.42
C GLY A 26 19.88 0.19 33.63
N LYS A 27 18.65 0.42 33.20
CA LYS A 27 17.55 -0.50 33.46
C LYS A 27 17.13 -1.23 32.19
N GLY A 28 16.65 -2.45 32.37
CA GLY A 28 16.17 -3.29 31.28
C GLY A 28 14.99 -4.13 31.72
N ILE A 29 14.57 -5.09 30.91
CA ILE A 29 13.37 -5.87 31.18
C ILE A 29 13.77 -7.33 31.39
N LEU A 30 13.18 -7.94 32.42
CA LEU A 30 13.25 -9.39 32.61
C LEU A 30 12.05 -10.02 31.92
N ALA A 31 12.31 -10.90 30.96
CA ALA A 31 11.25 -11.58 30.21
C ALA A 31 11.03 -12.95 30.85
N ALA A 32 10.07 -13.01 31.76
CA ALA A 32 9.68 -14.26 32.43
C ALA A 32 8.29 -14.71 32.00
N ASP A 33 7.91 -14.46 30.75
CA ASP A 33 6.54 -14.62 30.28
C ASP A 33 6.36 -15.88 29.43
N GLU A 34 7.24 -16.87 29.56
CA GLU A 34 7.10 -18.10 28.79
C GLU A 34 5.73 -18.71 29.02
N SER A 35 5.05 -19.06 27.92
CA SER A 35 3.81 -19.81 28.00
C SER A 35 4.04 -21.13 28.71
N THR A 36 2.94 -21.80 29.09
CA THR A 36 3.08 -23.07 29.78
C THR A 36 3.69 -24.13 28.86
N GLY A 37 3.47 -24.01 27.54
CA GLY A 37 4.11 -24.91 26.61
C GLY A 37 5.57 -24.59 26.37
N SER A 38 5.96 -23.33 26.53
CA SER A 38 7.36 -22.94 26.38
C SER A 38 8.14 -23.17 27.67
N ILE A 39 7.53 -22.96 28.83
CA ILE A 39 8.22 -23.19 30.09
C ILE A 39 8.41 -24.69 30.32
N ALA A 40 7.50 -25.51 29.79
CA ALA A 40 7.66 -26.96 29.92
C ALA A 40 8.99 -27.43 29.37
N LYS A 41 9.40 -26.90 28.22
CA LYS A 41 10.70 -27.25 27.66
C LYS A 41 11.82 -26.89 28.63
N ARG A 42 11.78 -25.72 29.23
CA ARG A 42 12.81 -25.34 30.16
C ARG A 42 12.86 -26.25 31.36
N LEU A 43 11.73 -26.59 31.92
CA LEU A 43 11.74 -27.48 33.07
C LEU A 43 12.25 -28.86 32.70
N GLN A 44 11.93 -29.33 31.49
CA GLN A 44 12.41 -30.64 31.05
C GLN A 44 13.93 -30.67 30.95
N SER A 45 14.56 -29.55 30.61
CA SER A 45 16.01 -29.51 30.52
C SER A 45 16.69 -29.72 31.87
N ILE A 46 15.95 -29.66 32.97
CA ILE A 46 16.49 -29.97 34.29
C ILE A 46 15.67 -31.06 34.93
N GLY A 47 15.02 -31.89 34.10
CA GLY A 47 14.28 -33.04 34.59
C GLY A 47 13.28 -32.72 35.68
N THR A 48 12.67 -31.54 35.61
CA THR A 48 11.67 -31.12 36.58
C THR A 48 10.29 -31.17 35.94
N GLU A 49 9.32 -31.71 36.70
CA GLU A 49 7.96 -31.84 36.19
C GLU A 49 7.32 -30.47 36.07
N ASN A 50 6.48 -30.32 35.04
CA ASN A 50 5.83 -29.03 34.76
C ASN A 50 4.53 -28.96 35.54
N THR A 51 4.63 -28.53 36.79
CA THR A 51 3.48 -28.31 37.64
C THR A 51 3.35 -26.81 37.94
N GLU A 52 2.13 -26.40 38.25
CA GLU A 52 1.90 -25.00 38.58
C GLU A 52 2.78 -24.56 39.75
N GLU A 53 3.06 -25.46 40.68
CA GLU A 53 3.85 -25.09 41.85
C GLU A 53 5.31 -24.86 41.48
N ASN A 54 5.89 -25.77 40.70
CA ASN A 54 7.26 -25.57 40.24
C ASN A 54 7.39 -24.30 39.43
N ARG A 55 6.41 -24.02 38.56
CA ARG A 55 6.41 -22.75 37.83
C ARG A 55 6.33 -21.58 38.78
N ARG A 56 5.43 -21.64 39.77
CA ARG A 56 5.35 -20.59 40.78
C ARG A 56 6.67 -20.43 41.50
N PHE A 57 7.26 -21.53 41.95
CA PHE A 57 8.52 -21.45 42.69
C PHE A 57 9.62 -20.82 41.83
N TYR A 58 9.75 -21.29 40.58
CA TYR A 58 10.80 -20.74 39.72
C TYR A 58 10.62 -19.24 39.53
N ARG A 59 9.40 -18.79 39.22
CA ARG A 59 9.16 -17.36 39.07
C ARG A 59 9.44 -16.61 40.36
N GLN A 60 8.95 -17.13 41.49
CA GLN A 60 9.27 -16.53 42.78
C GLN A 60 10.77 -16.39 42.97
N LEU A 61 11.52 -17.43 42.60
CA LEU A 61 12.98 -17.38 42.71
C LEU A 61 13.55 -16.16 42.03
N LEU A 62 13.08 -15.88 40.81
CA LEU A 62 13.59 -14.72 40.07
C LEU A 62 13.09 -13.41 40.68
N LEU A 63 11.81 -13.35 41.05
CA LEU A 63 11.22 -12.07 41.42
C LEU A 63 11.66 -11.60 42.81
N THR A 64 12.13 -12.50 43.66
CA THR A 64 12.52 -12.13 45.03
C THR A 64 14.02 -12.07 45.22
N ALA A 65 14.81 -12.11 44.14
CA ALA A 65 16.25 -11.98 44.25
C ALA A 65 16.62 -10.72 45.03
N ASP A 66 17.82 -10.67 45.59
CA ASP A 66 18.16 -9.59 46.51
C ASP A 66 18.21 -8.25 45.77
N ASP A 67 18.21 -7.18 46.57
CA ASP A 67 17.98 -5.81 46.08
C ASP A 67 19.08 -5.29 45.17
N ARG A 68 20.10 -6.08 44.83
CA ARG A 68 21.08 -5.62 43.86
C ARG A 68 20.50 -5.54 42.45
N VAL A 69 19.37 -6.17 42.21
CA VAL A 69 18.74 -6.13 40.89
C VAL A 69 17.83 -4.91 40.72
N ASN A 70 17.36 -4.31 41.81
CA ASN A 70 16.41 -3.20 41.72
C ASN A 70 16.83 -2.12 40.72
N PRO A 71 18.07 -1.60 40.75
CA PRO A 71 18.45 -0.61 39.72
C PRO A 71 18.69 -1.22 38.36
N CYS A 72 18.69 -2.55 38.25
CA CYS A 72 18.95 -3.22 36.97
C CYS A 72 17.67 -3.50 36.19
N ILE A 73 16.56 -3.69 36.88
CA ILE A 73 15.33 -4.19 36.29
C ILE A 73 14.29 -3.09 36.38
N GLY A 74 13.96 -2.49 35.25
CA GLY A 74 12.91 -1.49 35.18
C GLY A 74 11.54 -2.12 35.00
N GLY A 75 11.51 -3.32 34.45
CA GLY A 75 10.24 -3.98 34.16
C GLY A 75 10.39 -5.48 34.07
N VAL A 76 9.28 -6.17 34.30
CA VAL A 76 9.23 -7.63 34.27
C VAL A 76 7.98 -8.04 33.51
N ILE A 77 8.16 -8.86 32.47
CA ILE A 77 7.04 -9.36 31.67
C ILE A 77 6.59 -10.69 32.23
N LEU A 78 5.29 -10.83 32.42
CA LEU A 78 4.70 -12.03 32.99
C LEU A 78 3.75 -12.69 32.00
N PHE A 79 3.62 -14.01 32.13
CA PHE A 79 2.53 -14.74 31.51
C PHE A 79 1.27 -14.62 32.38
N HIS A 80 0.12 -14.83 31.76
CA HIS A 80 -1.16 -14.62 32.45
C HIS A 80 -1.17 -15.30 33.84
N GLU A 81 -0.84 -16.58 33.88
CA GLU A 81 -0.88 -17.33 35.14
C GLU A 81 -0.08 -16.63 36.23
N THR A 82 1.14 -16.21 35.90
CA THR A 82 2.03 -15.65 36.91
C THR A 82 1.52 -14.32 37.46
N LEU A 83 0.78 -13.55 36.65
CA LEU A 83 0.27 -12.28 37.12
C LEU A 83 -0.62 -12.43 38.34
N TYR A 84 -1.26 -13.59 38.50
CA TYR A 84 -2.21 -13.81 39.58
C TYR A 84 -1.70 -14.77 40.65
N GLN A 85 -0.41 -15.09 40.64
CA GLN A 85 0.18 -15.94 41.66
C GLN A 85 0.77 -15.08 42.78
N LYS A 86 1.09 -15.75 43.89
CA LYS A 86 1.58 -15.08 45.10
C LYS A 86 2.87 -15.73 45.58
N ALA A 87 3.73 -14.91 46.17
CA ALA A 87 4.92 -15.43 46.80
C ALA A 87 4.54 -16.19 48.07
N ASP A 88 5.53 -16.84 48.68
CA ASP A 88 5.27 -17.64 49.87
C ASP A 88 4.66 -16.79 50.98
N ASP A 89 5.10 -15.55 51.12
CA ASP A 89 4.63 -14.67 52.19
C ASP A 89 3.28 -14.03 51.88
N GLY A 90 2.60 -14.45 50.82
CA GLY A 90 1.29 -13.92 50.49
C GLY A 90 1.27 -12.74 49.55
N ARG A 91 2.42 -12.11 49.29
CA ARG A 91 2.45 -10.92 48.44
C ARG A 91 2.19 -11.30 46.99
N PRO A 92 1.22 -10.68 46.32
CA PRO A 92 1.08 -10.89 44.87
C PRO A 92 2.33 -10.50 44.11
N PHE A 93 2.70 -11.32 43.14
CA PHE A 93 3.92 -11.06 42.36
C PHE A 93 3.96 -9.66 41.78
N PRO A 94 2.86 -9.08 41.28
CA PRO A 94 2.94 -7.68 40.81
C PRO A 94 3.38 -6.73 41.92
N GLN A 95 2.96 -6.99 43.15
CA GLN A 95 3.39 -6.17 44.28
C GLN A 95 4.88 -6.39 44.58
N VAL A 96 5.33 -7.66 44.53
CA VAL A 96 6.76 -7.95 44.67
C VAL A 96 7.56 -7.12 43.67
N ILE A 97 7.13 -7.14 42.41
CA ILE A 97 7.84 -6.43 41.35
C ILE A 97 7.82 -4.93 41.63
N LYS A 98 6.65 -4.37 41.91
CA LYS A 98 6.55 -2.93 42.10
C LYS A 98 7.36 -2.47 43.30
N SER A 99 7.36 -3.23 44.39
CA SER A 99 8.08 -2.80 45.59
C SER A 99 9.59 -2.77 45.36
N LYS A 100 10.10 -3.51 44.38
CA LYS A 100 11.52 -3.48 44.03
C LYS A 100 11.83 -2.44 42.94
N GLY A 101 10.87 -1.58 42.59
CA GLY A 101 11.10 -0.51 41.65
C GLY A 101 10.85 -0.84 40.20
N GLY A 102 10.22 -1.96 39.91
CA GLY A 102 9.97 -2.38 38.54
C GLY A 102 8.53 -2.16 38.11
N VAL A 103 8.33 -2.13 36.81
CA VAL A 103 7.00 -2.06 36.21
C VAL A 103 6.60 -3.47 35.80
N VAL A 104 5.30 -3.75 35.90
CA VAL A 104 4.77 -5.08 35.62
C VAL A 104 4.26 -5.10 34.18
N GLY A 105 4.67 -6.11 33.42
CA GLY A 105 4.20 -6.28 32.06
C GLY A 105 3.47 -7.58 31.84
N ILE A 106 2.66 -7.65 30.78
CA ILE A 106 1.84 -8.83 30.51
C ILE A 106 1.97 -9.19 29.03
N LYS A 107 2.22 -10.48 28.76
CA LYS A 107 2.17 -10.98 27.39
C LYS A 107 0.73 -11.23 26.99
N VAL A 108 0.32 -10.72 25.83
CA VAL A 108 -1.10 -10.70 25.46
C VAL A 108 -1.39 -11.39 24.13
N ASP A 109 -0.39 -11.80 23.37
CA ASP A 109 -0.69 -12.50 22.13
C ASP A 109 -1.01 -13.96 22.41
N LYS A 110 -1.62 -14.60 21.42
CA LYS A 110 -2.07 -15.99 21.54
C LYS A 110 -1.36 -16.87 20.51
N GLY A 111 -0.12 -16.54 20.19
CA GLY A 111 0.72 -17.40 19.37
C GLY A 111 0.55 -17.18 17.88
N VAL A 112 1.41 -17.83 17.14
CA VAL A 112 1.47 -17.67 15.69
C VAL A 112 0.51 -18.65 15.02
N VAL A 113 0.04 -18.26 13.83
CA VAL A 113 -0.74 -19.13 12.97
C VAL A 113 -0.22 -19.02 11.56
N PRO A 114 -0.38 -20.09 10.76
CA PRO A 114 0.18 -20.09 9.41
C PRO A 114 -0.57 -19.16 8.46
N LEU A 115 0.18 -18.57 7.53
CA LEU A 115 -0.36 -17.82 6.41
C LEU A 115 -0.44 -18.72 5.19
N ALA A 116 -1.65 -19.08 4.78
CA ALA A 116 -1.83 -19.93 3.62
C ALA A 116 -1.23 -19.28 2.39
N GLY A 117 -0.62 -20.10 1.54
CA GLY A 117 -0.04 -19.62 0.30
C GLY A 117 1.35 -19.03 0.43
N THR A 118 2.00 -19.20 1.57
CA THR A 118 3.37 -18.74 1.78
C THR A 118 4.26 -19.94 2.09
N ASN A 119 5.56 -19.69 2.07
CA ASN A 119 6.54 -20.75 2.36
C ASN A 119 6.77 -20.83 3.86
N GLY A 120 5.75 -21.35 4.56
CA GLY A 120 5.85 -21.61 5.97
C GLY A 120 5.89 -20.39 6.86
N GLU A 121 5.40 -19.25 6.38
CA GLU A 121 5.39 -18.03 7.18
C GLU A 121 4.13 -17.95 8.03
N THR A 122 4.19 -17.08 9.04
CA THR A 122 3.13 -16.99 10.03
C THR A 122 2.71 -15.54 10.23
N THR A 123 1.52 -15.40 10.79
CA THR A 123 1.07 -14.19 11.47
C THR A 123 0.75 -14.58 12.92
N THR A 124 0.29 -13.61 13.71
CA THR A 124 -0.02 -13.83 15.11
C THR A 124 -1.47 -13.48 15.41
N GLN A 125 -2.10 -14.27 16.27
CA GLN A 125 -3.47 -14.06 16.69
C GLN A 125 -3.52 -13.57 18.13
N GLY A 126 -4.68 -13.04 18.52
CA GLY A 126 -4.87 -12.56 19.89
C GLY A 126 -5.65 -11.26 20.03
N LEU A 127 -6.12 -10.68 18.93
CA LEU A 127 -6.83 -9.41 19.02
C LEU A 127 -8.23 -9.58 19.62
N ASP A 128 -8.84 -10.74 19.47
CA ASP A 128 -10.22 -10.92 19.90
C ASP A 128 -10.35 -10.70 21.41
N GLY A 129 -11.20 -9.74 21.77
CA GLY A 129 -11.39 -9.43 23.17
C GLY A 129 -10.20 -8.77 23.84
N LEU A 130 -9.21 -8.31 23.05
CA LEU A 130 -8.01 -7.76 23.64
C LEU A 130 -8.29 -6.53 24.50
N SER A 131 -9.27 -5.72 24.08
CA SER A 131 -9.56 -4.50 24.82
C SER A 131 -10.06 -4.79 26.23
N GLU A 132 -10.93 -5.79 26.36
CA GLU A 132 -11.41 -6.18 27.68
C GLU A 132 -10.29 -6.78 28.52
N ARG A 133 -9.42 -7.58 27.92
CA ARG A 133 -8.30 -8.14 28.66
C ARG A 133 -7.35 -7.07 29.15
N CYS A 134 -7.02 -6.10 28.29
CA CYS A 134 -6.07 -5.06 28.67
C CYS A 134 -6.58 -4.27 29.86
N ALA A 135 -7.85 -3.86 29.81
CA ALA A 135 -8.42 -3.10 30.92
C ALA A 135 -8.36 -3.89 32.22
N GLN A 136 -8.62 -5.20 32.14
CA GLN A 136 -8.53 -6.04 33.33
C GLN A 136 -7.09 -6.15 33.82
N TYR A 137 -6.15 -6.37 32.90
CA TYR A 137 -4.75 -6.43 33.29
C TYR A 137 -4.30 -5.12 33.92
N LYS A 138 -4.78 -3.99 33.38
CA LYS A 138 -4.46 -2.70 33.96
C LYS A 138 -4.96 -2.59 35.39
N LYS A 139 -6.18 -3.06 35.66
CA LYS A 139 -6.70 -3.05 37.02
C LYS A 139 -5.85 -3.92 37.94
N ASP A 140 -5.35 -5.04 37.42
CA ASP A 140 -4.64 -6.00 38.23
C ASP A 140 -3.14 -5.75 38.26
N GLY A 141 -2.67 -4.58 37.83
CA GLY A 141 -1.33 -4.13 38.11
C GLY A 141 -0.36 -4.04 36.93
N ALA A 142 -0.76 -4.47 35.73
CA ALA A 142 0.13 -4.38 34.59
C ALA A 142 0.07 -3.00 33.96
N ASP A 143 1.23 -2.50 33.52
CA ASP A 143 1.32 -1.22 32.83
C ASP A 143 1.90 -1.29 31.43
N PHE A 144 2.42 -2.45 31.00
CA PHE A 144 2.89 -2.58 29.62
C PHE A 144 2.67 -4.02 29.17
N ALA A 145 2.75 -4.22 27.86
CA ALA A 145 2.41 -5.51 27.26
C ALA A 145 3.44 -5.89 26.20
N LYS A 146 3.37 -7.15 25.80
CA LYS A 146 4.26 -7.71 24.78
C LYS A 146 3.44 -8.50 23.78
N TRP A 147 3.80 -8.35 22.50
CA TRP A 147 3.18 -9.06 21.40
C TRP A 147 4.29 -9.46 20.43
N ARG A 148 4.41 -10.75 20.16
CA ARG A 148 5.52 -11.27 19.37
C ARG A 148 5.05 -11.68 17.98
N CYS A 149 5.62 -11.05 16.97
CA CYS A 149 5.50 -11.48 15.58
C CYS A 149 6.83 -12.08 15.14
N VAL A 150 6.76 -13.09 14.27
CA VAL A 150 7.94 -13.84 13.87
C VAL A 150 8.03 -13.85 12.35
N LEU A 151 9.19 -13.44 11.84
CA LEU A 151 9.50 -13.49 10.41
C LEU A 151 10.78 -14.28 10.22
N LYS A 152 10.91 -14.91 9.05
CA LYS A 152 11.99 -15.82 8.75
C LYS A 152 12.69 -15.39 7.47
N ILE A 153 14.02 -15.46 7.48
CA ILE A 153 14.83 -15.16 6.30
C ILE A 153 15.07 -16.45 5.57
N GLY A 154 14.57 -16.53 4.34
CA GLY A 154 14.76 -17.68 3.49
C GLY A 154 14.95 -17.29 2.04
N GLU A 155 14.83 -18.26 1.13
CA GLU A 155 15.04 -17.96 -0.27
C GLU A 155 13.95 -17.05 -0.81
N HIS A 156 12.71 -17.25 -0.36
CA HIS A 156 11.57 -16.46 -0.80
C HIS A 156 10.88 -15.76 0.36
N THR A 157 11.53 -15.66 1.51
CA THR A 157 10.94 -15.09 2.70
C THR A 157 11.90 -14.13 3.41
N PRO A 158 11.37 -13.14 4.14
CA PRO A 158 9.94 -12.90 4.37
C PRO A 158 9.26 -12.23 3.18
N SER A 159 8.04 -12.67 2.87
CA SER A 159 7.34 -12.21 1.69
C SER A 159 6.68 -10.86 1.96
N ALA A 160 6.17 -10.25 0.89
CA ALA A 160 5.42 -9.00 1.02
C ALA A 160 4.20 -9.19 1.90
N LEU A 161 3.47 -10.29 1.70
CA LEU A 161 2.28 -10.56 2.51
C LEU A 161 2.64 -10.64 3.99
N ALA A 162 3.67 -11.43 4.34
CA ALA A 162 4.00 -11.66 5.73
C ALA A 162 4.42 -10.36 6.42
N ILE A 163 5.20 -9.53 5.72
CA ILE A 163 5.62 -8.25 6.30
C ILE A 163 4.41 -7.36 6.54
N MET A 164 3.56 -7.23 5.52
CA MET A 164 2.39 -6.38 5.62
C MET A 164 1.46 -6.83 6.73
N GLU A 165 1.13 -8.13 6.75
CA GLU A 165 0.15 -8.64 7.71
C GLU A 165 0.67 -8.54 9.15
N ASN A 166 1.94 -8.88 9.38
CA ASN A 166 2.48 -8.80 10.73
C ASN A 166 2.63 -7.35 11.19
N ALA A 167 3.02 -6.45 10.28
CA ALA A 167 3.06 -5.05 10.64
C ALA A 167 1.68 -4.55 11.03
N ASN A 168 0.66 -4.94 10.28
CA ASN A 168 -0.69 -4.47 10.54
C ASN A 168 -1.23 -4.98 11.87
N VAL A 169 -0.95 -6.24 12.22
CA VAL A 169 -1.48 -6.77 13.46
C VAL A 169 -0.75 -6.17 14.66
N LEU A 170 0.53 -5.82 14.48
CA LEU A 170 1.25 -5.14 15.54
C LEU A 170 0.62 -3.78 15.84
N ALA A 171 0.22 -3.06 14.79
CA ALA A 171 -0.35 -1.74 15.00
C ALA A 171 -1.73 -1.83 15.67
N ARG A 172 -2.56 -2.79 15.24
CA ARG A 172 -3.84 -3.01 15.91
C ARG A 172 -3.64 -3.25 17.39
N TYR A 173 -2.76 -4.21 17.73
CA TYR A 173 -2.48 -4.50 19.13
C TYR A 173 -2.01 -3.26 19.87
N ALA A 174 -1.13 -2.47 19.25
CA ALA A 174 -0.60 -1.28 19.89
C ALA A 174 -1.69 -0.24 20.12
N SER A 175 -2.61 -0.11 19.16
CA SER A 175 -3.71 0.84 19.32
C SER A 175 -4.59 0.47 20.52
N ILE A 176 -4.93 -0.81 20.62
CA ILE A 176 -5.83 -1.26 21.69
C ILE A 176 -5.16 -1.09 23.06
N CYS A 177 -3.88 -1.46 23.16
CA CYS A 177 -3.16 -1.29 24.42
C CYS A 177 -3.22 0.17 24.90
N GLN A 178 -2.88 1.10 24.01
CA GLN A 178 -2.79 2.50 24.41
C GLN A 178 -4.14 3.07 24.82
N GLN A 179 -5.23 2.52 24.28
CA GLN A 179 -6.56 2.96 24.70
C GLN A 179 -6.87 2.57 26.12
N ASN A 180 -6.16 1.57 26.67
CA ASN A 180 -6.36 1.11 28.03
C ASN A 180 -5.19 1.48 28.93
N GLY A 181 -4.44 2.51 28.57
CA GLY A 181 -3.34 2.98 29.41
C GLY A 181 -2.20 2.00 29.55
N ILE A 182 -2.01 1.11 28.57
CA ILE A 182 -0.94 0.12 28.59
C ILE A 182 0.06 0.47 27.50
N VAL A 183 1.34 0.49 27.87
CA VAL A 183 2.42 0.75 26.91
C VAL A 183 2.68 -0.53 26.13
N PRO A 184 2.54 -0.51 24.80
CA PRO A 184 2.84 -1.72 24.03
C PRO A 184 4.32 -1.86 23.68
N ILE A 185 4.87 -3.05 23.91
CA ILE A 185 6.15 -3.43 23.32
C ILE A 185 5.86 -4.06 21.96
N VAL A 186 6.42 -3.47 20.91
CA VAL A 186 6.25 -3.96 19.54
C VAL A 186 7.45 -4.86 19.23
N GLU A 187 7.21 -6.16 19.06
CA GLU A 187 8.28 -7.13 18.85
C GLU A 187 8.16 -7.79 17.49
N PRO A 188 8.79 -7.24 16.45
CA PRO A 188 8.86 -7.96 15.18
C PRO A 188 10.16 -8.75 15.06
N GLU A 189 10.19 -9.96 15.62
CA GLU A 189 11.42 -10.74 15.65
C GLU A 189 11.71 -11.34 14.28
N ILE A 190 12.90 -11.06 13.75
CA ILE A 190 13.42 -11.76 12.60
C ILE A 190 14.33 -12.87 13.12
N LEU A 191 13.94 -14.12 12.87
CA LEU A 191 14.65 -15.25 13.43
C LEU A 191 16.08 -15.31 12.89
N PRO A 192 17.01 -15.90 13.65
CA PRO A 192 18.39 -16.08 13.16
C PRO A 192 18.61 -17.34 12.34
N ASP A 193 17.57 -18.11 12.04
CA ASP A 193 17.74 -19.37 11.33
C ASP A 193 18.17 -19.14 9.89
N GLY A 194 19.07 -20.00 9.41
CA GLY A 194 19.52 -19.99 8.03
C GLY A 194 20.99 -19.68 7.91
N ASP A 195 21.45 -19.71 6.65
CA ASP A 195 22.85 -19.46 6.32
C ASP A 195 23.09 -18.06 5.77
N HIS A 196 22.16 -17.14 6.00
CA HIS A 196 22.31 -15.77 5.50
C HIS A 196 23.43 -15.05 6.26
N ASP A 197 23.98 -14.03 5.61
CA ASP A 197 25.07 -13.26 6.18
C ASP A 197 24.53 -12.02 6.88
N LEU A 198 25.47 -11.22 7.40
CA LEU A 198 25.10 -10.04 8.18
C LEU A 198 24.41 -9.00 7.31
N LYS A 199 24.88 -8.80 6.08
CA LYS A 199 24.27 -7.80 5.21
C LYS A 199 22.81 -8.15 4.92
N ARG A 200 22.53 -9.44 4.70
CA ARG A 200 21.16 -9.85 4.43
C ARG A 200 20.25 -9.59 5.62
N CYS A 201 20.73 -9.88 6.83
CA CYS A 201 19.92 -9.61 8.01
C CYS A 201 19.68 -8.12 8.18
N GLN A 202 20.71 -7.30 7.98
CA GLN A 202 20.54 -5.85 8.09
C GLN A 202 19.52 -5.35 7.07
N TYR A 203 19.57 -5.87 5.85
CA TYR A 203 18.60 -5.47 4.83
C TYR A 203 17.18 -5.80 5.27
N VAL A 204 16.94 -7.07 5.62
CA VAL A 204 15.60 -7.50 6.03
C VAL A 204 15.11 -6.68 7.22
N THR A 205 15.98 -6.49 8.22
CA THR A 205 15.58 -5.73 9.41
C THR A 205 15.16 -4.32 9.05
N GLU A 206 15.86 -3.70 8.10
CA GLU A 206 15.51 -2.34 7.68
C GLU A 206 14.15 -2.31 6.99
N LYS A 207 13.86 -3.29 6.14
CA LYS A 207 12.57 -3.30 5.46
C LYS A 207 11.45 -3.64 6.44
N VAL A 208 11.70 -4.57 7.36
CA VAL A 208 10.67 -4.91 8.35
C VAL A 208 10.35 -3.68 9.20
N LEU A 209 11.37 -3.02 9.73
CA LEU A 209 11.13 -1.91 10.64
C LEU A 209 10.47 -0.74 9.93
N ALA A 210 10.80 -0.51 8.66
CA ALA A 210 10.13 0.55 7.91
C ALA A 210 8.65 0.25 7.77
N ALA A 211 8.30 -0.99 7.45
CA ALA A 211 6.90 -1.36 7.35
C ALA A 211 6.21 -1.26 8.70
N VAL A 212 6.92 -1.59 9.79
CA VAL A 212 6.33 -1.49 11.11
C VAL A 212 5.91 -0.07 11.40
N TYR A 213 6.83 0.88 11.23
CA TYR A 213 6.54 2.25 11.65
C TYR A 213 5.58 2.96 10.70
N LYS A 214 5.50 2.54 9.44
CA LYS A 214 4.44 3.05 8.59
C LYS A 214 3.08 2.57 9.08
N ALA A 215 2.98 1.29 9.41
CA ALA A 215 1.73 0.77 9.97
C ALA A 215 1.36 1.50 11.27
N LEU A 216 2.34 1.72 12.15
CA LEU A 216 2.05 2.41 13.39
C LEU A 216 1.57 3.84 13.14
N SER A 217 2.06 4.47 12.07
CA SER A 217 1.57 5.79 11.72
C SER A 217 0.14 5.73 11.18
N ASP A 218 -0.12 4.77 10.27
CA ASP A 218 -1.46 4.64 9.70
C ASP A 218 -2.51 4.40 10.77
N HIS A 219 -2.14 3.74 11.88
CA HIS A 219 -3.09 3.41 12.94
C HIS A 219 -3.06 4.43 14.08
N HIS A 220 -2.37 5.55 13.90
CA HIS A 220 -2.42 6.66 14.85
C HIS A 220 -1.79 6.29 16.20
N ILE A 221 -0.66 5.60 16.15
CA ILE A 221 0.01 5.15 17.37
C ILE A 221 0.92 6.26 17.89
N TYR A 222 0.92 6.42 19.21
CA TYR A 222 1.71 7.44 19.91
C TYR A 222 3.07 6.83 20.23
N LEU A 223 4.08 7.20 19.44
CA LEU A 223 5.37 6.51 19.51
C LEU A 223 6.07 6.74 20.84
N GLU A 224 5.89 7.91 21.46
CA GLU A 224 6.55 8.17 22.73
C GLU A 224 6.03 7.22 23.81
N GLY A 225 4.84 6.65 23.63
CA GLY A 225 4.33 5.66 24.55
C GLY A 225 4.45 4.25 24.02
N THR A 226 5.53 3.96 23.30
CA THR A 226 5.83 2.61 22.83
C THR A 226 7.27 2.28 23.10
N LEU A 227 7.57 0.98 23.05
CA LEU A 227 8.93 0.48 23.04
C LEU A 227 9.06 -0.52 21.89
N LEU A 228 10.27 -0.68 21.39
CA LEU A 228 10.56 -1.59 20.29
C LEU A 228 11.43 -2.72 20.81
N LYS A 229 11.06 -3.96 20.49
CA LYS A 229 11.81 -5.15 20.88
C LYS A 229 12.24 -5.85 19.60
N PRO A 230 13.36 -5.45 19.01
CA PRO A 230 13.82 -6.11 17.79
C PRO A 230 14.94 -7.10 18.06
N ASN A 231 15.21 -7.96 17.09
CA ASN A 231 16.44 -8.72 17.06
C ASN A 231 17.62 -7.77 16.88
N MET A 232 18.78 -8.18 17.38
CA MET A 232 20.01 -7.56 16.92
C MET A 232 20.29 -8.03 15.49
N VAL A 233 21.02 -7.21 14.74
CA VAL A 233 21.41 -7.59 13.39
C VAL A 233 22.61 -8.53 13.51
N THR A 234 22.42 -9.78 13.13
CA THR A 234 23.42 -10.82 13.27
C THR A 234 23.39 -11.72 12.04
N PRO A 235 24.46 -12.46 11.79
CA PRO A 235 24.41 -13.47 10.73
C PRO A 235 23.53 -14.64 11.14
N GLY A 236 23.16 -15.44 10.15
CA GLY A 236 22.40 -16.64 10.43
C GLY A 236 23.20 -17.62 11.27
N HIS A 237 22.48 -18.44 12.03
CA HIS A 237 23.13 -19.46 12.85
C HIS A 237 24.06 -20.33 11.99
N ALA A 238 23.64 -20.65 10.77
CA ALA A 238 24.38 -21.55 9.90
C ALA A 238 25.31 -20.80 8.94
N CYS A 239 25.66 -19.56 9.24
CA CYS A 239 26.56 -18.79 8.38
C CYS A 239 28.01 -19.13 8.71
N THR A 240 28.81 -19.33 7.65
CA THR A 240 30.20 -19.73 7.84
C THR A 240 31.10 -18.54 8.15
N GLN A 241 30.81 -17.36 7.59
CA GLN A 241 31.63 -16.19 7.83
C GLN A 241 31.47 -15.73 9.28
N LYS A 242 32.56 -15.22 9.85
CA LYS A 242 32.59 -14.81 11.24
C LYS A 242 32.74 -13.29 11.35
N TYR A 243 32.07 -12.72 12.36
CA TYR A 243 32.00 -11.27 12.52
C TYR A 243 32.36 -10.90 13.95
N SER A 244 32.95 -9.71 14.10
CA SER A 244 33.29 -9.19 15.42
C SER A 244 32.06 -8.57 16.08
N HIS A 245 32.15 -8.37 17.39
CA HIS A 245 31.06 -7.72 18.10
C HIS A 245 30.87 -6.28 17.62
N GLU A 246 31.96 -5.63 17.21
CA GLU A 246 31.85 -4.26 16.71
C GLU A 246 31.09 -4.21 15.39
N GLU A 247 31.23 -5.24 14.54
CA GLU A 247 30.50 -5.25 13.28
C GLU A 247 29.01 -5.48 13.52
N ILE A 248 28.67 -6.39 14.43
CA ILE A 248 27.28 -6.61 14.80
C ILE A 248 26.67 -5.32 15.34
N ALA A 249 27.39 -4.62 16.21
CA ALA A 249 26.86 -3.39 16.79
C ALA A 249 26.68 -2.32 15.73
N MET A 250 27.63 -2.21 14.80
CA MET A 250 27.52 -1.21 13.74
C MET A 250 26.34 -1.50 12.82
N ALA A 251 26.13 -2.78 12.48
CA ALA A 251 25.01 -3.14 11.63
C ALA A 251 23.68 -2.90 12.34
N THR A 252 23.62 -3.23 13.64
CA THR A 252 22.39 -3.05 14.39
C THR A 252 22.03 -1.58 14.52
N VAL A 253 22.99 -0.74 14.95
CA VAL A 253 22.69 0.67 15.16
C VAL A 253 22.40 1.35 13.83
N THR A 254 23.07 0.93 12.75
CA THR A 254 22.78 1.50 11.44
C THR A 254 21.35 1.19 11.02
N ALA A 255 20.95 -0.08 11.11
CA ALA A 255 19.58 -0.44 10.76
C ALA A 255 18.58 0.39 11.55
N LEU A 256 18.84 0.59 12.84
CA LEU A 256 17.91 1.35 13.68
C LEU A 256 17.90 2.83 13.31
N ARG A 257 19.08 3.41 13.08
CA ARG A 257 19.15 4.83 12.73
C ARG A 257 18.39 5.11 11.44
N ARG A 258 18.26 4.12 10.57
CA ARG A 258 17.62 4.31 9.28
C ARG A 258 16.11 4.09 9.30
N THR A 259 15.54 3.64 10.41
CA THR A 259 14.13 3.27 10.41
C THR A 259 13.34 3.71 11.65
N VAL A 260 13.96 3.87 12.81
CA VAL A 260 13.23 4.10 14.05
C VAL A 260 13.19 5.61 14.32
N PRO A 261 12.02 6.25 14.33
CA PRO A 261 11.97 7.68 14.61
C PRO A 261 12.51 7.97 16.00
N PRO A 262 13.11 9.14 16.20
CA PRO A 262 13.64 9.46 17.54
C PRO A 262 12.58 9.51 18.63
N ALA A 263 11.31 9.74 18.26
CA ALA A 263 10.26 9.84 19.27
C ALA A 263 10.09 8.52 20.04
N VAL A 264 10.52 7.40 19.46
CA VAL A 264 10.40 6.12 20.17
C VAL A 264 11.25 6.20 21.42
N THR A 265 10.65 5.81 22.56
CA THR A 265 11.28 6.06 23.85
C THR A 265 12.47 5.13 24.07
N GLY A 266 12.37 3.87 23.66
CA GLY A 266 13.44 2.94 23.95
C GLY A 266 13.40 1.72 23.06
N VAL A 267 14.54 1.05 22.99
CA VAL A 267 14.70 -0.20 22.25
C VAL A 267 15.20 -1.25 23.22
N THR A 268 14.45 -2.33 23.36
CA THR A 268 14.75 -3.41 24.31
C THR A 268 15.04 -4.67 23.49
N PHE A 269 16.31 -4.93 23.22
CA PHE A 269 16.68 -6.03 22.34
C PHE A 269 16.30 -7.37 22.96
N LEU A 270 15.91 -8.30 22.09
CA LEU A 270 15.79 -9.70 22.46
C LEU A 270 17.12 -10.39 22.23
N SER A 271 17.37 -11.44 23.01
CA SER A 271 18.64 -12.15 22.91
C SER A 271 18.63 -13.22 21.82
N GLY A 272 17.46 -13.79 21.52
CA GLY A 272 17.39 -14.77 20.46
C GLY A 272 18.06 -16.07 20.88
N GLY A 273 19.00 -16.54 20.07
CA GLY A 273 19.76 -17.72 20.38
C GLY A 273 21.09 -17.45 21.03
N GLN A 274 21.38 -16.20 21.36
CA GLN A 274 22.67 -15.84 21.94
C GLN A 274 22.80 -16.36 23.36
N SER A 275 24.03 -16.66 23.75
CA SER A 275 24.32 -17.05 25.12
C SER A 275 24.22 -15.85 26.05
N GLU A 276 24.30 -16.12 27.36
CA GLU A 276 24.26 -15.04 28.34
C GLU A 276 25.37 -14.04 28.11
N GLU A 277 26.61 -14.53 27.97
CA GLU A 277 27.76 -13.64 27.82
C GLU A 277 27.75 -12.95 26.46
N GLU A 278 27.38 -13.67 25.40
CA GLU A 278 27.33 -13.07 24.06
C GLU A 278 26.34 -11.91 24.02
N ALA A 279 25.15 -12.12 24.58
CA ALA A 279 24.11 -11.08 24.56
C ALA A 279 24.54 -9.84 25.33
N SER A 280 25.35 -10.01 26.38
CA SER A 280 25.82 -8.87 27.16
C SER A 280 26.94 -8.11 26.44
N ILE A 281 27.85 -8.84 25.80
CA ILE A 281 28.94 -8.20 25.06
C ILE A 281 28.39 -7.39 23.90
N ASN A 282 27.47 -7.98 23.13
CA ASN A 282 26.88 -7.29 21.99
C ASN A 282 26.16 -6.02 22.42
N LEU A 283 25.33 -6.13 23.46
CA LEU A 283 24.62 -4.96 23.96
C LEU A 283 25.60 -3.86 24.39
N ASN A 284 26.68 -4.25 25.04
CA ASN A 284 27.71 -3.28 25.41
C ASN A 284 28.31 -2.63 24.17
N ALA A 285 28.66 -3.45 23.17
CA ALA A 285 29.21 -2.91 21.93
C ALA A 285 28.22 -1.98 21.24
N ILE A 286 26.92 -2.29 21.33
CA ILE A 286 25.91 -1.43 20.72
C ILE A 286 25.89 -0.06 21.37
N ASN A 287 26.01 0.00 22.69
CA ASN A 287 25.95 1.27 23.38
C ASN A 287 27.25 2.05 23.29
N LYS A 288 28.34 1.40 22.93
CA LYS A 288 29.60 2.10 22.69
C LYS A 288 29.77 2.51 21.23
N CYS A 289 28.91 2.04 20.34
CA CYS A 289 28.99 2.42 18.94
C CYS A 289 29.02 3.94 18.82
N PRO A 290 29.99 4.52 18.11
CA PRO A 290 30.15 5.99 18.15
C PRO A 290 28.99 6.75 17.56
N LEU A 291 28.18 6.13 16.71
CA LEU A 291 27.10 6.83 16.04
C LEU A 291 26.12 7.40 17.06
N LEU A 292 25.28 8.32 16.59
CA LEU A 292 24.32 9.01 17.45
C LEU A 292 23.04 8.17 17.56
N LYS A 293 22.63 7.91 18.80
CA LYS A 293 21.52 7.01 19.09
C LYS A 293 20.52 7.72 19.98
N PRO A 294 19.43 8.25 19.42
CA PRO A 294 18.49 9.06 20.22
C PRO A 294 17.48 8.28 21.04
N TRP A 295 17.67 6.98 21.23
CA TRP A 295 16.79 6.19 22.07
C TRP A 295 17.61 5.36 23.04
N ALA A 296 16.97 4.96 24.14
CA ALA A 296 17.60 4.00 25.04
C ALA A 296 17.81 2.68 24.31
N LEU A 297 18.97 2.07 24.54
CA LEU A 297 19.32 0.79 23.93
C LEU A 297 19.64 -0.17 25.07
N THR A 298 18.67 -0.99 25.45
CA THR A 298 18.82 -1.88 26.59
C THR A 298 18.30 -3.27 26.20
N PHE A 299 17.89 -4.05 27.20
CA PHE A 299 17.62 -5.47 27.03
C PHE A 299 16.21 -5.84 27.46
N SER A 300 15.65 -6.86 26.79
CA SER A 300 14.47 -7.59 27.25
C SER A 300 14.81 -9.06 27.10
N TYR A 301 15.55 -9.58 28.08
CA TYR A 301 16.15 -10.90 27.98
C TYR A 301 15.37 -11.93 28.79
N GLY A 302 15.17 -13.09 28.18
CA GLY A 302 14.66 -14.25 28.87
C GLY A 302 15.79 -15.23 29.18
N ARG A 303 16.20 -16.01 28.18
CA ARG A 303 17.24 -17.00 28.40
C ARG A 303 18.56 -16.35 28.80
N ALA A 304 18.85 -15.18 28.25
CA ALA A 304 20.11 -14.51 28.56
C ALA A 304 20.17 -13.97 29.98
N LEU A 305 19.06 -13.98 30.72
CA LEU A 305 19.07 -13.65 32.14
C LEU A 305 18.84 -14.86 33.04
N GLN A 306 18.27 -15.94 32.50
CA GLN A 306 17.82 -17.07 33.30
C GLN A 306 18.64 -18.35 33.13
N ALA A 307 19.40 -18.49 32.04
CA ALA A 307 19.99 -19.78 31.70
C ALA A 307 20.80 -20.36 32.85
N SER A 308 21.72 -19.55 33.41
CA SER A 308 22.55 -20.05 34.51
C SER A 308 21.72 -20.28 35.77
N ALA A 309 20.79 -19.38 36.08
CA ALA A 309 19.96 -19.56 37.26
C ALA A 309 19.16 -20.84 37.16
N LEU A 310 18.61 -21.12 35.98
CA LEU A 310 17.81 -22.33 35.80
C LEU A 310 18.66 -23.58 36.03
N LYS A 311 19.92 -23.56 35.57
CA LYS A 311 20.78 -24.72 35.76
C LYS A 311 21.18 -24.88 37.22
N ALA A 312 21.54 -23.78 37.89
CA ALA A 312 21.90 -23.85 39.29
C ALA A 312 20.73 -24.30 40.15
N TRP A 313 19.50 -23.93 39.77
CA TRP A 313 18.33 -24.35 40.53
C TRP A 313 18.15 -25.86 40.46
N GLY A 314 17.98 -26.39 39.26
CA GLY A 314 17.82 -27.82 39.05
C GLY A 314 16.59 -28.43 39.67
N GLY A 315 15.65 -27.59 40.12
CA GLY A 315 14.46 -28.06 40.79
C GLY A 315 14.59 -28.22 42.30
N LYS A 316 15.79 -28.07 42.84
CA LYS A 316 16.05 -28.31 44.25
C LYS A 316 15.80 -27.02 45.05
N LYS A 317 14.91 -27.11 46.04
CA LYS A 317 14.62 -25.97 46.90
C LYS A 317 15.87 -25.41 47.55
N GLU A 318 16.88 -26.25 47.79
CA GLU A 318 18.07 -25.80 48.53
C GLU A 318 19.07 -25.06 47.65
N ASN A 319 18.93 -25.11 46.33
CA ASN A 319 19.78 -24.32 45.44
C ASN A 319 19.23 -22.91 45.21
N LEU A 320 18.34 -22.45 46.09
CA LEU A 320 17.72 -21.14 45.90
C LEU A 320 18.76 -20.05 45.78
N LYS A 321 19.66 -19.94 46.76
CA LYS A 321 20.61 -18.84 46.77
C LYS A 321 21.64 -18.97 45.66
N ALA A 322 22.08 -20.20 45.36
CA ALA A 322 22.98 -20.40 44.23
C ALA A 322 22.35 -19.95 42.92
N ALA A 323 21.08 -20.30 42.72
CA ALA A 323 20.37 -19.92 41.50
C ALA A 323 20.17 -18.42 41.42
N GLN A 324 19.65 -17.81 42.50
CA GLN A 324 19.42 -16.37 42.50
C GLN A 324 20.70 -15.61 42.17
N GLU A 325 21.84 -16.05 42.73
CA GLU A 325 23.10 -15.35 42.49
C GLU A 325 23.45 -15.33 41.01
N GLU A 326 23.18 -16.42 40.29
CA GLU A 326 23.48 -16.43 38.86
C GLU A 326 22.61 -15.43 38.11
N TYR A 327 21.33 -15.34 38.46
CA TYR A 327 20.46 -14.34 37.85
C TYR A 327 20.96 -12.92 38.17
N VAL A 328 21.32 -12.68 39.42
CA VAL A 328 21.80 -11.35 39.81
C VAL A 328 23.06 -10.99 39.03
N LYS A 329 23.96 -11.97 38.82
CA LYS A 329 25.19 -11.70 38.08
C LYS A 329 24.88 -11.17 36.69
N ARG A 330 23.96 -11.83 35.96
CA ARG A 330 23.64 -11.38 34.61
C ARG A 330 22.87 -10.07 34.63
N ALA A 331 21.98 -9.88 35.60
CA ALA A 331 21.27 -8.61 35.70
C ALA A 331 22.24 -7.45 35.90
N LEU A 332 23.27 -7.66 36.73
CA LEU A 332 24.30 -6.63 36.91
C LEU A 332 25.13 -6.47 35.65
N ALA A 333 25.44 -7.58 34.99
CA ALA A 333 26.23 -7.51 33.75
C ALA A 333 25.48 -6.69 32.70
N ASN A 334 24.20 -6.99 32.49
CA ASN A 334 23.45 -6.33 31.43
C ASN A 334 23.09 -4.90 31.79
N SER A 335 23.01 -4.57 33.08
CA SER A 335 22.84 -3.18 33.48
C SER A 335 24.08 -2.36 33.12
N LEU A 336 25.27 -2.95 33.20
CA LEU A 336 26.48 -2.26 32.77
C LEU A 336 26.54 -2.17 31.25
N ALA A 337 26.11 -3.22 30.55
CA ALA A 337 26.23 -3.23 29.09
C ALA A 337 25.32 -2.19 28.46
N CYS A 338 24.12 -1.97 29.01
CA CYS A 338 23.25 -0.97 28.42
C CYS A 338 23.70 0.45 28.75
N GLN A 339 24.84 0.60 29.44
CA GLN A 339 25.51 1.87 29.60
C GLN A 339 26.88 1.89 28.92
N GLY A 340 27.30 0.77 28.34
CA GLY A 340 28.59 0.72 27.69
C GLY A 340 29.77 0.56 28.64
N LYS A 341 29.53 0.08 29.86
CA LYS A 341 30.57 -0.01 30.88
C LYS A 341 30.83 -1.46 31.30
N TYR A 342 30.54 -2.42 30.44
CA TYR A 342 30.68 -3.83 30.77
C TYR A 342 31.92 -4.41 30.11
N THR A 343 32.72 -5.13 30.90
CA THR A 343 33.88 -5.85 30.41
C THR A 343 33.90 -7.25 31.01
N PRO A 344 33.91 -8.32 30.21
CA PRO A 344 33.92 -9.67 30.78
C PRO A 344 35.10 -9.92 31.70
N SER A 359 34.40 2.98 6.67
CA SER A 359 34.05 2.03 7.72
C SER A 359 32.55 1.85 7.79
N ASN A 360 31.85 2.84 8.36
CA ASN A 360 30.40 2.77 8.47
C ASN A 360 29.71 2.92 7.11
N HIS A 361 30.42 3.39 6.08
CA HIS A 361 29.85 3.46 4.74
C HIS A 361 29.73 2.09 4.09
N ALA A 362 30.34 1.06 4.67
CA ALA A 362 30.18 -0.31 4.18
C ALA A 362 28.86 -0.94 4.62
N TYR A 363 28.07 -0.25 5.44
CA TYR A 363 26.79 -0.77 5.91
C TYR A 363 25.64 -0.08 5.20
N PRO B 1 7.21 -13.41 -5.68
CA PRO B 1 6.90 -13.68 -7.09
C PRO B 1 6.94 -15.16 -7.42
N HIS B 2 6.98 -16.00 -6.38
CA HIS B 2 7.00 -17.44 -6.50
C HIS B 2 5.73 -18.02 -5.89
N SER B 3 5.15 -19.00 -6.58
CA SER B 3 3.89 -19.60 -6.16
C SER B 3 4.14 -20.68 -5.12
N HIS B 4 3.37 -20.64 -4.03
CA HIS B 4 3.34 -21.71 -3.04
C HIS B 4 1.86 -22.07 -2.86
N PRO B 5 1.31 -22.92 -3.72
CA PRO B 5 -0.14 -23.09 -3.79
C PRO B 5 -0.79 -23.25 -2.42
N ALA B 6 -1.81 -22.44 -2.17
CA ALA B 6 -2.58 -22.52 -0.94
C ALA B 6 -3.58 -23.67 -0.96
N LEU B 7 -4.08 -24.04 -2.13
CA LEU B 7 -5.11 -25.06 -2.27
C LEU B 7 -4.71 -26.03 -3.37
N THR B 8 -5.01 -27.31 -3.16
CA THR B 8 -4.83 -28.31 -4.18
C THR B 8 -5.97 -28.22 -5.19
N PRO B 9 -5.82 -28.83 -6.36
CA PRO B 9 -6.94 -28.89 -7.31
C PRO B 9 -8.19 -29.52 -6.72
N GLU B 10 -8.03 -30.54 -5.87
CA GLU B 10 -9.19 -31.18 -5.27
C GLU B 10 -9.90 -30.23 -4.30
N GLN B 11 -9.12 -29.46 -3.53
CA GLN B 11 -9.72 -28.48 -2.63
C GLN B 11 -10.44 -27.39 -3.41
N LYS B 12 -9.84 -26.92 -4.50
CA LYS B 12 -10.49 -25.91 -5.33
C LYS B 12 -11.84 -26.39 -5.83
N LYS B 13 -11.90 -27.62 -6.34
CA LYS B 13 -13.14 -28.13 -6.91
C LYS B 13 -14.24 -28.20 -5.86
N GLU B 14 -13.90 -28.63 -4.65
CA GLU B 14 -14.90 -28.69 -3.58
C GLU B 14 -15.48 -27.32 -3.30
N LEU B 15 -14.63 -26.30 -3.19
CA LEU B 15 -15.10 -24.96 -2.87
C LEU B 15 -15.93 -24.39 -4.00
N SER B 16 -15.48 -24.60 -5.25
CA SER B 16 -16.23 -24.11 -6.40
C SER B 16 -17.57 -24.78 -6.52
N ASP B 17 -17.63 -26.10 -6.29
CA ASP B 17 -18.90 -26.81 -6.37
C ASP B 17 -19.87 -26.29 -5.31
N ILE B 18 -19.40 -26.10 -4.09
CA ILE B 18 -20.25 -25.54 -3.03
C ILE B 18 -20.78 -24.19 -3.47
N ALA B 19 -19.88 -23.29 -3.87
CA ALA B 19 -20.29 -21.92 -4.22
C ALA B 19 -21.36 -21.92 -5.30
N HIS B 20 -21.23 -22.78 -6.31
CA HIS B 20 -22.20 -22.81 -7.39
C HIS B 20 -23.53 -23.40 -6.94
N ARG B 21 -23.49 -24.42 -6.07
CA ARG B 21 -24.73 -24.97 -5.52
C ARG B 21 -25.55 -23.88 -4.85
N ILE B 22 -24.89 -22.99 -4.11
CA ILE B 22 -25.62 -21.98 -3.34
C ILE B 22 -26.34 -21.01 -4.26
N VAL B 23 -25.69 -20.57 -5.33
CA VAL B 23 -26.25 -19.51 -6.19
C VAL B 23 -26.79 -20.08 -7.50
N ALA B 24 -27.13 -21.37 -7.53
CA ALA B 24 -27.69 -21.96 -8.74
C ALA B 24 -28.92 -21.16 -9.18
N PRO B 25 -29.21 -21.13 -10.47
CA PRO B 25 -30.26 -20.23 -10.97
C PRO B 25 -31.56 -20.36 -10.18
N GLY B 26 -32.14 -19.21 -9.86
CA GLY B 26 -33.37 -19.16 -9.10
C GLY B 26 -33.20 -19.30 -7.60
N LYS B 27 -32.00 -19.55 -7.11
CA LYS B 27 -31.76 -19.82 -5.70
C LYS B 27 -31.05 -18.65 -5.03
N GLY B 28 -31.32 -18.48 -3.75
CA GLY B 28 -30.65 -17.49 -2.93
C GLY B 28 -30.39 -18.01 -1.53
N ILE B 29 -30.11 -17.11 -0.58
CA ILE B 29 -29.72 -17.49 0.77
C ILE B 29 -30.74 -16.93 1.74
N LEU B 30 -31.12 -17.76 2.71
CA LEU B 30 -31.86 -17.29 3.88
C LEU B 30 -30.85 -16.97 4.97
N ALA B 31 -30.87 -15.72 5.45
CA ALA B 31 -29.98 -15.27 6.52
C ALA B 31 -30.76 -15.32 7.83
N ALA B 32 -30.66 -16.44 8.53
CA ALA B 32 -31.28 -16.63 9.83
C ALA B 32 -30.23 -16.67 10.94
N ASP B 33 -29.18 -15.85 10.80
CA ASP B 33 -28.01 -15.93 11.66
C ASP B 33 -27.92 -14.77 12.65
N GLU B 34 -29.05 -14.12 12.95
CA GLU B 34 -29.04 -13.03 13.90
C GLU B 34 -28.39 -13.45 15.20
N SER B 35 -27.37 -12.69 15.62
CA SER B 35 -26.74 -12.93 16.91
C SER B 35 -27.78 -12.84 18.01
N THR B 36 -27.47 -13.44 19.17
CA THR B 36 -28.44 -13.47 20.26
C THR B 36 -28.88 -12.06 20.65
N GLY B 37 -28.00 -11.07 20.50
CA GLY B 37 -28.39 -9.70 20.75
C GLY B 37 -29.30 -9.12 19.68
N SER B 38 -29.13 -9.56 18.43
CA SER B 38 -29.98 -9.06 17.35
C SER B 38 -31.33 -9.76 17.33
N ILE B 39 -31.36 -11.08 17.57
CA ILE B 39 -32.64 -11.78 17.58
C ILE B 39 -33.49 -11.34 18.75
N ALA B 40 -32.86 -10.92 19.85
CA ALA B 40 -33.60 -10.32 20.95
C ALA B 40 -34.41 -9.12 20.47
N LYS B 41 -33.83 -8.31 19.58
CA LYS B 41 -34.55 -7.16 19.03
C LYS B 41 -35.76 -7.61 18.22
N ARG B 42 -35.63 -8.72 17.49
CA ARG B 42 -36.72 -9.21 16.67
C ARG B 42 -37.88 -9.70 17.53
N LEU B 43 -37.59 -10.52 18.54
CA LEU B 43 -38.65 -11.05 19.40
C LEU B 43 -39.32 -9.94 20.20
N GLN B 44 -38.54 -8.98 20.68
CA GLN B 44 -39.11 -7.87 21.44
C GLN B 44 -40.11 -7.09 20.60
N SER B 45 -39.85 -6.95 19.30
CA SER B 45 -40.73 -6.20 18.42
C SER B 45 -42.09 -6.85 18.25
N ILE B 46 -42.24 -8.13 18.62
CA ILE B 46 -43.54 -8.79 18.61
C ILE B 46 -43.87 -9.23 20.03
N GLY B 47 -43.34 -8.51 21.01
CA GLY B 47 -43.69 -8.77 22.40
C GLY B 47 -43.52 -10.21 22.82
N THR B 48 -42.47 -10.88 22.32
CA THR B 48 -42.17 -12.24 22.70
C THR B 48 -40.89 -12.30 23.50
N GLU B 49 -40.88 -13.13 24.54
CA GLU B 49 -39.73 -13.23 25.43
C GLU B 49 -38.58 -13.94 24.72
N ASN B 50 -37.36 -13.48 24.98
CA ASN B 50 -36.18 -14.04 24.32
C ASN B 50 -35.66 -15.22 25.12
N THR B 51 -36.29 -16.36 24.91
CA THR B 51 -35.87 -17.64 25.48
C THR B 51 -35.29 -18.52 24.39
N GLU B 52 -34.44 -19.46 24.79
CA GLU B 52 -33.89 -20.40 23.81
C GLU B 52 -35.00 -21.12 23.07
N GLU B 53 -36.09 -21.45 23.77
CA GLU B 53 -37.17 -22.20 23.13
C GLU B 53 -37.82 -21.39 22.01
N ASN B 54 -38.12 -20.13 22.27
CA ASN B 54 -38.70 -19.29 21.23
C ASN B 54 -37.75 -19.11 20.05
N ARG B 55 -36.46 -18.92 20.33
CA ARG B 55 -35.47 -18.84 19.26
C ARG B 55 -35.41 -20.14 18.48
N ARG B 56 -35.42 -21.27 19.18
CA ARG B 56 -35.46 -22.57 18.50
C ARG B 56 -36.74 -22.71 17.69
N PHE B 57 -37.88 -22.34 18.26
CA PHE B 57 -39.14 -22.48 17.54
C PHE B 57 -39.17 -21.58 16.32
N TYR B 58 -38.83 -20.30 16.49
CA TYR B 58 -38.86 -19.38 15.36
C TYR B 58 -37.99 -19.87 14.22
N ARG B 59 -36.78 -20.36 14.54
CA ARG B 59 -35.92 -20.91 13.49
C ARG B 59 -36.57 -22.13 12.86
N GLN B 60 -37.11 -23.03 13.68
CA GLN B 60 -37.81 -24.20 13.14
C GLN B 60 -38.92 -23.76 12.18
N LEU B 61 -39.64 -22.70 12.54
CA LEU B 61 -40.74 -22.22 11.72
C LEU B 61 -40.27 -21.94 10.29
N LEU B 62 -39.10 -21.33 10.14
CA LEU B 62 -38.59 -20.98 8.83
C LEU B 62 -37.97 -22.19 8.13
N LEU B 63 -37.21 -23.01 8.86
CA LEU B 63 -36.47 -24.09 8.22
C LEU B 63 -37.36 -25.26 7.80
N THR B 64 -38.59 -25.33 8.32
CA THR B 64 -39.46 -26.47 8.05
C THR B 64 -40.66 -26.08 7.17
N ALA B 65 -40.59 -24.93 6.49
CA ALA B 65 -41.66 -24.56 5.56
C ALA B 65 -41.76 -25.61 4.46
N ASP B 66 -42.92 -25.63 3.79
CA ASP B 66 -43.21 -26.70 2.84
C ASP B 66 -42.25 -26.66 1.65
N ASP B 67 -42.25 -27.75 0.88
CA ASP B 67 -41.29 -27.97 -0.18
C ASP B 67 -41.42 -26.98 -1.34
N ARG B 68 -42.24 -25.94 -1.28
CA ARG B 68 -42.21 -24.91 -2.33
C ARG B 68 -40.98 -24.03 -2.21
N VAL B 69 -40.26 -24.08 -1.10
CA VAL B 69 -39.04 -23.28 -0.93
C VAL B 69 -37.80 -24.01 -1.42
N ASN B 70 -37.86 -25.33 -1.61
CA ASN B 70 -36.68 -26.09 -1.98
C ASN B 70 -35.96 -25.55 -3.20
N PRO B 71 -36.64 -25.23 -4.31
CA PRO B 71 -35.93 -24.63 -5.45
C PRO B 71 -35.61 -23.16 -5.27
N CYS B 72 -36.09 -22.53 -4.19
CA CYS B 72 -35.83 -21.12 -3.93
C CYS B 72 -34.61 -20.88 -3.06
N ILE B 73 -34.26 -21.83 -2.20
CA ILE B 73 -33.26 -21.63 -1.16
C ILE B 73 -32.08 -22.52 -1.47
N GLY B 74 -30.96 -21.91 -1.81
CA GLY B 74 -29.73 -22.64 -2.04
C GLY B 74 -28.91 -22.80 -0.78
N GLY B 75 -29.14 -21.93 0.20
CA GLY B 75 -28.36 -21.97 1.44
C GLY B 75 -29.04 -21.24 2.56
N VAL B 76 -28.73 -21.65 3.79
CA VAL B 76 -29.25 -21.04 5.01
C VAL B 76 -28.07 -20.75 5.92
N ILE B 77 -27.95 -19.50 6.37
CA ILE B 77 -26.92 -19.12 7.33
C ILE B 77 -27.49 -19.22 8.73
N LEU B 78 -26.72 -19.82 9.63
CA LEU B 78 -27.12 -20.00 11.02
C LEU B 78 -26.12 -19.38 11.96
N PHE B 79 -26.61 -18.98 13.13
CA PHE B 79 -25.78 -18.62 14.26
C PHE B 79 -25.34 -19.89 15.01
N HIS B 80 -24.27 -19.77 15.78
CA HIS B 80 -23.66 -20.93 16.45
C HIS B 80 -24.71 -21.75 17.20
N GLU B 81 -25.52 -21.09 18.04
CA GLU B 81 -26.52 -21.81 18.82
C GLU B 81 -27.40 -22.66 17.93
N THR B 82 -27.98 -22.06 16.89
CA THR B 82 -28.95 -22.77 16.06
C THR B 82 -28.32 -23.97 15.36
N LEU B 83 -27.02 -23.91 15.07
CA LEU B 83 -26.37 -25.02 14.38
C LEU B 83 -26.43 -26.32 15.18
N TYR B 84 -26.70 -26.23 16.49
CA TYR B 84 -26.73 -27.41 17.35
C TYR B 84 -28.09 -27.65 17.97
N GLN B 85 -29.12 -26.95 17.52
CA GLN B 85 -30.48 -27.20 17.95
C GLN B 85 -31.15 -28.23 17.03
N LYS B 86 -32.33 -28.69 17.45
CA LYS B 86 -33.09 -29.70 16.72
C LYS B 86 -34.52 -29.25 16.54
N ALA B 87 -35.14 -29.72 15.46
CA ALA B 87 -36.56 -29.48 15.24
C ALA B 87 -37.40 -30.36 16.16
N ASP B 88 -38.72 -30.15 16.12
CA ASP B 88 -39.64 -30.90 16.98
C ASP B 88 -39.59 -32.40 16.69
N ASP B 89 -39.27 -32.79 15.46
CA ASP B 89 -39.12 -34.20 15.11
C ASP B 89 -37.75 -34.75 15.46
N GLY B 90 -36.96 -34.03 16.26
CA GLY B 90 -35.66 -34.51 16.70
C GLY B 90 -34.52 -34.34 15.72
N ARG B 91 -34.79 -33.93 14.48
CA ARG B 91 -33.73 -33.82 13.50
C ARG B 91 -32.91 -32.55 13.74
N PRO B 92 -31.58 -32.63 13.76
CA PRO B 92 -30.77 -31.40 13.84
C PRO B 92 -31.05 -30.49 12.65
N PHE B 93 -31.15 -29.19 12.94
CA PHE B 93 -31.45 -28.21 11.90
C PHE B 93 -30.56 -28.33 10.67
N PRO B 94 -29.25 -28.56 10.78
CA PRO B 94 -28.45 -28.79 9.55
C PRO B 94 -28.97 -29.93 8.71
N GLN B 95 -29.53 -30.97 9.34
CA GLN B 95 -30.09 -32.08 8.59
C GLN B 95 -31.37 -31.67 7.87
N VAL B 96 -32.22 -30.89 8.55
CA VAL B 96 -33.42 -30.38 7.91
C VAL B 96 -33.06 -29.61 6.65
N ILE B 97 -32.06 -28.74 6.74
CA ILE B 97 -31.67 -27.91 5.60
C ILE B 97 -31.20 -28.78 4.44
N LYS B 98 -30.25 -29.69 4.70
CA LYS B 98 -29.75 -30.55 3.63
C LYS B 98 -30.88 -31.37 3.00
N SER B 99 -31.77 -31.91 3.83
CA SER B 99 -32.83 -32.77 3.30
C SER B 99 -33.73 -32.01 2.33
N LYS B 100 -33.84 -30.69 2.50
CA LYS B 100 -34.59 -29.85 1.57
C LYS B 100 -33.73 -29.33 0.42
N GLY B 101 -32.50 -29.82 0.28
CA GLY B 101 -31.65 -29.43 -0.82
C GLY B 101 -30.86 -28.15 -0.61
N GLY B 102 -30.66 -27.73 0.63
CA GLY B 102 -29.94 -26.51 0.90
C GLY B 102 -28.55 -26.74 1.47
N VAL B 103 -27.68 -25.76 1.30
CA VAL B 103 -26.36 -25.79 1.91
C VAL B 103 -26.44 -25.09 3.25
N VAL B 104 -25.69 -25.58 4.23
CA VAL B 104 -25.67 -25.01 5.57
C VAL B 104 -24.51 -24.04 5.69
N GLY B 105 -24.80 -22.83 6.16
CA GLY B 105 -23.77 -21.84 6.43
C GLY B 105 -23.72 -21.43 7.89
N ILE B 106 -22.59 -20.87 8.32
CA ILE B 106 -22.40 -20.47 9.72
C ILE B 106 -21.76 -19.09 9.76
N LYS B 107 -22.27 -18.23 10.62
CA LYS B 107 -21.63 -16.94 10.88
C LYS B 107 -20.50 -17.14 11.88
N VAL B 108 -19.32 -16.60 11.57
CA VAL B 108 -18.12 -16.89 12.35
C VAL B 108 -17.47 -15.64 12.94
N ASP B 109 -17.96 -14.44 12.64
CA ASP B 109 -17.34 -13.25 13.19
C ASP B 109 -17.87 -12.98 14.59
N LYS B 110 -17.13 -12.18 15.34
CA LYS B 110 -17.46 -11.87 16.73
C LYS B 110 -17.72 -10.38 16.92
N GLY B 111 -18.29 -9.73 15.91
CA GLY B 111 -18.80 -8.38 16.07
C GLY B 111 -17.76 -7.31 15.80
N VAL B 112 -18.24 -6.07 15.78
CA VAL B 112 -17.42 -4.91 15.43
C VAL B 112 -16.71 -4.41 16.68
N VAL B 113 -15.59 -3.75 16.44
CA VAL B 113 -14.86 -3.05 17.51
C VAL B 113 -14.36 -1.72 16.99
N PRO B 114 -14.21 -0.74 17.88
CA PRO B 114 -13.84 0.62 17.44
C PRO B 114 -12.40 0.72 17.01
N LEU B 115 -12.16 1.54 15.97
CA LEU B 115 -10.82 1.88 15.52
C LEU B 115 -10.41 3.20 16.16
N ALA B 116 -9.40 3.16 17.04
CA ALA B 116 -8.96 4.38 17.70
C ALA B 116 -8.41 5.36 16.69
N GLY B 117 -8.69 6.64 16.91
CA GLY B 117 -8.23 7.68 16.03
C GLY B 117 -9.13 7.96 14.84
N THR B 118 -10.28 7.30 14.75
CA THR B 118 -11.22 7.52 13.67
C THR B 118 -12.50 8.14 14.21
N ASN B 119 -13.34 8.58 13.28
CA ASN B 119 -14.61 9.21 13.63
C ASN B 119 -15.71 8.15 13.71
N GLY B 120 -15.60 7.31 14.74
CA GLY B 120 -16.61 6.30 14.98
C GLY B 120 -16.58 5.10 14.05
N GLU B 121 -15.47 4.86 13.36
CA GLU B 121 -15.36 3.73 12.47
C GLU B 121 -14.91 2.49 13.24
N THR B 122 -15.14 1.34 12.62
CA THR B 122 -14.90 0.06 13.26
C THR B 122 -14.14 -0.88 12.32
N THR B 123 -13.58 -1.92 12.92
CA THR B 123 -13.22 -3.15 12.22
C THR B 123 -14.00 -4.29 12.87
N THR B 124 -13.66 -5.52 12.48
CA THR B 124 -14.36 -6.70 12.95
C THR B 124 -13.33 -7.68 13.52
N GLN B 125 -13.72 -8.35 14.60
CA GLN B 125 -12.89 -9.35 15.27
C GLN B 125 -13.48 -10.73 15.06
N GLY B 126 -12.68 -11.75 15.40
CA GLY B 126 -13.11 -13.12 15.30
C GLY B 126 -12.10 -14.10 14.71
N LEU B 127 -10.88 -13.65 14.43
CA LEU B 127 -9.89 -14.52 13.80
C LEU B 127 -9.28 -15.53 14.76
N ASP B 128 -9.22 -15.22 16.05
CA ASP B 128 -8.51 -16.08 16.99
C ASP B 128 -9.18 -17.44 17.07
N GLY B 129 -8.40 -18.50 16.86
CA GLY B 129 -8.94 -19.83 16.86
C GLY B 129 -9.94 -20.11 15.76
N LEU B 130 -10.00 -19.26 14.74
CA LEU B 130 -11.00 -19.43 13.68
C LEU B 130 -10.78 -20.72 12.92
N SER B 131 -9.53 -21.15 12.75
CA SER B 131 -9.27 -22.34 11.94
C SER B 131 -9.83 -23.60 12.61
N GLU B 132 -9.70 -23.69 13.93
CA GLU B 132 -10.22 -24.86 14.63
C GLU B 132 -11.74 -24.86 14.63
N ARG B 133 -12.36 -23.71 14.86
CA ARG B 133 -13.82 -23.60 14.74
C ARG B 133 -14.27 -24.04 13.36
N CYS B 134 -13.62 -23.53 12.30
CA CYS B 134 -14.04 -23.88 10.95
C CYS B 134 -13.95 -25.38 10.72
N ALA B 135 -12.88 -26.01 11.18
CA ALA B 135 -12.76 -27.46 11.05
C ALA B 135 -13.89 -28.17 11.78
N GLN B 136 -14.35 -27.62 12.90
CA GLN B 136 -15.45 -28.24 13.65
C GLN B 136 -16.78 -28.01 12.94
N TYR B 137 -17.05 -26.78 12.51
CA TYR B 137 -18.28 -26.50 11.78
C TYR B 137 -18.38 -27.37 10.53
N LYS B 138 -17.26 -27.54 9.82
CA LYS B 138 -17.24 -28.41 8.64
C LYS B 138 -17.72 -29.80 9.00
N LYS B 139 -17.15 -30.39 10.06
CA LYS B 139 -17.56 -31.72 10.50
C LYS B 139 -19.05 -31.78 10.78
N ASP B 140 -19.61 -30.72 11.36
CA ASP B 140 -20.99 -30.70 11.78
C ASP B 140 -21.94 -30.18 10.70
N GLY B 141 -21.50 -30.14 9.44
CA GLY B 141 -22.40 -29.97 8.32
C GLY B 141 -22.32 -28.64 7.58
N ALA B 142 -21.60 -27.65 8.10
CA ALA B 142 -21.51 -26.37 7.43
C ALA B 142 -20.57 -26.46 6.23
N ASP B 143 -20.94 -25.78 5.14
CA ASP B 143 -20.10 -25.71 3.95
C ASP B 143 -19.74 -24.30 3.53
N PHE B 144 -20.36 -23.28 4.09
CA PHE B 144 -19.93 -21.91 3.84
C PHE B 144 -20.07 -21.10 5.12
N ALA B 145 -19.53 -19.89 5.10
CA ALA B 145 -19.45 -19.05 6.28
C ALA B 145 -19.79 -17.61 5.91
N LYS B 146 -19.97 -16.79 6.95
CA LYS B 146 -20.27 -15.38 6.78
C LYS B 146 -19.40 -14.56 7.74
N TRP B 147 -18.97 -13.40 7.28
CA TRP B 147 -18.20 -12.44 8.06
C TRP B 147 -18.62 -11.05 7.64
N ARG B 148 -19.07 -10.23 8.59
CA ARG B 148 -19.63 -8.92 8.31
C ARG B 148 -18.69 -7.82 8.79
N CYS B 149 -18.22 -7.02 7.84
CA CYS B 149 -17.52 -5.76 8.11
C CYS B 149 -18.47 -4.60 7.80
N VAL B 150 -18.39 -3.53 8.58
CA VAL B 150 -19.32 -2.42 8.48
C VAL B 150 -18.54 -1.13 8.26
N LEU B 151 -18.89 -0.42 7.19
CA LEU B 151 -18.34 0.89 6.86
C LEU B 151 -19.48 1.90 6.76
N LYS B 152 -19.17 3.17 7.04
CA LYS B 152 -20.15 4.22 7.15
C LYS B 152 -19.77 5.39 6.25
N ILE B 153 -20.72 5.89 5.47
CA ILE B 153 -20.50 7.07 4.65
C ILE B 153 -20.79 8.31 5.50
N GLY B 154 -19.79 9.19 5.61
CA GLY B 154 -19.93 10.40 6.38
C GLY B 154 -19.05 11.51 5.84
N GLU B 155 -18.85 12.56 6.64
CA GLU B 155 -18.07 13.70 6.18
C GLU B 155 -16.61 13.31 5.97
N HIS B 156 -16.05 12.52 6.90
CA HIS B 156 -14.66 12.11 6.83
C HIS B 156 -14.50 10.60 6.74
N THR B 157 -15.57 9.89 6.39
CA THR B 157 -15.57 8.43 6.41
C THR B 157 -16.29 7.86 5.19
N PRO B 158 -15.94 6.63 4.76
CA PRO B 158 -14.92 5.77 5.36
C PRO B 158 -13.50 6.23 5.06
N SER B 159 -12.63 6.18 6.07
CA SER B 159 -11.26 6.65 5.94
C SER B 159 -10.38 5.58 5.30
N ALA B 160 -9.20 6.02 4.85
CA ALA B 160 -8.23 5.09 4.28
C ALA B 160 -7.93 3.95 5.27
N LEU B 161 -7.77 4.29 6.55
CA LEU B 161 -7.52 3.25 7.56
C LEU B 161 -8.67 2.26 7.62
N ALA B 162 -9.91 2.75 7.66
CA ALA B 162 -11.06 1.86 7.80
C ALA B 162 -11.15 0.90 6.62
N ILE B 163 -10.95 1.41 5.40
CA ILE B 163 -11.09 0.58 4.21
C ILE B 163 -9.98 -0.47 4.16
N MET B 164 -8.74 -0.04 4.39
CA MET B 164 -7.60 -0.95 4.37
C MET B 164 -7.75 -2.04 5.42
N GLU B 165 -8.13 -1.66 6.64
CA GLU B 165 -8.19 -2.60 7.75
C GLU B 165 -9.32 -3.63 7.56
N ASN B 166 -10.50 -3.17 7.14
CA ASN B 166 -11.61 -4.11 6.99
C ASN B 166 -11.37 -5.04 5.81
N ALA B 167 -10.80 -4.51 4.72
CA ALA B 167 -10.43 -5.37 3.59
C ALA B 167 -9.45 -6.45 4.02
N ASN B 168 -8.49 -6.09 4.86
CA ASN B 168 -7.44 -7.03 5.26
C ASN B 168 -8.00 -8.14 6.15
N VAL B 169 -8.88 -7.79 7.10
CA VAL B 169 -9.41 -8.82 7.97
C VAL B 169 -10.35 -9.74 7.20
N LEU B 170 -11.08 -9.21 6.22
CA LEU B 170 -11.88 -10.07 5.37
C LEU B 170 -11.02 -11.09 4.64
N ALA B 171 -9.83 -10.67 4.20
CA ALA B 171 -8.95 -11.58 3.48
C ALA B 171 -8.38 -12.66 4.41
N ARG B 172 -8.04 -12.29 5.65
CA ARG B 172 -7.60 -13.30 6.62
C ARG B 172 -8.71 -14.32 6.85
N TYR B 173 -9.93 -13.85 7.05
CA TYR B 173 -11.05 -14.76 7.29
C TYR B 173 -11.29 -15.68 6.10
N ALA B 174 -11.25 -15.12 4.88
CA ALA B 174 -11.47 -15.95 3.69
C ALA B 174 -10.38 -16.99 3.54
N SER B 175 -9.13 -16.60 3.78
CA SER B 175 -8.01 -17.54 3.70
C SER B 175 -8.20 -18.72 4.63
N ILE B 176 -8.55 -18.45 5.90
CA ILE B 176 -8.71 -19.53 6.86
C ILE B 176 -9.89 -20.42 6.49
N CYS B 177 -11.00 -19.82 6.04
CA CYS B 177 -12.15 -20.62 5.63
C CYS B 177 -11.78 -21.61 4.53
N GLN B 178 -11.05 -21.15 3.51
CA GLN B 178 -10.73 -22.01 2.37
C GLN B 178 -9.78 -23.13 2.75
N GLN B 179 -8.91 -22.91 3.74
CA GLN B 179 -8.03 -23.98 4.21
C GLN B 179 -8.82 -25.11 4.86
N ASN B 180 -10.03 -24.85 5.32
CA ASN B 180 -10.86 -25.83 6.00
C ASN B 180 -12.04 -26.29 5.16
N GLY B 181 -12.00 -26.06 3.85
CA GLY B 181 -13.04 -26.55 2.97
C GLY B 181 -14.34 -25.80 3.05
N ILE B 182 -14.34 -24.57 3.55
CA ILE B 182 -15.54 -23.77 3.74
C ILE B 182 -15.50 -22.59 2.77
N VAL B 183 -16.61 -22.35 2.08
CA VAL B 183 -16.73 -21.20 1.19
C VAL B 183 -16.96 -19.95 2.02
N PRO B 184 -16.08 -18.94 1.93
CA PRO B 184 -16.36 -17.70 2.64
C PRO B 184 -17.26 -16.77 1.85
N ILE B 185 -18.30 -16.26 2.48
CA ILE B 185 -19.02 -15.11 1.97
C ILE B 185 -18.35 -13.86 2.52
N VAL B 186 -17.95 -12.97 1.64
CA VAL B 186 -17.24 -11.75 1.98
C VAL B 186 -18.29 -10.64 1.99
N GLU B 187 -18.55 -10.12 3.17
CA GLU B 187 -19.51 -9.10 3.33
C GLU B 187 -18.98 -7.77 3.82
N PRO B 188 -18.68 -6.86 2.83
CA PRO B 188 -18.27 -5.53 3.30
C PRO B 188 -19.41 -4.58 3.08
N GLU B 189 -20.21 -4.39 4.10
CA GLU B 189 -21.35 -3.58 4.02
C GLU B 189 -21.14 -2.12 4.24
N ILE B 190 -21.57 -1.36 3.27
CA ILE B 190 -21.63 0.08 3.44
C ILE B 190 -23.04 0.44 3.89
N LEU B 191 -23.15 1.02 5.08
CA LEU B 191 -24.45 1.29 5.66
C LEU B 191 -25.20 2.34 4.84
N PRO B 192 -26.54 2.28 4.80
CA PRO B 192 -27.32 3.29 4.10
C PRO B 192 -27.60 4.55 4.92
N ASP B 193 -27.09 4.63 6.15
CA ASP B 193 -27.36 5.79 6.98
C ASP B 193 -26.78 7.05 6.36
N GLY B 194 -27.49 8.16 6.51
CA GLY B 194 -27.02 9.46 6.05
C GLY B 194 -27.94 10.05 5.00
N ASP B 195 -27.54 11.24 4.53
CA ASP B 195 -28.27 11.95 3.49
C ASP B 195 -27.50 12.01 2.18
N HIS B 196 -26.48 11.18 2.02
CA HIS B 196 -25.72 11.14 0.77
C HIS B 196 -26.62 10.65 -0.37
N ASP B 197 -26.23 11.01 -1.59
CA ASP B 197 -27.02 10.67 -2.77
C ASP B 197 -26.48 9.40 -3.41
N LEU B 198 -27.09 9.03 -4.54
CA LEU B 198 -26.77 7.78 -5.19
C LEU B 198 -25.33 7.76 -5.69
N LYS B 199 -24.88 8.86 -6.29
CA LYS B 199 -23.53 8.90 -6.86
C LYS B 199 -22.48 8.71 -5.77
N ARG B 200 -22.72 9.26 -4.57
CA ARG B 200 -21.74 9.11 -3.50
C ARG B 200 -21.65 7.66 -3.03
N CYS B 201 -22.80 6.98 -2.92
CA CYS B 201 -22.76 5.57 -2.54
C CYS B 201 -22.06 4.74 -3.60
N GLN B 202 -22.29 5.05 -4.88
CA GLN B 202 -21.61 4.31 -5.94
C GLN B 202 -20.10 4.52 -5.89
N TYR B 203 -19.66 5.74 -5.58
CA TYR B 203 -18.22 6.02 -5.50
C TYR B 203 -17.58 5.28 -4.34
N VAL B 204 -18.21 5.33 -3.15
CA VAL B 204 -17.66 4.60 -2.00
C VAL B 204 -17.66 3.10 -2.26
N THR B 205 -18.75 2.58 -2.82
CA THR B 205 -18.82 1.14 -3.06
C THR B 205 -17.73 0.70 -4.04
N GLU B 206 -17.48 1.49 -5.08
CA GLU B 206 -16.41 1.15 -6.02
C GLU B 206 -15.05 1.16 -5.34
N LYS B 207 -14.80 2.15 -4.48
CA LYS B 207 -13.51 2.21 -3.79
C LYS B 207 -13.36 1.07 -2.78
N VAL B 208 -14.43 0.75 -2.05
CA VAL B 208 -14.35 -0.32 -1.06
C VAL B 208 -14.12 -1.66 -1.73
N LEU B 209 -14.83 -1.92 -2.83
CA LEU B 209 -14.72 -3.22 -3.49
C LEU B 209 -13.36 -3.39 -4.16
N ALA B 210 -12.79 -2.32 -4.70
CA ALA B 210 -11.45 -2.40 -5.25
C ALA B 210 -10.44 -2.79 -4.18
N ALA B 211 -10.58 -2.23 -2.98
CA ALA B 211 -9.70 -2.59 -1.88
C ALA B 211 -9.92 -4.02 -1.44
N VAL B 212 -11.18 -4.46 -1.39
CA VAL B 212 -11.47 -5.83 -0.97
C VAL B 212 -10.75 -6.82 -1.88
N TYR B 213 -10.89 -6.66 -3.20
CA TYR B 213 -10.35 -7.67 -4.10
C TYR B 213 -8.84 -7.54 -4.26
N LYS B 214 -8.26 -6.37 -4.04
CA LYS B 214 -6.80 -6.30 -3.96
C LYS B 214 -6.29 -7.05 -2.73
N ALA B 215 -6.97 -6.89 -1.59
CA ALA B 215 -6.60 -7.64 -0.40
C ALA B 215 -6.79 -9.14 -0.60
N LEU B 216 -7.91 -9.54 -1.21
CA LEU B 216 -8.12 -10.96 -1.48
C LEU B 216 -7.00 -11.52 -2.36
N SER B 217 -6.49 -10.72 -3.29
CA SER B 217 -5.39 -11.15 -4.14
C SER B 217 -4.08 -11.25 -3.34
N ASP B 218 -3.79 -10.23 -2.52
CA ASP B 218 -2.58 -10.26 -1.70
C ASP B 218 -2.52 -11.49 -0.80
N HIS B 219 -3.67 -11.96 -0.32
CA HIS B 219 -3.75 -13.09 0.58
C HIS B 219 -3.98 -14.42 -0.14
N HIS B 220 -3.95 -14.42 -1.47
CA HIS B 220 -4.02 -15.65 -2.27
C HIS B 220 -5.39 -16.32 -2.19
N ILE B 221 -6.46 -15.54 -2.22
CA ILE B 221 -7.79 -16.10 -2.10
C ILE B 221 -8.26 -16.61 -3.46
N TYR B 222 -8.89 -17.78 -3.44
CA TYR B 222 -9.43 -18.46 -4.62
C TYR B 222 -10.83 -17.93 -4.87
N LEU B 223 -10.97 -17.05 -5.87
CA LEU B 223 -12.21 -16.29 -6.03
C LEU B 223 -13.39 -17.17 -6.45
N GLU B 224 -13.12 -18.20 -7.24
CA GLU B 224 -14.20 -19.10 -7.64
C GLU B 224 -14.85 -19.77 -6.43
N GLY B 225 -14.12 -19.89 -5.32
CA GLY B 225 -14.67 -20.47 -4.11
C GLY B 225 -15.07 -19.41 -3.10
N THR B 226 -15.52 -18.25 -3.58
CA THR B 226 -16.03 -17.19 -2.72
C THR B 226 -17.36 -16.70 -3.25
N LEU B 227 -18.08 -16.02 -2.37
CA LEU B 227 -19.24 -15.24 -2.74
C LEU B 227 -19.05 -13.84 -2.17
N LEU B 228 -19.75 -12.88 -2.77
CA LEU B 228 -19.71 -11.50 -2.31
C LEU B 228 -21.10 -11.09 -1.84
N LYS B 229 -21.16 -10.45 -0.67
CA LYS B 229 -22.41 -10.01 -0.06
C LYS B 229 -22.31 -8.50 0.14
N PRO B 230 -22.61 -7.72 -0.89
CA PRO B 230 -22.50 -6.27 -0.77
C PRO B 230 -23.84 -5.60 -0.59
N ASN B 231 -23.84 -4.36 -0.14
CA ASN B 231 -25.00 -3.51 -0.27
C ASN B 231 -25.35 -3.36 -1.75
N MET B 232 -26.62 -3.07 -2.02
CA MET B 232 -26.97 -2.48 -3.30
C MET B 232 -26.56 -1.01 -3.27
N VAL B 233 -26.30 -0.46 -4.45
CA VAL B 233 -25.95 0.96 -4.52
C VAL B 233 -27.25 1.75 -4.49
N THR B 234 -27.48 2.45 -3.39
CA THR B 234 -28.70 3.19 -3.16
C THR B 234 -28.33 4.54 -2.55
N PRO B 235 -29.24 5.51 -2.59
CA PRO B 235 -29.03 6.74 -1.82
C PRO B 235 -29.21 6.48 -0.33
N GLY B 236 -28.73 7.43 0.47
CA GLY B 236 -28.93 7.35 1.90
C GLY B 236 -30.39 7.32 2.28
N HIS B 237 -30.67 6.74 3.45
CA HIS B 237 -32.04 6.69 3.93
C HIS B 237 -32.66 8.07 4.06
N ALA B 238 -31.84 9.08 4.33
CA ALA B 238 -32.32 10.45 4.53
C ALA B 238 -32.08 11.35 3.33
N CYS B 239 -31.76 10.80 2.17
CA CYS B 239 -31.56 11.63 0.99
C CYS B 239 -32.91 12.14 0.48
N THR B 240 -32.97 13.44 0.18
CA THR B 240 -34.20 14.06 -0.29
C THR B 240 -34.51 13.68 -1.74
N GLN B 241 -33.47 13.47 -2.54
CA GLN B 241 -33.65 13.18 -3.96
C GLN B 241 -34.23 11.78 -4.15
N LYS B 242 -35.10 11.64 -5.15
CA LYS B 242 -35.75 10.38 -5.46
C LYS B 242 -35.09 9.72 -6.67
N TYR B 243 -35.09 8.39 -6.68
CA TYR B 243 -34.53 7.62 -7.78
C TYR B 243 -35.46 6.45 -8.09
N SER B 244 -35.48 6.08 -9.36
CA SER B 244 -36.25 4.92 -9.80
C SER B 244 -35.49 3.64 -9.49
N HIS B 245 -36.20 2.51 -9.55
CA HIS B 245 -35.54 1.23 -9.38
C HIS B 245 -34.56 0.96 -10.51
N GLU B 246 -34.84 1.48 -11.71
CA GLU B 246 -33.92 1.30 -12.83
C GLU B 246 -32.60 2.02 -12.57
N GLU B 247 -32.67 3.19 -11.92
CA GLU B 247 -31.46 3.93 -11.60
C GLU B 247 -30.63 3.21 -10.54
N ILE B 248 -31.29 2.70 -9.51
CA ILE B 248 -30.58 1.92 -8.49
C ILE B 248 -29.92 0.70 -9.11
N ALA B 249 -30.64 0.01 -10.01
CA ALA B 249 -30.06 -1.15 -10.68
C ALA B 249 -28.87 -0.77 -11.54
N MET B 250 -28.98 0.34 -12.26
CA MET B 250 -27.87 0.78 -13.12
C MET B 250 -26.64 1.11 -12.29
N ALA B 251 -26.83 1.84 -11.19
CA ALA B 251 -25.71 2.19 -10.33
C ALA B 251 -25.07 0.95 -9.71
N THR B 252 -25.88 -0.02 -9.29
CA THR B 252 -25.35 -1.22 -8.65
C THR B 252 -24.57 -2.07 -9.65
N VAL B 253 -25.15 -2.33 -10.81
CA VAL B 253 -24.47 -3.19 -11.79
C VAL B 253 -23.22 -2.50 -12.31
N THR B 254 -23.23 -1.17 -12.40
CA THR B 254 -22.04 -0.45 -12.84
C THR B 254 -20.92 -0.57 -11.83
N ALA B 255 -21.23 -0.38 -10.54
CA ALA B 255 -20.20 -0.46 -9.51
C ALA B 255 -19.57 -1.85 -9.48
N LEU B 256 -20.39 -2.90 -9.62
CA LEU B 256 -19.87 -4.26 -9.60
C LEU B 256 -19.04 -4.56 -10.84
N ARG B 257 -19.53 -4.14 -12.00
CA ARG B 257 -18.80 -4.39 -13.24
C ARG B 257 -17.42 -3.73 -13.24
N ARG B 258 -17.24 -2.68 -12.43
CA ARG B 258 -15.98 -1.97 -12.37
C ARG B 258 -15.03 -2.51 -11.32
N THR B 259 -15.44 -3.50 -10.53
CA THR B 259 -14.61 -3.96 -9.41
C THR B 259 -14.56 -5.47 -9.22
N VAL B 260 -15.61 -6.22 -9.55
CA VAL B 260 -15.71 -7.63 -9.18
C VAL B 260 -15.22 -8.48 -10.34
N PRO B 261 -14.11 -9.22 -10.19
CA PRO B 261 -13.62 -10.03 -11.30
C PRO B 261 -14.65 -11.06 -11.71
N PRO B 262 -14.68 -11.43 -12.99
CA PRO B 262 -15.64 -12.46 -13.44
C PRO B 262 -15.52 -13.78 -12.69
N ALA B 263 -14.35 -14.08 -12.13
CA ALA B 263 -14.12 -15.36 -11.47
C ALA B 263 -15.00 -15.55 -10.24
N VAL B 264 -15.50 -14.45 -9.64
CA VAL B 264 -16.35 -14.57 -8.47
C VAL B 264 -17.65 -15.28 -8.86
N THR B 265 -18.03 -16.29 -8.09
CA THR B 265 -19.11 -17.18 -8.50
C THR B 265 -20.47 -16.52 -8.38
N GLY B 266 -20.70 -15.74 -7.32
CA GLY B 266 -21.99 -15.11 -7.14
C GLY B 266 -21.95 -13.92 -6.23
N VAL B 267 -22.96 -13.06 -6.38
CA VAL B 267 -23.15 -11.88 -5.55
C VAL B 267 -24.52 -12.02 -4.88
N THR B 268 -24.53 -12.12 -3.56
CA THR B 268 -25.74 -12.31 -2.77
C THR B 268 -26.00 -11.02 -2.00
N PHE B 269 -26.91 -10.20 -2.52
CA PHE B 269 -27.15 -8.88 -1.94
C PHE B 269 -27.78 -8.99 -0.56
N LEU B 270 -27.38 -8.08 0.32
CA LEU B 270 -28.10 -7.84 1.56
C LEU B 270 -29.18 -6.80 1.30
N SER B 271 -30.28 -6.89 2.05
CA SER B 271 -31.41 -6.00 1.84
C SER B 271 -31.27 -4.67 2.57
N GLY B 272 -30.45 -4.61 3.61
CA GLY B 272 -30.25 -3.36 4.33
C GLY B 272 -31.52 -2.97 5.06
N GLY B 273 -31.96 -1.73 4.85
CA GLY B 273 -33.20 -1.25 5.40
C GLY B 273 -34.40 -1.35 4.48
N GLN B 274 -34.26 -2.02 3.34
CA GLN B 274 -35.34 -2.09 2.37
C GLN B 274 -36.48 -2.97 2.88
N SER B 275 -37.68 -2.62 2.46
CA SER B 275 -38.85 -3.45 2.75
C SER B 275 -38.76 -4.75 1.96
N GLU B 276 -39.64 -5.69 2.30
CA GLU B 276 -39.67 -6.97 1.62
C GLU B 276 -39.89 -6.78 0.11
N GLU B 277 -40.87 -5.96 -0.24
CA GLU B 277 -41.20 -5.78 -1.65
C GLU B 277 -40.14 -4.95 -2.37
N GLU B 278 -39.65 -3.90 -1.71
CA GLU B 278 -38.61 -3.08 -2.31
C GLU B 278 -37.37 -3.90 -2.62
N ALA B 279 -36.99 -4.81 -1.72
CA ALA B 279 -35.79 -5.63 -1.94
C ALA B 279 -35.97 -6.58 -3.12
N SER B 280 -37.17 -7.10 -3.33
CA SER B 280 -37.42 -8.01 -4.44
C SER B 280 -37.50 -7.26 -5.76
N ILE B 281 -38.09 -6.06 -5.75
CA ILE B 281 -38.17 -5.24 -6.96
C ILE B 281 -36.77 -4.86 -7.43
N ASN B 282 -35.95 -4.33 -6.51
CA ASN B 282 -34.62 -3.89 -6.88
C ASN B 282 -33.77 -5.05 -7.37
N LEU B 283 -33.86 -6.20 -6.73
CA LEU B 283 -33.13 -7.36 -7.21
C LEU B 283 -33.59 -7.77 -8.60
N ASN B 284 -34.89 -7.59 -8.88
CA ASN B 284 -35.41 -7.91 -10.20
C ASN B 284 -34.91 -6.92 -11.24
N ALA B 285 -34.89 -5.63 -10.90
CA ALA B 285 -34.36 -4.63 -11.83
C ALA B 285 -32.87 -4.86 -12.07
N ILE B 286 -32.13 -5.27 -11.04
CA ILE B 286 -30.72 -5.58 -11.20
C ILE B 286 -30.53 -6.69 -12.24
N ASN B 287 -31.37 -7.72 -12.19
CA ASN B 287 -31.23 -8.85 -13.11
C ASN B 287 -31.79 -8.56 -14.49
N LYS B 288 -32.59 -7.51 -14.65
CA LYS B 288 -33.04 -7.09 -15.96
C LYS B 288 -32.16 -6.02 -16.59
N CYS B 289 -31.21 -5.47 -15.84
CA CYS B 289 -30.34 -4.43 -16.36
C CYS B 289 -29.65 -4.92 -17.64
N PRO B 290 -29.67 -4.15 -18.73
CA PRO B 290 -29.18 -4.68 -20.02
C PRO B 290 -27.71 -5.03 -20.02
N LEU B 291 -26.92 -4.45 -19.12
CA LEU B 291 -25.48 -4.64 -19.13
C LEU B 291 -25.13 -6.12 -18.91
N LEU B 292 -23.87 -6.44 -19.18
CA LEU B 292 -23.38 -7.81 -19.06
C LEU B 292 -22.92 -8.09 -17.64
N LYS B 293 -23.44 -9.16 -17.06
CA LYS B 293 -23.21 -9.48 -15.64
C LYS B 293 -22.67 -10.90 -15.53
N PRO B 294 -21.35 -11.08 -15.39
CA PRO B 294 -20.78 -12.43 -15.45
C PRO B 294 -20.82 -13.21 -14.15
N TRP B 295 -21.66 -12.79 -13.20
CA TRP B 295 -21.86 -13.54 -11.97
C TRP B 295 -23.34 -13.66 -11.68
N ALA B 296 -23.68 -14.65 -10.86
CA ALA B 296 -25.04 -14.74 -10.33
C ALA B 296 -25.32 -13.54 -9.46
N LEU B 297 -26.49 -12.95 -9.64
CA LEU B 297 -26.93 -11.80 -8.85
C LEU B 297 -28.19 -12.21 -8.13
N THR B 298 -28.05 -12.67 -6.89
CA THR B 298 -29.18 -13.23 -6.14
C THR B 298 -29.20 -12.54 -4.77
N PHE B 299 -29.82 -13.20 -3.80
CA PHE B 299 -30.12 -12.58 -2.51
C PHE B 299 -29.51 -13.36 -1.36
N SER B 300 -29.15 -12.62 -0.31
CA SER B 300 -28.87 -13.17 1.03
C SER B 300 -29.66 -12.27 1.97
N TYR B 301 -30.92 -12.63 2.18
CA TYR B 301 -31.88 -11.76 2.85
C TYR B 301 -32.18 -12.27 4.24
N GLY B 302 -32.18 -11.37 5.22
CA GLY B 302 -32.68 -11.68 6.54
C GLY B 302 -34.06 -11.08 6.72
N ARG B 303 -34.10 -9.78 7.03
CA ARG B 303 -35.37 -9.09 7.23
C ARG B 303 -36.30 -9.24 6.03
N ALA B 304 -35.76 -9.09 4.82
CA ALA B 304 -36.56 -9.09 3.61
C ALA B 304 -37.24 -10.43 3.32
N LEU B 305 -36.81 -11.50 3.99
CA LEU B 305 -37.49 -12.80 3.89
C LEU B 305 -38.30 -13.14 5.12
N GLN B 306 -38.02 -12.50 6.27
CA GLN B 306 -38.60 -12.90 7.55
C GLN B 306 -39.61 -11.92 8.12
N ALA B 307 -39.62 -10.66 7.66
CA ALA B 307 -40.40 -9.62 8.32
C ALA B 307 -41.87 -10.02 8.44
N SER B 308 -42.47 -10.48 7.34
CA SER B 308 -43.90 -10.82 7.37
C SER B 308 -44.14 -12.10 8.15
N ALA B 309 -43.25 -13.09 8.03
CA ALA B 309 -43.41 -14.32 8.79
C ALA B 309 -43.38 -14.04 10.29
N LEU B 310 -42.46 -13.18 10.72
CA LEU B 310 -42.31 -12.90 12.15
C LEU B 310 -43.56 -12.25 12.72
N LYS B 311 -44.11 -11.24 12.03
CA LYS B 311 -45.28 -10.54 12.56
C LYS B 311 -46.50 -11.45 12.57
N ALA B 312 -46.68 -12.27 11.53
CA ALA B 312 -47.80 -13.19 11.50
C ALA B 312 -47.69 -14.21 12.63
N TRP B 313 -46.47 -14.67 12.93
CA TRP B 313 -46.26 -15.56 14.05
C TRP B 313 -46.71 -14.90 15.35
N GLY B 314 -46.07 -13.80 15.71
CA GLY B 314 -46.43 -13.06 16.92
C GLY B 314 -46.21 -13.83 18.20
N GLY B 315 -45.52 -14.96 18.11
CA GLY B 315 -45.30 -15.81 19.25
C GLY B 315 -46.35 -16.87 19.49
N LYS B 316 -47.45 -16.85 18.73
CA LYS B 316 -48.55 -17.77 18.94
C LYS B 316 -48.27 -19.11 18.25
N LYS B 317 -48.34 -20.19 19.03
CA LYS B 317 -48.10 -21.52 18.47
C LYS B 317 -49.03 -21.81 17.30
N GLU B 318 -50.27 -21.33 17.35
CA GLU B 318 -51.27 -21.68 16.34
C GLU B 318 -51.08 -20.93 15.03
N ASN B 319 -50.28 -19.86 15.01
CA ASN B 319 -50.03 -19.11 13.79
C ASN B 319 -48.87 -19.68 12.98
N LEU B 320 -48.51 -20.95 13.22
CA LEU B 320 -47.38 -21.54 12.53
C LEU B 320 -47.55 -21.49 11.01
N LYS B 321 -48.70 -21.94 10.50
CA LYS B 321 -48.88 -22.02 9.07
C LYS B 321 -49.10 -20.65 8.45
N ALA B 322 -49.76 -19.73 9.16
CA ALA B 322 -49.88 -18.36 8.65
C ALA B 322 -48.51 -17.73 8.46
N ALA B 323 -47.58 -17.98 9.41
CA ALA B 323 -46.24 -17.41 9.32
C ALA B 323 -45.43 -18.10 8.24
N GLN B 324 -45.46 -19.43 8.20
CA GLN B 324 -44.74 -20.15 7.16
C GLN B 324 -45.20 -19.74 5.77
N GLU B 325 -46.48 -19.41 5.63
CA GLU B 325 -46.97 -18.99 4.31
C GLU B 325 -46.35 -17.67 3.88
N GLU B 326 -46.20 -16.73 4.80
CA GLU B 326 -45.60 -15.44 4.45
C GLU B 326 -44.15 -15.61 4.02
N TYR B 327 -43.43 -16.52 4.67
CA TYR B 327 -42.04 -16.77 4.27
C TYR B 327 -41.98 -17.44 2.90
N VAL B 328 -42.88 -18.39 2.61
CA VAL B 328 -42.90 -19.03 1.30
C VAL B 328 -43.20 -18.00 0.22
N LYS B 329 -44.05 -17.02 0.54
CA LYS B 329 -44.32 -15.94 -0.42
C LYS B 329 -43.03 -15.24 -0.81
N ARG B 330 -42.23 -14.81 0.17
CA ARG B 330 -41.04 -14.03 -0.13
C ARG B 330 -39.97 -14.88 -0.79
N ALA B 331 -39.85 -16.15 -0.39
CA ALA B 331 -38.91 -17.04 -1.04
C ALA B 331 -39.25 -17.21 -2.52
N LEU B 332 -40.54 -17.34 -2.85
CA LEU B 332 -40.96 -17.48 -4.24
C LEU B 332 -40.77 -16.16 -4.99
N ALA B 333 -41.06 -15.04 -4.34
CA ALA B 333 -40.90 -13.75 -5.00
C ALA B 333 -39.45 -13.51 -5.37
N ASN B 334 -38.53 -13.76 -4.45
CA ASN B 334 -37.12 -13.50 -4.68
C ASN B 334 -36.46 -14.56 -5.55
N SER B 335 -37.01 -15.78 -5.59
CA SER B 335 -36.54 -16.74 -6.58
C SER B 335 -36.86 -16.26 -7.99
N LEU B 336 -37.99 -15.57 -8.17
CA LEU B 336 -38.31 -14.99 -9.47
C LEU B 336 -37.45 -13.76 -9.76
N ALA B 337 -37.21 -12.93 -8.73
CA ALA B 337 -36.49 -11.69 -8.95
C ALA B 337 -35.04 -11.94 -9.34
N CYS B 338 -34.39 -12.94 -8.75
CA CYS B 338 -33.01 -13.23 -9.12
C CYS B 338 -32.90 -13.88 -10.48
N GLN B 339 -34.02 -14.03 -11.20
CA GLN B 339 -34.02 -14.39 -12.61
C GLN B 339 -34.62 -13.30 -13.48
N GLY B 340 -35.00 -12.16 -12.90
CA GLY B 340 -35.65 -11.11 -13.66
C GLY B 340 -37.06 -11.43 -14.08
N LYS B 341 -37.69 -12.41 -13.44
CA LYS B 341 -39.03 -12.87 -13.82
C LYS B 341 -40.09 -12.49 -12.79
N TYR B 342 -39.84 -11.43 -12.01
CA TYR B 342 -40.73 -11.05 -10.92
C TYR B 342 -41.49 -9.79 -11.29
N THR B 343 -42.80 -9.82 -11.05
CA THR B 343 -43.67 -8.66 -11.28
C THR B 343 -44.48 -8.42 -10.01
N PRO B 344 -44.50 -7.18 -9.48
CA PRO B 344 -45.32 -6.91 -8.28
C PRO B 344 -46.80 -7.22 -8.47
N SER B 359 -28.96 6.65 -20.24
CA SER B 359 -27.57 7.06 -20.37
C SER B 359 -26.71 6.45 -19.27
N ASN B 360 -26.09 5.31 -19.56
CA ASN B 360 -25.22 4.66 -18.58
C ASN B 360 -23.91 5.40 -18.37
N HIS B 361 -23.58 6.37 -19.22
CA HIS B 361 -22.39 7.19 -19.01
C HIS B 361 -22.58 8.24 -17.92
N ALA B 362 -23.82 8.47 -17.47
CA ALA B 362 -24.07 9.34 -16.33
C ALA B 362 -23.71 8.68 -15.00
N TYR B 363 -23.27 7.42 -15.03
CA TYR B 363 -22.88 6.71 -13.82
C TYR B 363 -21.37 6.52 -13.77
N PRO C 1 -12.82 10.36 0.69
CA PRO C 1 -14.03 9.57 0.46
C PRO C 1 -15.09 10.34 -0.33
N HIS C 2 -14.66 11.43 -0.98
CA HIS C 2 -15.57 12.30 -1.71
C HIS C 2 -15.18 12.33 -3.19
N SER C 3 -16.20 12.26 -4.05
CA SER C 3 -15.97 12.22 -5.48
C SER C 3 -15.79 13.63 -6.03
N HIS C 4 -14.73 13.82 -6.81
CA HIS C 4 -14.49 15.04 -7.59
C HIS C 4 -14.32 14.59 -9.04
N PRO C 5 -15.44 14.37 -9.76
CA PRO C 5 -15.37 13.65 -11.04
C PRO C 5 -14.24 14.11 -11.95
N ALA C 6 -13.46 13.16 -12.44
CA ALA C 6 -12.42 13.46 -13.41
C ALA C 6 -13.00 13.70 -14.81
N LEU C 7 -14.14 13.09 -15.12
CA LEU C 7 -14.72 13.13 -16.45
C LEU C 7 -16.21 13.46 -16.38
N THR C 8 -16.69 14.22 -17.35
CA THR C 8 -18.12 14.47 -17.50
C THR C 8 -18.77 13.30 -18.22
N PRO C 9 -20.11 13.22 -18.18
CA PRO C 9 -20.79 12.17 -18.97
C PRO C 9 -20.43 12.21 -20.44
N GLU C 10 -20.36 13.41 -21.02
CA GLU C 10 -20.00 13.52 -22.44
C GLU C 10 -18.60 12.97 -22.69
N GLN C 11 -17.64 13.32 -21.83
CA GLN C 11 -16.29 12.79 -21.96
C GLN C 11 -16.27 11.26 -21.86
N LYS C 12 -17.01 10.71 -20.88
CA LYS C 12 -17.06 9.26 -20.75
C LYS C 12 -17.61 8.61 -22.01
N LYS C 13 -18.65 9.21 -22.61
CA LYS C 13 -19.27 8.62 -23.80
C LYS C 13 -18.27 8.56 -24.95
N GLU C 14 -17.54 9.65 -25.19
CA GLU C 14 -16.57 9.66 -26.27
C GLU C 14 -15.53 8.56 -26.08
N LEU C 15 -15.04 8.39 -24.85
CA LEU C 15 -14.01 7.39 -24.61
C LEU C 15 -14.56 5.98 -24.77
N SER C 16 -15.77 5.73 -24.26
CA SER C 16 -16.37 4.41 -24.43
C SER C 16 -16.60 4.09 -25.90
N ASP C 17 -17.12 5.06 -26.67
CA ASP C 17 -17.40 4.82 -28.07
C ASP C 17 -16.12 4.53 -28.85
N ILE C 18 -15.04 5.25 -28.54
CA ILE C 18 -13.77 4.98 -29.18
C ILE C 18 -13.30 3.56 -28.86
N ALA C 19 -13.32 3.21 -27.57
CA ALA C 19 -12.83 1.89 -27.17
C ALA C 19 -13.61 0.78 -27.84
N HIS C 20 -14.95 0.91 -27.91
CA HIS C 20 -15.77 -0.13 -28.53
C HIS C 20 -15.52 -0.21 -30.03
N ARG C 21 -15.33 0.94 -30.68
CA ARG C 21 -15.03 0.95 -32.11
C ARG C 21 -13.77 0.15 -32.41
N ILE C 22 -12.75 0.27 -31.55
CA ILE C 22 -11.47 -0.37 -31.82
C ILE C 22 -11.60 -1.89 -31.80
N VAL C 23 -12.31 -2.44 -30.81
CA VAL C 23 -12.37 -3.89 -30.61
C VAL C 23 -13.73 -4.43 -31.02
N ALA C 24 -14.40 -3.76 -31.96
CA ALA C 24 -15.68 -4.26 -32.43
C ALA C 24 -15.51 -5.67 -32.99
N PRO C 25 -16.59 -6.46 -33.05
CA PRO C 25 -16.45 -7.88 -33.42
C PRO C 25 -15.69 -8.08 -34.72
N GLY C 26 -14.72 -9.00 -34.67
CA GLY C 26 -13.90 -9.32 -35.81
C GLY C 26 -12.73 -8.40 -36.04
N LYS C 27 -12.56 -7.35 -35.23
CA LYS C 27 -11.56 -6.33 -35.46
C LYS C 27 -10.46 -6.40 -34.40
N GLY C 28 -9.27 -5.97 -34.81
CA GLY C 28 -8.13 -5.85 -33.90
C GLY C 28 -7.26 -4.68 -34.28
N ILE C 29 -6.01 -4.67 -33.79
CA ILE C 29 -5.14 -3.52 -33.89
C ILE C 29 -3.86 -3.92 -34.61
N LEU C 30 -3.45 -3.11 -35.59
CA LEU C 30 -2.13 -3.22 -36.18
C LEU C 30 -1.17 -2.32 -35.40
N ALA C 31 -0.13 -2.93 -34.83
CA ALA C 31 0.92 -2.19 -34.11
C ALA C 31 2.05 -1.90 -35.08
N ALA C 32 1.97 -0.74 -35.74
CA ALA C 32 3.00 -0.25 -36.63
C ALA C 32 3.78 0.92 -36.01
N ASP C 33 3.96 0.88 -34.69
CA ASP C 33 4.51 2.00 -33.92
C ASP C 33 5.94 1.76 -33.48
N GLU C 34 6.67 0.86 -34.14
CA GLU C 34 8.05 0.56 -33.76
C GLU C 34 8.87 1.84 -33.66
N SER C 35 9.49 2.05 -32.50
CA SER C 35 10.39 3.19 -32.33
C SER C 35 11.49 3.18 -33.38
N THR C 36 12.12 4.33 -33.57
CA THR C 36 13.13 4.44 -34.61
C THR C 36 14.29 3.48 -34.35
N GLY C 37 14.54 3.14 -33.09
CA GLY C 37 15.54 2.13 -32.80
C GLY C 37 15.08 0.72 -33.16
N SER C 38 13.79 0.44 -32.94
CA SER C 38 13.27 -0.89 -33.23
C SER C 38 13.05 -1.11 -34.72
N ILE C 39 12.65 -0.06 -35.45
CA ILE C 39 12.42 -0.22 -36.88
C ILE C 39 13.75 -0.40 -37.61
N ALA C 40 14.84 0.11 -37.04
CA ALA C 40 16.15 -0.09 -37.64
C ALA C 40 16.48 -1.58 -37.75
N LYS C 41 16.21 -2.34 -36.69
CA LYS C 41 16.52 -3.76 -36.69
C LYS C 41 15.69 -4.51 -37.72
N ARG C 42 14.39 -4.17 -37.84
CA ARG C 42 13.54 -4.81 -38.83
C ARG C 42 14.08 -4.60 -40.24
N LEU C 43 14.46 -3.36 -40.56
CA LEU C 43 14.98 -3.06 -41.89
C LEU C 43 16.33 -3.73 -42.12
N GLN C 44 17.16 -3.78 -41.08
CA GLN C 44 18.45 -4.48 -41.21
C GLN C 44 18.24 -5.97 -41.41
N SER C 45 17.16 -6.53 -40.90
CA SER C 45 16.87 -7.95 -41.09
C SER C 45 16.51 -8.30 -42.53
N ILE C 46 16.27 -7.29 -43.38
CA ILE C 46 16.03 -7.51 -44.80
C ILE C 46 17.02 -6.66 -45.60
N GLY C 47 18.16 -6.36 -44.99
CA GLY C 47 19.23 -5.65 -45.66
C GLY C 47 18.84 -4.33 -46.30
N THR C 48 17.92 -3.60 -45.69
CA THR C 48 17.46 -2.31 -46.21
C THR C 48 17.96 -1.19 -45.30
N GLU C 49 18.38 -0.09 -45.90
CA GLU C 49 18.89 1.04 -45.15
C GLU C 49 17.76 1.76 -44.44
N ASN C 50 18.03 2.21 -43.21
CA ASN C 50 17.02 2.85 -42.36
C ASN C 50 17.00 4.35 -42.67
N THR C 51 16.25 4.70 -43.71
CA THR C 51 16.02 6.09 -44.09
C THR C 51 14.56 6.45 -43.84
N GLU C 52 14.32 7.75 -43.65
CA GLU C 52 12.95 8.21 -43.45
C GLU C 52 12.06 7.77 -44.61
N GLU C 53 12.58 7.81 -45.83
CA GLU C 53 11.77 7.44 -46.99
C GLU C 53 11.44 5.96 -46.99
N ASN C 54 12.39 5.11 -46.63
CA ASN C 54 12.10 3.67 -46.54
C ASN C 54 11.08 3.39 -45.43
N ARG C 55 11.22 4.05 -44.28
CA ARG C 55 10.24 3.90 -43.22
C ARG C 55 8.86 4.34 -43.70
N ARG C 56 8.79 5.46 -44.41
CA ARG C 56 7.51 5.93 -44.94
C ARG C 56 6.91 4.92 -45.91
N PHE C 57 7.74 4.44 -46.85
CA PHE C 57 7.24 3.48 -47.84
C PHE C 57 6.70 2.24 -47.16
N TYR C 58 7.45 1.70 -46.19
CA TYR C 58 7.02 0.47 -45.53
C TYR C 58 5.73 0.68 -44.76
N ARG C 59 5.60 1.81 -44.06
CA ARG C 59 4.36 2.11 -43.37
C ARG C 59 3.21 2.27 -44.36
N GLN C 60 3.45 3.02 -45.44
CA GLN C 60 2.44 3.15 -46.49
C GLN C 60 2.03 1.79 -47.03
N LEU C 61 2.99 0.88 -47.17
CA LEU C 61 2.69 -0.47 -47.65
C LEU C 61 1.59 -1.12 -46.82
N LEU C 62 1.67 -1.00 -45.49
CA LEU C 62 0.69 -1.64 -44.62
C LEU C 62 -0.65 -0.90 -44.62
N LEU C 63 -0.61 0.43 -44.63
CA LEU C 63 -1.82 1.21 -44.45
C LEU C 63 -2.70 1.27 -45.67
N THR C 64 -2.14 1.08 -46.88
CA THR C 64 -2.90 1.18 -48.11
C THR C 64 -3.26 -0.18 -48.71
N ALA C 65 -3.13 -1.26 -47.94
CA ALA C 65 -3.53 -2.58 -48.41
C ALA C 65 -4.99 -2.55 -48.86
N ASP C 66 -5.40 -3.50 -49.69
CA ASP C 66 -6.73 -3.44 -50.28
C ASP C 66 -7.81 -3.54 -49.19
N ASP C 67 -9.04 -3.24 -49.60
CA ASP C 67 -10.17 -3.08 -48.68
C ASP C 67 -10.58 -4.36 -47.97
N ARG C 68 -9.87 -5.48 -48.16
CA ARG C 68 -10.18 -6.68 -47.42
C ARG C 68 -9.80 -6.57 -45.95
N VAL C 69 -8.89 -5.65 -45.60
CA VAL C 69 -8.49 -5.46 -44.21
C VAL C 69 -9.44 -4.54 -43.46
N ASN C 70 -10.28 -3.78 -44.17
CA ASN C 70 -11.16 -2.83 -43.50
C ASN C 70 -11.97 -3.45 -42.37
N PRO C 71 -12.63 -4.59 -42.54
CA PRO C 71 -13.35 -5.21 -41.42
C PRO C 71 -12.45 -5.93 -40.42
N CYS C 72 -11.15 -6.01 -40.70
CA CYS C 72 -10.20 -6.68 -39.82
C CYS C 72 -9.52 -5.74 -38.85
N ILE C 73 -9.36 -4.47 -39.22
CA ILE C 73 -8.51 -3.53 -38.51
C ILE C 73 -9.40 -2.46 -37.89
N GLY C 74 -9.53 -2.49 -36.57
CA GLY C 74 -10.25 -1.47 -35.85
C GLY C 74 -9.37 -0.29 -35.49
N GLY C 75 -8.05 -0.51 -35.39
CA GLY C 75 -7.15 0.55 -35.00
C GLY C 75 -5.74 0.28 -35.48
N VAL C 76 -4.99 1.37 -35.66
CA VAL C 76 -3.60 1.31 -36.11
C VAL C 76 -2.79 2.21 -35.19
N ILE C 77 -1.76 1.64 -34.55
CA ILE C 77 -0.89 2.42 -33.67
C ILE C 77 0.31 2.90 -34.47
N LEU C 78 0.60 4.19 -34.37
CA LEU C 78 1.71 4.80 -35.09
C LEU C 78 2.74 5.38 -34.12
N PHE C 79 3.98 5.43 -34.60
CA PHE C 79 5.02 6.21 -33.95
C PHE C 79 4.87 7.68 -34.34
N HIS C 80 5.45 8.56 -33.54
CA HIS C 80 5.29 10.00 -33.76
C HIS C 80 5.58 10.38 -35.21
N GLU C 81 6.72 9.95 -35.74
CA GLU C 81 7.11 10.31 -37.10
C GLU C 81 6.01 9.98 -38.10
N THR C 82 5.47 8.77 -38.02
CA THR C 82 4.52 8.29 -39.04
C THR C 82 3.22 9.07 -39.01
N LEU C 83 2.83 9.56 -37.83
CA LEU C 83 1.58 10.29 -37.70
C LEU C 83 1.54 11.51 -38.62
N TYR C 84 2.70 12.10 -38.92
CA TYR C 84 2.78 13.32 -39.71
C TYR C 84 3.35 13.07 -41.10
N GLN C 85 3.54 11.82 -41.50
CA GLN C 85 3.90 11.50 -42.86
C GLN C 85 2.64 11.38 -43.72
N LYS C 86 2.84 11.34 -45.03
CA LYS C 86 1.76 11.34 -46.00
C LYS C 86 1.96 10.21 -47.00
N ALA C 87 0.85 9.70 -47.53
CA ALA C 87 0.90 8.75 -48.61
C ALA C 87 1.32 9.46 -49.91
N ASP C 88 1.62 8.66 -50.93
CA ASP C 88 2.11 9.23 -52.19
C ASP C 88 1.11 10.22 -52.78
N ASP C 89 -0.19 10.00 -52.56
CA ASP C 89 -1.23 10.89 -53.07
C ASP C 89 -1.44 12.13 -52.21
N GLY C 90 -0.54 12.43 -51.28
CA GLY C 90 -0.64 13.63 -50.46
C GLY C 90 -1.53 13.50 -49.24
N ARG C 91 -2.19 12.37 -49.06
CA ARG C 91 -3.08 12.20 -47.91
C ARG C 91 -2.26 11.88 -46.66
N PRO C 92 -2.49 12.57 -45.55
CA PRO C 92 -1.85 12.16 -44.29
C PRO C 92 -2.27 10.76 -43.89
N PHE C 93 -1.31 10.01 -43.32
CA PHE C 93 -1.61 8.64 -42.93
C PHE C 93 -2.80 8.54 -41.98
N PRO C 94 -3.02 9.46 -41.04
CA PRO C 94 -4.23 9.36 -40.22
C PRO C 94 -5.50 9.38 -41.04
N GLN C 95 -5.51 10.12 -42.15
CA GLN C 95 -6.68 10.15 -43.03
C GLN C 95 -6.83 8.82 -43.78
N VAL C 96 -5.74 8.24 -44.25
CA VAL C 96 -5.80 6.93 -44.89
C VAL C 96 -6.46 5.93 -43.95
N ILE C 97 -6.00 5.90 -42.70
CA ILE C 97 -6.53 4.94 -41.72
C ILE C 97 -8.01 5.19 -41.50
N LYS C 98 -8.38 6.44 -41.21
CA LYS C 98 -9.78 6.78 -41.00
C LYS C 98 -10.65 6.34 -42.18
N SER C 99 -10.20 6.64 -43.41
CA SER C 99 -11.01 6.37 -44.59
C SER C 99 -11.28 4.88 -44.77
N LYS C 100 -10.42 4.02 -44.24
CA LYS C 100 -10.65 2.58 -44.27
C LYS C 100 -11.38 2.08 -43.03
N GLY C 101 -11.95 2.99 -42.23
CA GLY C 101 -12.73 2.61 -41.07
C GLY C 101 -11.93 2.32 -39.83
N GLY C 102 -10.71 2.83 -39.74
CA GLY C 102 -9.88 2.58 -38.57
C GLY C 102 -9.76 3.77 -37.63
N VAL C 103 -9.39 3.48 -36.39
CA VAL C 103 -9.04 4.48 -35.41
C VAL C 103 -7.53 4.63 -35.41
N VAL C 104 -7.05 5.85 -35.22
CA VAL C 104 -5.62 6.12 -35.22
C VAL C 104 -5.12 6.13 -33.78
N GLY C 105 -4.01 5.44 -33.54
CA GLY C 105 -3.40 5.42 -32.22
C GLY C 105 -1.97 5.93 -32.23
N ILE C 106 -1.48 6.38 -31.09
CA ILE C 106 -0.13 6.95 -30.97
C ILE C 106 0.54 6.36 -29.74
N LYS C 107 1.78 5.89 -29.92
CA LYS C 107 2.59 5.47 -28.79
C LYS C 107 3.24 6.69 -28.15
N VAL C 108 3.10 6.82 -26.84
CA VAL C 108 3.51 8.05 -26.15
C VAL C 108 4.60 7.83 -25.12
N ASP C 109 5.01 6.60 -24.83
CA ASP C 109 6.04 6.40 -23.81
C ASP C 109 7.41 6.67 -24.41
N LYS C 110 8.39 6.85 -23.52
CA LYS C 110 9.74 7.19 -23.91
C LYS C 110 10.75 6.14 -23.42
N GLY C 111 10.33 4.88 -23.43
CA GLY C 111 11.23 3.78 -23.18
C GLY C 111 11.43 3.52 -21.70
N VAL C 112 12.11 2.42 -21.43
CA VAL C 112 12.32 1.95 -20.07
C VAL C 112 13.57 2.62 -19.50
N VAL C 113 13.63 2.67 -18.16
CA VAL C 113 14.83 3.08 -17.44
C VAL C 113 15.02 2.17 -16.26
N PRO C 114 16.27 2.01 -15.82
CA PRO C 114 16.54 1.06 -14.73
C PRO C 114 16.06 1.56 -13.38
N LEU C 115 15.61 0.62 -12.55
CA LEU C 115 15.24 0.88 -11.16
C LEU C 115 16.42 0.52 -10.29
N ALA C 116 17.03 1.52 -9.67
CA ALA C 116 18.17 1.26 -8.81
C ALA C 116 17.77 0.38 -7.64
N GLY C 117 18.67 -0.51 -7.23
CA GLY C 117 18.40 -1.39 -6.12
C GLY C 117 17.62 -2.64 -6.47
N THR C 118 17.43 -2.94 -7.74
CA THR C 118 16.71 -4.12 -8.17
C THR C 118 17.61 -4.98 -9.05
N ASN C 119 17.15 -6.19 -9.34
CA ASN C 119 17.90 -7.14 -10.15
C ASN C 119 17.59 -6.91 -11.63
N GLY C 120 18.05 -5.76 -12.12
CA GLY C 120 17.90 -5.44 -13.53
C GLY C 120 16.50 -5.10 -13.97
N GLU C 121 15.64 -4.66 -13.06
CA GLU C 121 14.27 -4.31 -13.39
C GLU C 121 14.20 -2.87 -13.86
N THR C 122 13.05 -2.52 -14.46
CA THR C 122 12.88 -1.19 -15.05
C THR C 122 11.51 -0.65 -14.72
N THR C 123 11.39 0.66 -14.89
CA THR C 123 10.10 1.35 -15.04
C THR C 123 10.12 2.07 -16.40
N THR C 124 9.06 2.81 -16.68
CA THR C 124 8.94 3.52 -17.95
C THR C 124 8.75 5.01 -17.71
N GLN C 125 9.41 5.81 -18.54
CA GLN C 125 9.33 7.26 -18.47
C GLN C 125 8.48 7.78 -19.63
N GLY C 126 8.10 9.05 -19.53
CA GLY C 126 7.33 9.69 -20.58
C GLY C 126 6.22 10.61 -20.12
N LEU C 127 6.04 10.76 -18.80
CA LEU C 127 4.94 11.57 -18.30
C LEU C 127 5.16 13.07 -18.48
N ASP C 128 6.40 13.53 -18.58
CA ASP C 128 6.67 14.96 -18.61
C ASP C 128 6.10 15.57 -19.89
N GLY C 129 5.27 16.60 -19.72
CA GLY C 129 4.64 17.22 -20.86
C GLY C 129 3.67 16.35 -21.61
N LEU C 130 3.21 15.25 -21.00
CA LEU C 130 2.37 14.30 -21.72
C LEU C 130 1.01 14.89 -22.05
N SER C 131 0.46 15.74 -21.17
CA SER C 131 -0.87 16.29 -21.43
C SER C 131 -0.88 17.16 -22.67
N GLU C 132 0.16 17.97 -22.86
CA GLU C 132 0.23 18.83 -24.04
C GLU C 132 0.43 18.01 -25.31
N ARG C 133 1.26 16.95 -25.24
CA ARG C 133 1.41 16.08 -26.39
C ARG C 133 0.11 15.39 -26.76
N CYS C 134 -0.65 14.94 -25.75
CA CYS C 134 -1.92 14.25 -26.02
C CYS C 134 -2.94 15.20 -26.63
N ALA C 135 -3.01 16.43 -26.14
CA ALA C 135 -3.91 17.41 -26.74
C ALA C 135 -3.51 17.68 -28.19
N GLN C 136 -2.21 17.69 -28.46
CA GLN C 136 -1.73 17.88 -29.82
C GLN C 136 -2.05 16.67 -30.69
N TYR C 137 -1.80 15.45 -30.18
CA TYR C 137 -2.11 14.25 -30.93
C TYR C 137 -3.61 14.14 -31.23
N LYS C 138 -4.44 14.58 -30.27
CA LYS C 138 -5.89 14.54 -30.50
C LYS C 138 -6.28 15.44 -31.66
N LYS C 139 -5.73 16.65 -31.71
CA LYS C 139 -5.98 17.55 -32.83
C LYS C 139 -5.58 16.91 -34.15
N ASP C 140 -4.46 16.19 -34.17
CA ASP C 140 -3.89 15.67 -35.40
C ASP C 140 -4.41 14.27 -35.77
N GLY C 141 -5.51 13.82 -35.15
CA GLY C 141 -6.21 12.64 -35.63
C GLY C 141 -6.15 11.40 -34.76
N ALA C 142 -5.38 11.42 -33.66
CA ALA C 142 -5.27 10.24 -32.80
C ALA C 142 -6.40 10.22 -31.77
N ASP C 143 -6.95 9.02 -31.55
CA ASP C 143 -8.01 8.83 -30.57
C ASP C 143 -7.67 7.83 -29.46
N PHE C 144 -6.59 7.06 -29.59
CA PHE C 144 -6.12 6.21 -28.50
C PHE C 144 -4.60 6.21 -28.49
N ALA C 145 -4.03 5.69 -27.41
CA ALA C 145 -2.58 5.74 -27.20
C ALA C 145 -2.09 4.43 -26.60
N LYS C 146 -0.77 4.27 -26.59
CA LYS C 146 -0.13 3.07 -26.05
C LYS C 146 1.04 3.44 -25.16
N TRP C 147 1.20 2.70 -24.07
CA TRP C 147 2.29 2.85 -23.13
C TRP C 147 2.70 1.47 -22.66
N ARG C 148 3.98 1.14 -22.79
CA ARG C 148 4.48 -0.20 -22.52
C ARG C 148 5.36 -0.20 -21.28
N CYS C 149 4.97 -0.98 -20.29
CA CYS C 149 5.80 -1.33 -19.15
C CYS C 149 6.29 -2.76 -19.30
N VAL C 150 7.48 -3.03 -18.80
CA VAL C 150 8.12 -4.33 -18.97
C VAL C 150 8.49 -4.89 -17.61
N LEU C 151 8.14 -6.16 -17.38
CA LEU C 151 8.49 -6.88 -16.17
C LEU C 151 9.06 -8.24 -16.56
N LYS C 152 9.92 -8.78 -15.71
CA LYS C 152 10.65 -10.01 -16.02
C LYS C 152 10.52 -11.01 -14.88
N ILE C 153 10.28 -12.26 -15.25
CA ILE C 153 10.21 -13.36 -14.28
C ILE C 153 11.62 -13.90 -14.08
N GLY C 154 12.12 -13.80 -12.85
CA GLY C 154 13.42 -14.32 -12.50
C GLY C 154 13.39 -14.95 -11.13
N GLU C 155 14.56 -15.11 -10.50
CA GLU C 155 14.58 -15.70 -9.17
C GLU C 155 14.03 -14.72 -8.12
N HIS C 156 14.30 -13.44 -8.30
CA HIS C 156 13.86 -12.41 -7.36
C HIS C 156 12.96 -11.37 -8.03
N THR C 157 12.40 -11.69 -9.19
CA THR C 157 11.64 -10.71 -9.96
C THR C 157 10.36 -11.34 -10.54
N PRO C 158 9.34 -10.51 -10.83
CA PRO C 158 9.28 -9.06 -10.57
C PRO C 158 9.11 -8.75 -9.09
N SER C 159 9.82 -7.72 -8.61
CA SER C 159 9.80 -7.42 -7.19
C SER C 159 8.58 -6.56 -6.86
N ALA C 160 8.37 -6.37 -5.55
CA ALA C 160 7.26 -5.53 -5.10
C ALA C 160 7.42 -4.10 -5.59
N LEU C 161 8.65 -3.58 -5.57
CA LEU C 161 8.89 -2.23 -6.05
C LEU C 161 8.54 -2.10 -7.53
N ALA C 162 9.02 -3.05 -8.35
CA ALA C 162 8.79 -2.97 -9.79
C ALA C 162 7.31 -3.00 -10.13
N ILE C 163 6.57 -3.96 -9.55
CA ILE C 163 5.14 -4.04 -9.80
C ILE C 163 4.46 -2.73 -9.40
N MET C 164 4.71 -2.27 -8.17
CA MET C 164 4.04 -1.07 -7.67
C MET C 164 4.35 0.14 -8.56
N GLU C 165 5.62 0.32 -8.92
CA GLU C 165 6.02 1.51 -9.68
C GLU C 165 5.49 1.45 -11.12
N ASN C 166 5.58 0.30 -11.77
CA ASN C 166 5.04 0.18 -13.12
C ASN C 166 3.52 0.34 -13.13
N ALA C 167 2.84 -0.25 -12.14
CA ALA C 167 1.40 -0.05 -12.04
C ALA C 167 1.06 1.41 -11.83
N ASN C 168 1.84 2.11 -11.03
CA ASN C 168 1.54 3.51 -10.74
C ASN C 168 1.77 4.40 -11.96
N VAL C 169 2.83 4.16 -12.72
CA VAL C 169 3.08 5.02 -13.88
C VAL C 169 2.02 4.76 -14.96
N LEU C 170 1.59 3.50 -15.11
CA LEU C 170 0.52 3.19 -16.04
C LEU C 170 -0.75 3.97 -15.69
N ALA C 171 -1.08 4.07 -14.41
CA ALA C 171 -2.30 4.79 -14.02
C ALA C 171 -2.17 6.27 -14.32
N ARG C 172 -1.00 6.86 -14.06
CA ARG C 172 -0.79 8.27 -14.37
C ARG C 172 -0.96 8.53 -15.86
N TYR C 173 -0.35 7.70 -16.70
CA TYR C 173 -0.49 7.84 -18.15
C TYR C 173 -1.94 7.72 -18.57
N ALA C 174 -2.66 6.75 -18.01
CA ALA C 174 -4.08 6.58 -18.34
C ALA C 174 -4.88 7.80 -17.91
N SER C 175 -4.56 8.37 -16.74
CA SER C 175 -5.26 9.56 -16.27
C SER C 175 -5.08 10.72 -17.24
N ILE C 176 -3.83 10.97 -17.66
CA ILE C 176 -3.56 12.10 -18.54
C ILE C 176 -4.23 11.91 -19.89
N CYS C 177 -4.19 10.68 -20.43
CA CYS C 177 -4.84 10.41 -21.70
C CYS C 177 -6.32 10.73 -21.67
N GLN C 178 -7.03 10.25 -20.64
CA GLN C 178 -8.48 10.41 -20.60
C GLN C 178 -8.87 11.86 -20.43
N GLN C 179 -8.04 12.68 -19.79
CA GLN C 179 -8.33 14.11 -19.70
C GLN C 179 -8.27 14.79 -21.06
N ASN C 180 -7.58 14.20 -22.04
CA ASN C 180 -7.49 14.77 -23.37
C ASN C 180 -8.27 13.96 -24.41
N GLY C 181 -9.29 13.22 -23.97
CA GLY C 181 -10.13 12.50 -24.90
C GLY C 181 -9.45 11.36 -25.64
N ILE C 182 -8.33 10.88 -25.10
CA ILE C 182 -7.57 9.78 -25.69
C ILE C 182 -7.84 8.53 -24.87
N VAL C 183 -8.13 7.42 -25.55
CA VAL C 183 -8.30 6.12 -24.89
C VAL C 183 -6.93 5.50 -24.61
N PRO C 184 -6.57 5.26 -23.35
CA PRO C 184 -5.28 4.63 -23.06
C PRO C 184 -5.35 3.12 -23.18
N ILE C 185 -4.40 2.54 -23.92
CA ILE C 185 -4.12 1.11 -23.88
C ILE C 185 -3.07 0.88 -22.81
N VAL C 186 -3.41 0.05 -21.83
CA VAL C 186 -2.54 -0.25 -20.69
C VAL C 186 -1.83 -1.56 -21.01
N GLU C 187 -0.51 -1.49 -21.21
CA GLU C 187 0.29 -2.65 -21.59
C GLU C 187 1.31 -2.98 -20.50
N PRO C 188 0.96 -3.86 -19.54
CA PRO C 188 1.97 -4.39 -18.62
C PRO C 188 2.52 -5.72 -19.11
N GLU C 189 3.56 -5.67 -19.95
CA GLU C 189 4.09 -6.88 -20.54
C GLU C 189 4.99 -7.63 -19.56
N ILE C 190 4.69 -8.90 -19.34
CA ILE C 190 5.59 -9.82 -18.66
C ILE C 190 6.33 -10.61 -19.72
N LEU C 191 7.64 -10.43 -19.78
CA LEU C 191 8.43 -11.05 -20.84
C LEU C 191 8.36 -12.56 -20.73
N PRO C 192 8.49 -13.27 -21.86
CA PRO C 192 8.52 -14.73 -21.83
C PRO C 192 9.89 -15.32 -21.58
N ASP C 193 10.92 -14.49 -21.43
CA ASP C 193 12.27 -14.99 -21.21
C ASP C 193 12.35 -15.80 -19.93
N GLY C 194 13.14 -16.87 -19.98
CA GLY C 194 13.40 -17.69 -18.82
C GLY C 194 12.92 -19.12 -19.02
N ASP C 195 13.11 -19.92 -17.97
CA ASP C 195 12.74 -21.33 -17.97
C ASP C 195 11.53 -21.61 -17.10
N HIS C 196 10.84 -20.58 -16.62
CA HIS C 196 9.65 -20.77 -15.82
C HIS C 196 8.59 -21.55 -16.60
N ASP C 197 7.69 -22.18 -15.86
CA ASP C 197 6.63 -22.98 -16.46
C ASP C 197 5.34 -22.17 -16.57
N LEU C 198 4.30 -22.81 -17.10
CA LEU C 198 3.06 -22.11 -17.39
C LEU C 198 2.41 -21.55 -16.12
N LYS C 199 2.33 -22.38 -15.08
CA LYS C 199 1.61 -21.94 -13.88
C LYS C 199 2.34 -20.81 -13.17
N ARG C 200 3.67 -20.72 -13.33
CA ARG C 200 4.39 -19.57 -12.78
C ARG C 200 4.04 -18.29 -13.53
N CYS C 201 3.95 -18.36 -14.85
CA CYS C 201 3.53 -17.19 -15.62
C CYS C 201 2.11 -16.78 -15.26
N GLN C 202 1.22 -17.76 -15.06
CA GLN C 202 -0.15 -17.44 -14.66
C GLN C 202 -0.16 -16.73 -13.31
N TYR C 203 0.65 -17.21 -12.37
CA TYR C 203 0.69 -16.59 -11.04
C TYR C 203 1.17 -15.15 -11.14
N VAL C 204 2.29 -14.93 -11.84
CA VAL C 204 2.83 -13.58 -11.97
C VAL C 204 1.84 -12.67 -12.67
N THR C 205 1.26 -13.14 -13.78
CA THR C 205 0.29 -12.31 -14.50
C THR C 205 -0.86 -11.91 -13.60
N GLU C 206 -1.35 -12.85 -12.78
CA GLU C 206 -2.44 -12.53 -11.87
C GLU C 206 -2.04 -11.46 -10.87
N LYS C 207 -0.80 -11.51 -10.36
CA LYS C 207 -0.36 -10.53 -9.38
C LYS C 207 -0.12 -9.17 -10.03
N VAL C 208 0.40 -9.16 -11.25
CA VAL C 208 0.61 -7.89 -11.94
C VAL C 208 -0.73 -7.25 -12.25
N LEU C 209 -1.67 -8.00 -12.82
CA LEU C 209 -2.94 -7.41 -13.22
C LEU C 209 -3.76 -6.94 -12.02
N ALA C 210 -3.64 -7.61 -10.87
CA ALA C 210 -4.34 -7.13 -9.68
C ALA C 210 -3.75 -5.80 -9.22
N ALA C 211 -2.42 -5.67 -9.26
CA ALA C 211 -1.80 -4.39 -8.95
C ALA C 211 -2.21 -3.33 -9.96
N VAL C 212 -2.26 -3.68 -11.24
CA VAL C 212 -2.61 -2.70 -12.27
C VAL C 212 -3.97 -2.08 -11.96
N TYR C 213 -4.99 -2.93 -11.74
CA TYR C 213 -6.34 -2.40 -11.62
C TYR C 213 -6.62 -1.78 -10.26
N LYS C 214 -5.88 -2.14 -9.22
CA LYS C 214 -5.93 -1.34 -7.99
C LYS C 214 -5.42 0.07 -8.25
N ALA C 215 -4.28 0.19 -8.94
CA ALA C 215 -3.72 1.51 -9.22
C ALA C 215 -4.67 2.33 -10.09
N LEU C 216 -5.21 1.73 -11.16
CA LEU C 216 -6.17 2.45 -11.98
C LEU C 216 -7.34 2.96 -11.14
N SER C 217 -7.78 2.16 -10.17
CA SER C 217 -8.84 2.62 -9.27
C SER C 217 -8.36 3.80 -8.43
N ASP C 218 -7.17 3.68 -7.83
CA ASP C 218 -6.63 4.75 -6.99
C ASP C 218 -6.54 6.07 -7.74
N HIS C 219 -6.26 6.04 -9.04
CA HIS C 219 -6.10 7.24 -9.85
C HIS C 219 -7.38 7.62 -10.60
N HIS C 220 -8.50 6.97 -10.29
CA HIS C 220 -9.82 7.36 -10.80
C HIS C 220 -9.95 7.15 -12.31
N ILE C 221 -9.42 6.05 -12.81
CA ILE C 221 -9.46 5.78 -14.25
C ILE C 221 -10.80 5.18 -14.63
N TYR C 222 -11.33 5.62 -15.78
CA TYR C 222 -12.62 5.17 -16.29
C TYR C 222 -12.38 3.94 -17.15
N LEU C 223 -12.68 2.76 -16.59
CA LEU C 223 -12.29 1.50 -17.22
C LEU C 223 -13.00 1.27 -18.54
N GLU C 224 -14.24 1.74 -18.67
CA GLU C 224 -14.98 1.56 -19.91
C GLU C 224 -14.30 2.29 -21.08
N GLY C 225 -13.44 3.26 -20.77
CA GLY C 225 -12.67 3.95 -21.79
C GLY C 225 -11.20 3.57 -21.78
N THR C 226 -10.92 2.29 -21.50
CA THR C 226 -9.57 1.75 -21.54
C THR C 226 -9.56 0.43 -22.30
N LEU C 227 -8.36 0.00 -22.66
CA LEU C 227 -8.11 -1.33 -23.17
C LEU C 227 -6.89 -1.88 -22.44
N LEU C 228 -6.78 -3.21 -22.42
CA LEU C 228 -5.67 -3.89 -21.78
C LEU C 228 -4.89 -4.66 -22.83
N LYS C 229 -3.57 -4.52 -22.81
CA LYS C 229 -2.68 -5.19 -23.76
C LYS C 229 -1.74 -6.09 -22.96
N PRO C 230 -2.19 -7.29 -22.59
CA PRO C 230 -1.34 -8.17 -21.80
C PRO C 230 -0.65 -9.23 -22.64
N ASN C 231 0.43 -9.78 -22.10
CA ASN C 231 0.95 -11.04 -22.60
C ASN C 231 -0.09 -12.15 -22.42
N MET C 232 -0.08 -13.10 -23.34
CA MET C 232 -0.77 -14.36 -23.08
C MET C 232 0.02 -15.12 -22.02
N VAL C 233 -0.69 -15.96 -21.27
CA VAL C 233 -0.04 -16.80 -20.27
C VAL C 233 0.59 -17.98 -21.01
N THR C 234 1.91 -18.01 -21.04
CA THR C 234 2.67 -19.03 -21.75
C THR C 234 3.86 -19.42 -20.87
N PRO C 235 4.45 -20.58 -21.13
CA PRO C 235 5.69 -20.94 -20.43
C PRO C 235 6.84 -20.07 -20.91
N GLY C 236 7.94 -20.12 -20.15
CA GLY C 236 9.14 -19.42 -20.57
C GLY C 236 9.70 -19.99 -21.85
N HIS C 237 10.39 -19.14 -22.61
CA HIS C 237 10.98 -19.59 -23.88
C HIS C 237 11.91 -20.78 -23.66
N ALA C 238 12.60 -20.83 -22.54
CA ALA C 238 13.56 -21.89 -22.27
C ALA C 238 12.98 -23.04 -21.47
N CYS C 239 11.65 -23.14 -21.39
CA CYS C 239 11.02 -24.22 -20.65
C CYS C 239 11.01 -25.50 -21.48
N THR C 240 11.23 -26.63 -20.82
CA THR C 240 11.28 -27.92 -21.50
C THR C 240 9.91 -28.57 -21.62
N GLN C 241 9.05 -28.39 -20.62
CA GLN C 241 7.70 -28.95 -20.70
C GLN C 241 6.93 -28.28 -21.83
N LYS C 242 6.10 -29.07 -22.51
CA LYS C 242 5.33 -28.60 -23.66
C LYS C 242 3.85 -28.53 -23.28
N TYR C 243 3.16 -27.52 -23.82
CA TYR C 243 1.77 -27.28 -23.48
C TYR C 243 0.94 -27.14 -24.76
N SER C 244 -0.30 -27.60 -24.69
CA SER C 244 -1.22 -27.45 -25.80
C SER C 244 -1.78 -26.04 -25.85
N HIS C 245 -2.25 -25.64 -27.03
CA HIS C 245 -2.92 -24.36 -27.17
C HIS C 245 -4.15 -24.28 -26.27
N GLU C 246 -4.81 -25.41 -26.04
CA GLU C 246 -5.95 -25.41 -25.13
C GLU C 246 -5.52 -25.06 -23.71
N GLU C 247 -4.31 -25.48 -23.32
CA GLU C 247 -3.79 -25.15 -22.00
C GLU C 247 -3.39 -23.69 -21.92
N ILE C 248 -2.75 -23.19 -22.98
CA ILE C 248 -2.44 -21.76 -23.05
C ILE C 248 -3.71 -20.94 -22.91
N ALA C 249 -4.76 -21.32 -23.64
CA ALA C 249 -6.00 -20.56 -23.60
C ALA C 249 -6.65 -20.62 -22.22
N MET C 250 -6.66 -21.80 -21.60
CA MET C 250 -7.30 -21.93 -20.29
C MET C 250 -6.58 -21.09 -19.25
N ALA C 251 -5.25 -21.10 -19.25
CA ALA C 251 -4.50 -20.35 -18.26
C ALA C 251 -4.60 -18.84 -18.51
N THR C 252 -4.59 -18.43 -19.78
CA THR C 252 -4.76 -17.02 -20.10
C THR C 252 -6.12 -16.52 -19.66
N VAL C 253 -7.18 -17.19 -20.11
CA VAL C 253 -8.53 -16.78 -19.75
C VAL C 253 -8.72 -16.80 -18.24
N THR C 254 -8.14 -17.79 -17.57
CA THR C 254 -8.31 -17.89 -16.12
C THR C 254 -7.70 -16.68 -15.43
N ALA C 255 -6.49 -16.30 -15.82
CA ALA C 255 -5.83 -15.16 -15.19
C ALA C 255 -6.64 -13.89 -15.38
N LEU C 256 -7.24 -13.72 -16.56
CA LEU C 256 -8.03 -12.52 -16.82
C LEU C 256 -9.34 -12.53 -16.05
N ARG C 257 -10.00 -13.69 -15.98
CA ARG C 257 -11.26 -13.76 -15.25
C ARG C 257 -11.07 -13.47 -13.76
N ARG C 258 -9.86 -13.69 -13.25
CA ARG C 258 -9.59 -13.48 -11.84
C ARG C 258 -9.13 -12.06 -11.49
N THR C 259 -8.89 -11.21 -12.49
CA THR C 259 -8.29 -9.89 -12.22
C THR C 259 -8.91 -8.74 -13.00
N VAL C 260 -9.48 -8.97 -14.19
CA VAL C 260 -9.87 -7.89 -15.08
C VAL C 260 -11.36 -7.62 -14.88
N PRO C 261 -11.76 -6.45 -14.37
CA PRO C 261 -13.18 -6.20 -14.16
C PRO C 261 -13.94 -6.25 -15.46
N PRO C 262 -15.20 -6.67 -15.43
CA PRO C 262 -16.02 -6.70 -16.66
C PRO C 262 -16.14 -5.36 -17.36
N ALA C 263 -15.95 -4.25 -16.66
CA ALA C 263 -16.14 -2.94 -17.27
C ALA C 263 -15.08 -2.64 -18.33
N VAL C 264 -13.93 -3.31 -18.28
CA VAL C 264 -12.92 -3.11 -19.32
C VAL C 264 -13.53 -3.52 -20.64
N THR C 265 -13.33 -2.67 -21.66
CA THR C 265 -14.02 -2.86 -22.93
C THR C 265 -13.41 -4.00 -23.75
N GLY C 266 -12.10 -4.16 -23.71
CA GLY C 266 -11.47 -5.18 -24.51
C GLY C 266 -10.05 -5.47 -24.07
N VAL C 267 -9.60 -6.67 -24.42
CA VAL C 267 -8.24 -7.13 -24.18
C VAL C 267 -7.61 -7.42 -25.54
N THR C 268 -6.53 -6.72 -25.85
CA THR C 268 -5.86 -6.81 -27.15
C THR C 268 -4.47 -7.41 -26.92
N PHE C 269 -4.36 -8.73 -27.08
CA PHE C 269 -3.14 -9.42 -26.73
C PHE C 269 -1.97 -8.96 -27.59
N LEU C 270 -0.78 -8.96 -26.99
CA LEU C 270 0.46 -8.85 -27.72
C LEU C 270 1.00 -10.24 -28.04
N SER C 271 1.68 -10.34 -29.18
CA SER C 271 2.16 -11.65 -29.65
C SER C 271 3.48 -12.05 -29.02
N GLY C 272 4.26 -11.10 -28.52
CA GLY C 272 5.52 -11.43 -27.90
C GLY C 272 6.47 -12.06 -28.89
N GLY C 273 6.93 -13.27 -28.57
CA GLY C 273 7.84 -14.01 -29.42
C GLY C 273 7.17 -15.02 -30.31
N GLN C 274 5.85 -15.16 -30.24
CA GLN C 274 5.14 -16.15 -31.02
C GLN C 274 5.28 -15.89 -32.52
N SER C 275 5.21 -16.97 -33.30
CA SER C 275 5.18 -16.85 -34.74
C SER C 275 3.81 -16.34 -35.20
N GLU C 276 3.76 -15.87 -36.45
CA GLU C 276 2.51 -15.39 -37.01
C GLU C 276 1.39 -16.40 -36.78
N GLU C 277 1.61 -17.64 -37.21
CA GLU C 277 0.57 -18.66 -37.13
C GLU C 277 0.29 -19.04 -35.68
N GLU C 278 1.33 -19.21 -34.87
CA GLU C 278 1.14 -19.51 -33.45
C GLU C 278 0.26 -18.47 -32.78
N ALA C 279 0.51 -17.19 -33.09
CA ALA C 279 -0.29 -16.13 -32.48
C ALA C 279 -1.75 -16.20 -32.90
N SER C 280 -2.04 -16.75 -34.09
CA SER C 280 -3.42 -16.84 -34.54
C SER C 280 -4.14 -18.03 -33.92
N ILE C 281 -3.47 -19.18 -33.81
CA ILE C 281 -4.08 -20.34 -33.17
C ILE C 281 -4.41 -20.01 -31.72
N ASN C 282 -3.43 -19.51 -30.97
CA ASN C 282 -3.62 -19.22 -29.56
C ASN C 282 -4.78 -18.25 -29.35
N LEU C 283 -4.82 -17.16 -30.12
CA LEU C 283 -5.91 -16.21 -29.99
C LEU C 283 -7.25 -16.86 -30.30
N ASN C 284 -7.26 -17.82 -31.24
CA ASN C 284 -8.49 -18.53 -31.57
C ASN C 284 -8.90 -19.47 -30.44
N ALA C 285 -7.94 -20.21 -29.88
CA ALA C 285 -8.23 -21.07 -28.74
C ALA C 285 -8.78 -20.27 -27.57
N ILE C 286 -8.20 -19.10 -27.30
CA ILE C 286 -8.69 -18.25 -26.22
C ILE C 286 -10.16 -17.91 -26.43
N ASN C 287 -10.56 -17.65 -27.68
CA ASN C 287 -11.95 -17.31 -27.95
C ASN C 287 -12.86 -18.53 -27.98
N LYS C 288 -12.31 -19.73 -28.11
CA LYS C 288 -13.08 -20.95 -28.03
C LYS C 288 -13.16 -21.51 -26.62
N CYS C 289 -12.35 -20.99 -25.69
CA CYS C 289 -12.42 -21.42 -24.31
C CYS C 289 -13.86 -21.35 -23.81
N PRO C 290 -14.37 -22.40 -23.16
CA PRO C 290 -15.80 -22.40 -22.78
C PRO C 290 -16.16 -21.41 -21.67
N LEU C 291 -15.17 -20.96 -20.89
CA LEU C 291 -15.44 -20.07 -19.78
C LEU C 291 -16.03 -18.74 -20.24
N LEU C 292 -16.65 -18.04 -19.31
CA LEU C 292 -17.33 -16.79 -19.62
C LEU C 292 -16.34 -15.63 -19.64
N LYS C 293 -16.34 -14.87 -20.74
CA LYS C 293 -15.37 -13.81 -20.97
C LYS C 293 -16.11 -12.51 -21.27
N PRO C 294 -16.26 -11.62 -20.28
CA PRO C 294 -17.08 -10.42 -20.49
C PRO C 294 -16.36 -9.25 -21.15
N TRP C 295 -15.29 -9.52 -21.87
CA TRP C 295 -14.59 -8.48 -22.62
C TRP C 295 -14.22 -9.01 -23.99
N ALA C 296 -14.10 -8.12 -24.96
CA ALA C 296 -13.57 -8.50 -26.26
C ALA C 296 -12.16 -9.03 -26.10
N LEU C 297 -11.84 -10.10 -26.84
CA LEU C 297 -10.52 -10.72 -26.80
C LEU C 297 -9.97 -10.76 -28.22
N THR C 298 -9.17 -9.76 -28.58
CA THR C 298 -8.67 -9.64 -29.94
C THR C 298 -7.15 -9.42 -29.93
N PHE C 299 -6.60 -8.78 -30.96
CA PHE C 299 -5.17 -8.70 -31.12
C PHE C 299 -4.69 -7.26 -31.21
N SER C 300 -3.45 -7.04 -30.72
CA SER C 300 -2.67 -5.84 -31.00
C SER C 300 -1.29 -6.34 -31.41
N TYR C 301 -1.16 -6.72 -32.67
CA TYR C 301 -0.01 -7.46 -33.16
C TYR C 301 0.88 -6.57 -34.02
N GLY C 302 2.19 -6.68 -33.78
CA GLY C 302 3.17 -6.03 -34.64
C GLY C 302 3.82 -7.03 -35.57
N ARG C 303 4.80 -7.77 -35.05
CA ARG C 303 5.51 -8.76 -35.86
C ARG C 303 4.56 -9.82 -36.40
N ALA C 304 3.59 -10.26 -35.57
CA ALA C 304 2.67 -11.32 -35.99
C ALA C 304 1.77 -10.90 -37.14
N LEU C 305 1.72 -9.62 -37.49
CA LEU C 305 1.03 -9.16 -38.69
C LEU C 305 1.96 -8.75 -39.81
N GLN C 306 3.22 -8.46 -39.51
CA GLN C 306 4.15 -7.88 -40.47
C GLN C 306 5.28 -8.81 -40.89
N ALA C 307 5.55 -9.86 -40.13
CA ALA C 307 6.75 -10.67 -40.36
C ALA C 307 6.87 -11.08 -41.82
N SER C 308 5.81 -11.65 -42.39
CA SER C 308 5.86 -12.11 -43.77
C SER C 308 5.90 -10.94 -44.74
N ALA C 309 5.06 -9.91 -44.51
CA ALA C 309 5.05 -8.76 -45.40
C ALA C 309 6.43 -8.11 -45.48
N LEU C 310 7.10 -7.96 -44.34
CA LEU C 310 8.44 -7.37 -44.34
C LEU C 310 9.39 -8.18 -45.22
N LYS C 311 9.33 -9.50 -45.11
CA LYS C 311 10.25 -10.36 -45.85
C LYS C 311 9.91 -10.39 -47.34
N ALA C 312 8.63 -10.49 -47.69
CA ALA C 312 8.24 -10.47 -49.09
C ALA C 312 8.60 -9.14 -49.74
N TRP C 313 8.57 -8.06 -48.97
CA TRP C 313 8.99 -6.76 -49.48
C TRP C 313 10.48 -6.75 -49.80
N GLY C 314 11.31 -7.07 -48.81
CA GLY C 314 12.75 -7.14 -49.00
C GLY C 314 13.39 -5.82 -49.37
N GLY C 315 12.65 -4.72 -49.25
CA GLY C 315 13.16 -3.42 -49.63
C GLY C 315 13.02 -3.10 -51.11
N LYS C 316 12.53 -4.04 -51.92
CA LYS C 316 12.37 -3.81 -53.34
C LYS C 316 10.98 -3.27 -53.62
N LYS C 317 10.92 -2.12 -54.31
CA LYS C 317 9.62 -1.49 -54.56
C LYS C 317 8.71 -2.37 -55.39
N GLU C 318 9.27 -3.20 -56.27
CA GLU C 318 8.45 -3.99 -57.18
C GLU C 318 7.75 -5.15 -56.47
N ASN C 319 8.14 -5.48 -55.23
CA ASN C 319 7.48 -6.50 -54.45
C ASN C 319 6.34 -5.95 -53.60
N LEU C 320 5.75 -4.81 -53.99
CA LEU C 320 4.77 -4.14 -53.15
C LEU C 320 3.55 -5.04 -52.92
N LYS C 321 2.95 -5.54 -54.00
CA LYS C 321 1.70 -6.28 -53.85
C LYS C 321 1.93 -7.68 -53.25
N ALA C 322 3.10 -8.28 -53.50
CA ALA C 322 3.42 -9.55 -52.84
C ALA C 322 3.49 -9.37 -51.33
N ALA C 323 4.08 -8.27 -50.87
CA ALA C 323 4.17 -8.01 -49.43
C ALA C 323 2.81 -7.67 -48.84
N GLN C 324 2.03 -6.84 -49.53
CA GLN C 324 0.70 -6.51 -49.02
C GLN C 324 -0.16 -7.75 -48.88
N GLU C 325 0.01 -8.72 -49.80
CA GLU C 325 -0.79 -9.93 -49.74
C GLU C 325 -0.51 -10.73 -48.46
N GLU C 326 0.75 -10.78 -48.03
CA GLU C 326 1.08 -11.49 -46.80
C GLU C 326 0.47 -10.81 -45.59
N TYR C 327 0.46 -9.47 -45.59
CA TYR C 327 -0.20 -8.73 -44.51
C TYR C 327 -1.69 -8.98 -44.51
N VAL C 328 -2.33 -8.94 -45.68
CA VAL C 328 -3.77 -9.16 -45.74
C VAL C 328 -4.12 -10.56 -45.26
N LYS C 329 -3.26 -11.54 -45.54
CA LYS C 329 -3.51 -12.90 -45.08
C LYS C 329 -3.62 -12.94 -43.57
N ARG C 330 -2.62 -12.37 -42.87
CA ARG C 330 -2.61 -12.42 -41.40
C ARG C 330 -3.75 -11.60 -40.81
N ALA C 331 -4.07 -10.46 -41.41
CA ALA C 331 -5.18 -9.65 -40.91
C ALA C 331 -6.50 -10.39 -41.02
N LEU C 332 -6.69 -11.14 -42.11
CA LEU C 332 -7.90 -11.95 -42.26
C LEU C 332 -7.89 -13.13 -41.30
N ALA C 333 -6.72 -13.74 -41.10
CA ALA C 333 -6.61 -14.86 -40.17
C ALA C 333 -6.99 -14.43 -38.76
N ASN C 334 -6.43 -13.32 -38.28
CA ASN C 334 -6.66 -12.88 -36.91
C ASN C 334 -8.02 -12.24 -36.73
N SER C 335 -8.64 -11.74 -37.80
CA SER C 335 -10.03 -11.32 -37.71
C SER C 335 -10.95 -12.50 -37.46
N LEU C 336 -10.59 -13.68 -37.98
CA LEU C 336 -11.35 -14.88 -37.67
C LEU C 336 -11.02 -15.40 -36.27
N ALA C 337 -9.75 -15.32 -35.87
CA ALA C 337 -9.34 -15.87 -34.58
C ALA C 337 -10.00 -15.15 -33.42
N CYS C 338 -10.09 -13.81 -33.50
CA CYS C 338 -10.73 -13.05 -32.42
C CYS C 338 -12.25 -13.22 -32.39
N GLN C 339 -12.77 -14.12 -33.23
CA GLN C 339 -14.14 -14.58 -33.14
C GLN C 339 -14.21 -16.09 -32.90
N GLY C 340 -13.08 -16.77 -32.79
CA GLY C 340 -13.08 -18.21 -32.63
C GLY C 340 -13.44 -18.98 -33.88
N LYS C 341 -13.31 -18.35 -35.05
CA LYS C 341 -13.74 -18.94 -36.32
C LYS C 341 -12.57 -19.28 -37.23
N TYR C 342 -11.38 -19.49 -36.68
CA TYR C 342 -10.17 -19.66 -37.47
C TYR C 342 -9.84 -21.14 -37.63
N THR C 343 -9.61 -21.55 -38.88
CA THR C 343 -9.21 -22.91 -39.21
C THR C 343 -8.10 -22.78 -40.25
N PRO C 344 -6.98 -23.50 -40.10
CA PRO C 344 -5.92 -23.40 -41.11
C PRO C 344 -6.37 -23.87 -42.50
N SER C 359 -9.76 -29.74 -16.78
CA SER C 359 -10.20 -29.30 -15.46
C SER C 359 -9.75 -27.87 -15.20
N ASN C 360 -10.72 -26.94 -15.16
CA ASN C 360 -10.40 -25.55 -14.85
C ASN C 360 -9.91 -25.39 -13.42
N HIS C 361 -10.15 -26.38 -12.56
CA HIS C 361 -9.64 -26.35 -11.19
C HIS C 361 -8.15 -26.66 -11.12
N ALA C 362 -7.56 -27.15 -12.20
CA ALA C 362 -6.12 -27.34 -12.27
C ALA C 362 -5.37 -26.03 -12.52
N TYR C 363 -6.08 -24.93 -12.72
CA TYR C 363 -5.45 -23.64 -12.99
C TYR C 363 -5.67 -22.68 -11.82
N PRO D 1 13.00 -9.85 -1.12
CA PRO D 1 13.65 -9.96 0.19
C PRO D 1 15.16 -10.17 0.07
N HIS D 2 15.69 -9.94 -1.12
CA HIS D 2 17.11 -10.07 -1.40
C HIS D 2 17.66 -8.70 -1.77
N SER D 3 18.81 -8.35 -1.20
CA SER D 3 19.42 -7.05 -1.45
C SER D 3 20.20 -7.08 -2.75
N HIS D 4 19.95 -6.08 -3.59
CA HIS D 4 20.76 -5.82 -4.78
C HIS D 4 21.28 -4.40 -4.62
N PRO D 5 22.43 -4.22 -3.96
CA PRO D 5 22.83 -2.88 -3.51
C PRO D 5 22.74 -1.83 -4.61
N ALA D 6 22.07 -0.73 -4.30
CA ALA D 6 21.98 0.38 -5.23
C ALA D 6 23.26 1.19 -5.29
N LEU D 7 24.01 1.21 -4.18
CA LEU D 7 25.20 2.05 -4.06
C LEU D 7 26.35 1.24 -3.50
N THR D 8 27.55 1.51 -4.01
CA THR D 8 28.77 0.98 -3.42
C THR D 8 29.17 1.79 -2.20
N PRO D 9 30.02 1.24 -1.33
CA PRO D 9 30.52 2.06 -0.21
C PRO D 9 31.17 3.36 -0.64
N GLU D 10 31.95 3.33 -1.73
CA GLU D 10 32.55 4.55 -2.25
C GLU D 10 31.48 5.58 -2.59
N GLN D 11 30.42 5.15 -3.27
CA GLN D 11 29.34 6.06 -3.63
C GLN D 11 28.65 6.61 -2.39
N LYS D 12 28.46 5.77 -1.36
CA LYS D 12 27.84 6.24 -0.12
C LYS D 12 28.72 7.30 0.55
N LYS D 13 30.03 7.04 0.64
CA LYS D 13 30.93 8.00 1.26
C LYS D 13 30.84 9.36 0.57
N GLU D 14 30.86 9.36 -0.75
CA GLU D 14 30.79 10.62 -1.48
C GLU D 14 29.50 11.37 -1.14
N LEU D 15 28.37 10.66 -1.18
CA LEU D 15 27.09 11.30 -0.90
C LEU D 15 27.01 11.78 0.54
N SER D 16 27.50 10.98 1.48
CA SER D 16 27.45 11.39 2.88
C SER D 16 28.33 12.61 3.13
N ASP D 17 29.53 12.63 2.55
CA ASP D 17 30.43 13.76 2.77
C ASP D 17 29.85 15.05 2.17
N ILE D 18 29.25 14.97 0.98
CA ILE D 18 28.58 16.14 0.41
C ILE D 18 27.50 16.65 1.36
N ALA D 19 26.62 15.76 1.79
CA ALA D 19 25.49 16.18 2.61
C ALA D 19 25.96 16.84 3.90
N HIS D 20 27.01 16.30 4.51
CA HIS D 20 27.49 16.86 5.77
C HIS D 20 28.12 18.24 5.58
N ARG D 21 28.81 18.45 4.45
CA ARG D 21 29.38 19.77 4.15
C ARG D 21 28.28 20.83 4.10
N ILE D 22 27.14 20.50 3.50
CA ILE D 22 26.10 21.49 3.26
C ILE D 22 25.50 21.99 4.58
N VAL D 23 25.37 21.10 5.55
CA VAL D 23 24.69 21.41 6.80
C VAL D 23 25.66 21.43 7.97
N ALA D 24 26.95 21.64 7.69
CA ALA D 24 27.96 21.71 8.72
C ALA D 24 27.54 22.79 9.74
N PRO D 25 28.05 22.73 10.96
CA PRO D 25 27.58 23.66 11.99
C PRO D 25 27.68 25.11 11.55
N GLY D 26 26.61 25.87 11.78
CA GLY D 26 26.54 27.27 11.44
C GLY D 26 26.14 27.56 10.01
N LYS D 27 26.05 26.55 9.15
CA LYS D 27 25.88 26.75 7.73
C LYS D 27 24.47 26.37 7.28
N GLY D 28 24.02 27.02 6.21
CA GLY D 28 22.73 26.74 5.61
C GLY D 28 22.79 26.88 4.10
N ILE D 29 21.62 27.01 3.46
CA ILE D 29 21.51 27.01 2.01
C ILE D 29 20.84 28.30 1.57
N LEU D 30 21.41 28.93 0.53
CA LEU D 30 20.77 30.05 -0.16
C LEU D 30 19.99 29.51 -1.34
N ALA D 31 18.68 29.79 -1.37
CA ALA D 31 17.81 29.32 -2.44
C ALA D 31 17.69 30.42 -3.47
N ALA D 32 18.52 30.35 -4.51
CA ALA D 32 18.53 31.30 -5.62
C ALA D 32 18.12 30.63 -6.93
N ASP D 33 17.20 29.67 -6.84
CA ASP D 33 16.83 28.83 -7.97
C ASP D 33 15.45 29.17 -8.54
N GLU D 34 14.95 30.38 -8.28
CA GLU D 34 13.62 30.75 -8.76
C GLU D 34 13.53 30.52 -10.27
N SER D 35 12.50 29.78 -10.68
CA SER D 35 12.25 29.55 -12.10
C SER D 35 12.10 30.89 -12.82
N THR D 36 12.21 30.84 -14.15
CA THR D 36 12.13 32.07 -14.93
C THR D 36 10.81 32.79 -14.70
N GLY D 37 9.74 32.03 -14.41
CA GLY D 37 8.46 32.66 -14.14
C GLY D 37 8.32 33.20 -12.73
N SER D 38 9.05 32.63 -11.78
CA SER D 38 9.01 33.14 -10.40
C SER D 38 9.92 34.34 -10.23
N ILE D 39 11.09 34.33 -10.87
CA ILE D 39 11.98 35.48 -10.77
C ILE D 39 11.40 36.68 -11.50
N ALA D 40 10.59 36.44 -12.53
CA ALA D 40 9.90 37.53 -13.21
C ALA D 40 9.01 38.31 -12.24
N LYS D 41 8.33 37.60 -11.33
CA LYS D 41 7.54 38.27 -10.32
C LYS D 41 8.42 39.08 -9.38
N ARG D 42 9.58 38.53 -8.99
CA ARG D 42 10.48 39.24 -8.09
C ARG D 42 10.95 40.55 -8.71
N LEU D 43 11.48 40.50 -9.92
CA LEU D 43 11.98 41.71 -10.58
C LEU D 43 10.86 42.72 -10.78
N GLN D 44 9.68 42.23 -11.19
CA GLN D 44 8.54 43.12 -11.36
C GLN D 44 8.19 43.84 -10.07
N SER D 45 8.43 43.21 -8.92
CA SER D 45 8.13 43.82 -7.63
C SER D 45 9.01 45.02 -7.33
N ILE D 46 10.09 45.23 -8.08
CA ILE D 46 10.94 46.42 -7.92
C ILE D 46 11.02 47.15 -9.25
N GLY D 47 9.99 46.98 -10.09
CA GLY D 47 9.93 47.69 -11.36
C GLY D 47 11.12 47.46 -12.25
N THR D 48 11.74 46.29 -12.18
CA THR D 48 12.90 45.96 -13.00
C THR D 48 12.49 45.02 -14.13
N GLU D 49 13.01 45.30 -15.32
CA GLU D 49 12.70 44.48 -16.48
C GLU D 49 13.33 43.09 -16.33
N ASN D 50 12.61 42.06 -16.77
CA ASN D 50 13.08 40.69 -16.65
C ASN D 50 13.91 40.34 -17.88
N THR D 51 15.19 40.68 -17.82
CA THR D 51 16.16 40.37 -18.86
C THR D 51 17.18 39.37 -18.33
N GLU D 52 17.81 38.63 -19.25
CA GLU D 52 18.86 37.72 -18.85
C GLU D 52 19.95 38.45 -18.08
N GLU D 53 20.28 39.67 -18.51
CA GLU D 53 21.34 40.42 -17.84
C GLU D 53 20.94 40.83 -16.44
N ASN D 54 19.69 41.29 -16.26
CA ASN D 54 19.22 41.62 -14.92
C ASN D 54 19.25 40.40 -14.02
N ARG D 55 18.78 39.25 -14.52
CA ARG D 55 18.85 38.03 -13.73
C ARG D 55 20.29 37.65 -13.43
N ARG D 56 21.18 37.74 -14.43
CA ARG D 56 22.59 37.46 -14.20
C ARG D 56 23.17 38.40 -13.15
N PHE D 57 22.89 39.69 -13.27
CA PHE D 57 23.45 40.65 -12.34
C PHE D 57 22.96 40.39 -10.92
N TYR D 58 21.66 40.16 -10.76
CA TYR D 58 21.11 39.94 -9.42
C TYR D 58 21.72 38.71 -8.77
N ARG D 59 21.88 37.63 -9.53
CA ARG D 59 22.50 36.43 -8.98
C ARG D 59 23.95 36.69 -8.60
N GLN D 60 24.71 37.37 -9.48
CA GLN D 60 26.07 37.76 -9.13
C GLN D 60 26.08 38.56 -7.84
N LEU D 61 25.16 39.50 -7.70
CA LEU D 61 25.06 40.31 -6.49
C LEU D 61 25.08 39.43 -5.24
N LEU D 62 24.28 38.36 -5.25
CA LEU D 62 24.18 37.51 -4.07
C LEU D 62 25.42 36.64 -3.90
N LEU D 63 25.93 36.08 -5.00
CA LEU D 63 27.01 35.10 -4.91
C LEU D 63 28.36 35.73 -4.63
N THR D 64 28.53 37.04 -4.88
CA THR D 64 29.81 37.71 -4.69
C THR D 64 29.82 38.64 -3.48
N ALA D 65 28.90 38.44 -2.54
CA ALA D 65 28.97 39.18 -1.28
C ALA D 65 30.30 38.92 -0.59
N ASP D 66 30.64 39.78 0.37
CA ASP D 66 31.96 39.69 0.99
C ASP D 66 32.08 38.40 1.80
N ASP D 67 33.33 38.05 2.11
CA ASP D 67 33.66 36.76 2.72
C ASP D 67 33.11 36.56 4.13
N ARG D 68 32.28 37.46 4.66
CA ARG D 68 31.64 37.19 5.94
C ARG D 68 30.57 36.11 5.82
N VAL D 69 30.05 35.86 4.62
CA VAL D 69 29.03 34.83 4.44
C VAL D 69 29.63 33.44 4.32
N ASN D 70 30.92 33.32 4.01
CA ASN D 70 31.54 32.02 3.78
C ASN D 70 31.23 31.02 4.89
N PRO D 71 31.39 31.35 6.18
CA PRO D 71 31.05 30.37 7.23
C PRO D 71 29.54 30.22 7.44
N CYS D 72 28.71 31.04 6.80
CA CYS D 72 27.26 30.96 6.95
C CYS D 72 26.58 30.13 5.87
N ILE D 73 27.22 29.94 4.72
CA ILE D 73 26.58 29.37 3.54
C ILE D 73 27.31 28.10 3.17
N GLY D 74 26.66 26.96 3.38
CA GLY D 74 27.21 25.69 2.96
C GLY D 74 26.81 25.32 1.54
N GLY D 75 25.72 25.90 1.03
CA GLY D 75 25.27 25.56 -0.30
C GLY D 75 24.44 26.64 -0.93
N VAL D 76 24.42 26.64 -2.26
CA VAL D 76 23.63 27.56 -3.07
C VAL D 76 22.91 26.75 -4.12
N ILE D 77 21.59 26.90 -4.19
CA ILE D 77 20.78 26.24 -5.21
C ILE D 77 20.59 27.20 -6.37
N LEU D 78 20.83 26.73 -7.58
CA LEU D 78 20.72 27.53 -8.78
C LEU D 78 19.71 26.91 -9.74
N PHE D 79 19.10 27.77 -10.55
CA PHE D 79 18.31 27.34 -11.68
C PHE D 79 19.22 27.05 -12.88
N HIS D 80 18.69 26.30 -13.85
CA HIS D 80 19.52 25.81 -14.96
C HIS D 80 20.31 26.95 -15.60
N GLU D 81 19.63 28.05 -15.94
CA GLU D 81 20.29 29.18 -16.58
C GLU D 81 21.50 29.64 -15.78
N THR D 82 21.30 29.92 -14.49
CA THR D 82 22.37 30.50 -13.69
C THR D 82 23.57 29.58 -13.58
N LEU D 83 23.35 28.27 -13.72
CA LEU D 83 24.45 27.33 -13.62
C LEU D 83 25.51 27.58 -14.69
N TYR D 84 25.11 28.14 -15.84
CA TYR D 84 26.00 28.32 -16.97
C TYR D 84 26.29 29.80 -17.25
N GLN D 85 25.90 30.70 -16.35
CA GLN D 85 26.26 32.10 -16.45
C GLN D 85 27.59 32.36 -15.74
N LYS D 86 28.17 33.52 -16.03
CA LYS D 86 29.49 33.90 -15.54
C LYS D 86 29.41 35.23 -14.83
N ALA D 87 30.31 35.42 -13.86
CA ALA D 87 30.45 36.70 -13.19
C ALA D 87 31.26 37.67 -14.07
N ASP D 88 31.36 38.92 -13.61
CA ASP D 88 32.03 39.95 -14.39
C ASP D 88 33.51 39.64 -14.62
N ASP D 89 34.13 38.88 -13.72
CA ASP D 89 35.53 38.49 -13.88
C ASP D 89 35.71 37.25 -14.74
N GLY D 90 34.68 36.83 -15.46
CA GLY D 90 34.76 35.68 -16.33
C GLY D 90 34.52 34.34 -15.66
N ARG D 91 34.51 34.27 -14.33
CA ARG D 91 34.37 32.98 -13.65
C ARG D 91 32.93 32.48 -13.71
N PRO D 92 32.71 31.21 -14.05
CA PRO D 92 31.35 30.65 -13.93
C PRO D 92 30.90 30.69 -12.48
N PHE D 93 29.60 30.96 -12.29
CA PHE D 93 29.05 31.04 -10.93
C PHE D 93 29.36 29.81 -10.08
N PRO D 94 29.34 28.58 -10.61
CA PRO D 94 29.72 27.44 -9.75
C PRO D 94 31.13 27.56 -9.22
N GLN D 95 32.07 28.09 -10.00
CA GLN D 95 33.42 28.32 -9.50
C GLN D 95 33.42 29.40 -8.42
N VAL D 96 32.63 30.46 -8.62
CA VAL D 96 32.50 31.49 -7.60
C VAL D 96 32.05 30.86 -6.29
N ILE D 97 31.00 30.04 -6.34
CA ILE D 97 30.44 29.45 -5.13
C ILE D 97 31.48 28.55 -4.45
N LYS D 98 32.11 27.66 -5.23
CA LYS D 98 33.10 26.76 -4.65
C LYS D 98 34.26 27.53 -4.04
N SER D 99 34.71 28.61 -4.69
CA SER D 99 35.85 29.36 -4.18
C SER D 99 35.56 30.01 -2.85
N LYS D 100 34.29 30.20 -2.50
CA LYS D 100 33.91 30.75 -1.21
C LYS D 100 33.55 29.65 -0.20
N GLY D 101 33.85 28.39 -0.51
CA GLY D 101 33.60 27.30 0.39
C GLY D 101 32.21 26.69 0.32
N GLY D 102 31.43 27.01 -0.70
CA GLY D 102 30.08 26.51 -0.82
C GLY D 102 29.96 25.33 -1.79
N VAL D 103 28.90 24.55 -1.60
CA VAL D 103 28.54 23.47 -2.50
C VAL D 103 27.48 24.01 -3.46
N VAL D 104 27.54 23.57 -4.71
CA VAL D 104 26.63 24.06 -5.76
C VAL D 104 25.46 23.09 -5.89
N GLY D 105 24.24 23.64 -5.86
CA GLY D 105 23.05 22.84 -6.06
C GLY D 105 22.24 23.26 -7.27
N ILE D 106 21.35 22.37 -7.74
CA ILE D 106 20.59 22.61 -8.97
C ILE D 106 19.16 22.13 -8.76
N LYS D 107 18.19 22.98 -9.12
CA LYS D 107 16.79 22.57 -9.17
C LYS D 107 16.54 21.78 -10.45
N VAL D 108 15.95 20.59 -10.32
CA VAL D 108 15.82 19.66 -11.43
C VAL D 108 14.38 19.30 -11.78
N ASP D 109 13.39 19.68 -10.96
CA ASP D 109 12.02 19.37 -11.33
C ASP D 109 11.51 20.34 -12.39
N LYS D 110 10.36 20.00 -12.98
CA LYS D 110 9.80 20.78 -14.08
C LYS D 110 8.36 21.21 -13.77
N GLY D 111 8.09 21.52 -12.52
CA GLY D 111 6.83 22.13 -12.14
C GLY D 111 5.74 21.12 -11.81
N VAL D 112 4.63 21.67 -11.30
CA VAL D 112 3.52 20.86 -10.83
C VAL D 112 2.54 20.61 -11.97
N VAL D 113 1.79 19.52 -11.85
CA VAL D 113 0.74 19.19 -12.81
C VAL D 113 -0.46 18.68 -12.05
N PRO D 114 -1.67 18.94 -12.57
CA PRO D 114 -2.88 18.57 -11.83
C PRO D 114 -3.10 17.06 -11.81
N LEU D 115 -3.67 16.59 -10.69
CA LEU D 115 -4.09 15.20 -10.55
C LEU D 115 -5.58 15.13 -10.83
N ALA D 116 -5.94 14.43 -11.90
CA ALA D 116 -7.35 14.31 -12.25
C ALA D 116 -8.11 13.58 -11.15
N GLY D 117 -9.36 13.98 -10.95
CA GLY D 117 -10.20 13.36 -9.97
C GLY D 117 -10.01 13.88 -8.55
N THR D 118 -9.17 14.88 -8.35
CA THR D 118 -8.92 15.44 -7.03
C THR D 118 -9.47 16.86 -6.97
N ASN D 119 -9.40 17.43 -5.77
CA ASN D 119 -9.89 18.79 -5.53
C ASN D 119 -8.73 19.77 -5.67
N GLY D 120 -8.22 19.88 -6.89
CA GLY D 120 -7.17 20.83 -7.19
C GLY D 120 -5.81 20.45 -6.65
N GLU D 121 -5.55 19.17 -6.44
CA GLU D 121 -4.23 18.73 -5.98
C GLU D 121 -3.32 18.44 -7.16
N THR D 122 -2.02 18.41 -6.88
CA THR D 122 -1.01 18.29 -7.92
C THR D 122 0.00 17.20 -7.56
N THR D 123 0.67 16.71 -8.59
CA THR D 123 1.96 16.04 -8.46
C THR D 123 2.99 16.87 -9.23
N THR D 124 4.22 16.38 -9.29
CA THR D 124 5.31 17.09 -9.93
C THR D 124 5.92 16.23 -11.03
N GLN D 125 6.32 16.89 -12.12
CA GLN D 125 6.93 16.22 -13.25
C GLN D 125 8.41 16.61 -13.34
N GLY D 126 9.16 15.85 -14.12
CA GLY D 126 10.58 16.13 -14.32
C GLY D 126 11.49 14.92 -14.31
N LEU D 127 10.92 13.71 -14.33
CA LEU D 127 11.76 12.52 -14.28
C LEU D 127 12.33 12.14 -15.65
N ASP D 128 11.67 12.52 -16.74
CA ASP D 128 12.10 12.06 -18.06
C ASP D 128 13.50 12.58 -18.37
N GLY D 129 14.42 11.67 -18.62
CA GLY D 129 15.80 12.04 -18.88
C GLY D 129 16.52 12.67 -17.71
N LEU D 130 16.05 12.43 -16.48
CA LEU D 130 16.70 13.04 -15.33
C LEU D 130 18.08 12.46 -15.08
N SER D 131 18.29 11.19 -15.41
CA SER D 131 19.60 10.58 -15.16
C SER D 131 20.69 11.26 -16.00
N GLU D 132 20.39 11.54 -17.27
CA GLU D 132 21.39 12.19 -18.14
C GLU D 132 21.63 13.63 -17.72
N ARG D 133 20.57 14.36 -17.35
CA ARG D 133 20.73 15.71 -16.85
C ARG D 133 21.59 15.73 -15.59
N CYS D 134 21.32 14.82 -14.65
CA CYS D 134 22.07 14.78 -13.41
C CYS D 134 23.55 14.51 -13.68
N ALA D 135 23.83 13.55 -14.55
CA ALA D 135 25.23 13.27 -14.90
C ALA D 135 25.90 14.51 -15.49
N GLN D 136 25.15 15.29 -16.28
CA GLN D 136 25.73 16.49 -16.88
C GLN D 136 25.94 17.58 -15.83
N TYR D 137 24.96 17.77 -14.94
CA TYR D 137 25.12 18.75 -13.87
C TYR D 137 26.28 18.39 -12.96
N LYS D 138 26.51 17.10 -12.74
CA LYS D 138 27.65 16.68 -11.92
C LYS D 138 28.96 17.09 -12.57
N LYS D 139 29.08 16.90 -13.88
CA LYS D 139 30.28 17.33 -14.60
C LYS D 139 30.47 18.84 -14.46
N ASP D 140 29.38 19.59 -14.50
CA ASP D 140 29.43 21.04 -14.48
C ASP D 140 29.46 21.63 -13.07
N GLY D 141 29.76 20.81 -12.06
CA GLY D 141 30.08 21.32 -10.74
C GLY D 141 28.99 21.20 -9.69
N ALA D 142 27.80 20.71 -10.04
CA ALA D 142 26.74 20.56 -9.06
C ALA D 142 26.94 19.28 -8.25
N ASP D 143 26.72 19.37 -6.94
CA ASP D 143 26.83 18.22 -6.05
C ASP D 143 25.55 17.88 -5.29
N PHE D 144 24.51 18.72 -5.37
CA PHE D 144 23.22 18.36 -4.80
C PHE D 144 22.10 18.97 -5.64
N ALA D 145 20.88 18.46 -5.44
CA ALA D 145 19.74 18.82 -6.27
C ALA D 145 18.53 19.06 -5.39
N LYS D 146 17.48 19.61 -6.02
CA LYS D 146 16.25 19.98 -5.33
C LYS D 146 15.04 19.63 -6.19
N TRP D 147 14.01 19.08 -5.54
CA TRP D 147 12.75 18.72 -6.19
C TRP D 147 11.62 19.10 -5.26
N ARG D 148 10.65 19.86 -5.76
CA ARG D 148 9.59 20.41 -4.93
C ARG D 148 8.26 19.75 -5.27
N CYS D 149 7.63 19.14 -4.26
CA CYS D 149 6.24 18.72 -4.32
C CYS D 149 5.40 19.65 -3.44
N VAL D 150 4.16 19.88 -3.84
CA VAL D 150 3.28 20.84 -3.17
C VAL D 150 2.00 20.14 -2.74
N LEU D 151 1.63 20.31 -1.47
CA LEU D 151 0.42 19.75 -0.89
C LEU D 151 -0.36 20.86 -0.18
N LYS D 152 -1.68 20.69 -0.12
CA LYS D 152 -2.58 21.73 0.36
C LYS D 152 -3.50 21.17 1.43
N ILE D 153 -3.64 21.89 2.54
CA ILE D 153 -4.56 21.51 3.60
C ILE D 153 -5.92 22.12 3.29
N GLY D 154 -6.92 21.28 3.09
CA GLY D 154 -8.27 21.71 2.82
C GLY D 154 -9.27 20.80 3.49
N GLU D 155 -10.54 20.87 3.07
CA GLU D 155 -11.55 20.03 3.70
C GLU D 155 -11.37 18.57 3.31
N HIS D 156 -10.95 18.30 2.08
CA HIS D 156 -10.75 16.94 1.59
C HIS D 156 -9.30 16.66 1.22
N THR D 157 -8.37 17.52 1.63
CA THR D 157 -6.99 17.42 1.17
C THR D 157 -6.01 17.63 2.32
N PRO D 158 -4.80 17.04 2.20
CA PRO D 158 -4.34 16.21 1.08
C PRO D 158 -4.91 14.79 1.09
N SER D 159 -5.36 14.32 -0.08
CA SER D 159 -6.00 13.03 -0.22
C SER D 159 -4.97 11.91 -0.26
N ALA D 160 -5.46 10.68 -0.09
CA ALA D 160 -4.60 9.51 -0.16
C ALA D 160 -3.84 9.45 -1.49
N LEU D 161 -4.50 9.77 -2.59
CA LEU D 161 -3.84 9.77 -3.88
C LEU D 161 -2.68 10.76 -3.91
N ALA D 162 -2.95 12.01 -3.52
CA ALA D 162 -1.93 13.05 -3.62
C ALA D 162 -0.72 12.72 -2.74
N ILE D 163 -0.95 12.27 -1.51
CA ILE D 163 0.17 11.92 -0.63
C ILE D 163 0.97 10.78 -1.23
N MET D 164 0.29 9.71 -1.62
CA MET D 164 0.98 8.55 -2.19
C MET D 164 1.76 8.93 -3.44
N GLU D 165 1.11 9.62 -4.38
CA GLU D 165 1.76 9.92 -5.65
C GLU D 165 2.97 10.82 -5.46
N ASN D 166 2.82 11.89 -4.66
CA ASN D 166 3.95 12.80 -4.44
C ASN D 166 5.09 12.11 -3.70
N ALA D 167 4.76 11.27 -2.73
CA ALA D 167 5.81 10.53 -2.02
C ALA D 167 6.58 9.63 -2.99
N ASN D 168 5.88 9.06 -3.97
CA ASN D 168 6.51 8.10 -4.87
C ASN D 168 7.41 8.82 -5.88
N VAL D 169 6.97 9.96 -6.39
CA VAL D 169 7.79 10.68 -7.37
C VAL D 169 9.02 11.26 -6.70
N LEU D 170 8.90 11.72 -5.45
CA LEU D 170 10.07 12.14 -4.69
C LEU D 170 11.09 11.02 -4.60
N ALA D 171 10.63 9.79 -4.33
CA ALA D 171 11.56 8.67 -4.18
C ALA D 171 12.25 8.34 -5.50
N ARG D 172 11.52 8.45 -6.61
CA ARG D 172 12.15 8.20 -7.91
C ARG D 172 13.22 9.24 -8.20
N TYR D 173 12.91 10.52 -7.97
CA TYR D 173 13.89 11.58 -8.15
C TYR D 173 15.11 11.35 -7.28
N ALA D 174 14.91 11.00 -6.00
CA ALA D 174 16.03 10.77 -5.10
C ALA D 174 16.87 9.58 -5.56
N SER D 175 16.22 8.55 -6.07
CA SER D 175 16.94 7.38 -6.54
C SER D 175 17.85 7.71 -7.73
N ILE D 176 17.35 8.52 -8.66
CA ILE D 176 18.13 8.83 -9.84
C ILE D 176 19.30 9.74 -9.49
N CYS D 177 19.07 10.71 -8.59
CA CYS D 177 20.15 11.59 -8.15
C CYS D 177 21.31 10.79 -7.56
N GLN D 178 21.01 9.85 -6.66
CA GLN D 178 22.07 9.15 -5.95
C GLN D 178 22.87 8.25 -6.88
N GLN D 179 22.26 7.76 -7.96
CA GLN D 179 23.01 6.99 -8.94
C GLN D 179 24.03 7.85 -9.68
N ASN D 180 23.88 9.17 -9.64
CA ASN D 180 24.77 10.10 -10.32
C ASN D 180 25.60 10.92 -9.35
N GLY D 181 25.73 10.47 -8.09
CA GLY D 181 26.57 11.15 -7.14
C GLY D 181 26.05 12.50 -6.70
N ILE D 182 24.74 12.74 -6.82
CA ILE D 182 24.13 14.00 -6.43
C ILE D 182 23.26 13.74 -5.20
N VAL D 183 23.42 14.58 -4.18
CA VAL D 183 22.61 14.51 -2.97
C VAL D 183 21.24 15.09 -3.28
N PRO D 184 20.15 14.34 -3.11
CA PRO D 184 18.82 14.92 -3.32
C PRO D 184 18.30 15.60 -2.07
N ILE D 185 17.78 16.80 -2.23
CA ILE D 185 16.97 17.45 -1.21
C ILE D 185 15.53 17.08 -1.48
N VAL D 186 14.90 16.43 -0.50
CA VAL D 186 13.51 16.00 -0.62
C VAL D 186 12.64 17.10 -0.04
N GLU D 187 11.91 17.78 -0.90
CA GLU D 187 11.07 18.85 -0.47
C GLU D 187 9.59 18.59 -0.66
N PRO D 188 8.94 18.06 0.45
CA PRO D 188 7.49 17.91 0.31
C PRO D 188 6.81 19.04 1.03
N GLU D 189 6.47 20.08 0.33
CA GLU D 189 5.92 21.23 0.94
C GLU D 189 4.43 21.22 1.22
N ILE D 190 4.08 21.46 2.45
CA ILE D 190 2.68 21.69 2.78
C ILE D 190 2.47 23.19 2.86
N LEU D 191 1.59 23.71 2.01
CA LEU D 191 1.40 25.15 1.95
C LEU D 191 0.76 25.65 3.25
N PRO D 192 1.01 26.91 3.61
CA PRO D 192 0.35 27.51 4.77
C PRO D 192 -1.02 28.12 4.49
N ASP D 193 -1.55 27.91 3.29
CA ASP D 193 -2.84 28.50 2.92
C ASP D 193 -3.96 27.88 3.74
N GLY D 194 -4.90 28.71 4.17
CA GLY D 194 -6.10 28.26 4.83
C GLY D 194 -6.19 28.78 6.26
N ASP D 195 -7.27 28.37 6.93
CA ASP D 195 -7.56 28.78 8.29
C ASP D 195 -7.27 27.68 9.30
N HIS D 196 -6.55 26.63 8.91
CA HIS D 196 -6.27 25.53 9.82
C HIS D 196 -5.37 25.99 10.97
N ASP D 197 -5.49 25.30 12.10
CA ASP D 197 -4.71 25.64 13.28
C ASP D 197 -3.41 24.85 13.31
N LEU D 198 -2.66 25.02 14.40
CA LEU D 198 -1.36 24.37 14.51
C LEU D 198 -1.49 22.86 14.55
N LYS D 199 -2.45 22.34 15.32
CA LYS D 199 -2.62 20.90 15.46
C LYS D 199 -2.86 20.24 14.10
N ARG D 200 -3.69 20.85 13.25
CA ARG D 200 -3.98 20.27 11.95
C ARG D 200 -2.72 20.19 11.11
N CYS D 201 -1.90 21.23 11.13
CA CYS D 201 -0.67 21.21 10.35
C CYS D 201 0.29 20.15 10.88
N GLN D 202 0.42 20.05 12.20
CA GLN D 202 1.27 19.01 12.78
C GLN D 202 0.80 17.63 12.35
N TYR D 203 -0.52 17.39 12.39
CA TYR D 203 -1.06 16.10 11.97
C TYR D 203 -0.72 15.82 10.51
N VAL D 204 -1.04 16.77 9.62
CA VAL D 204 -0.80 16.56 8.20
C VAL D 204 0.69 16.35 7.93
N THR D 205 1.54 17.16 8.58
CA THR D 205 2.98 17.03 8.35
C THR D 205 3.48 15.66 8.76
N GLU D 206 3.00 15.14 9.89
CA GLU D 206 3.41 13.80 10.32
C GLU D 206 2.97 12.72 9.34
N LYS D 207 1.75 12.82 8.81
CA LYS D 207 1.29 11.84 7.85
C LYS D 207 2.07 11.93 6.53
N VAL D 208 2.31 13.16 6.06
CA VAL D 208 3.06 13.33 4.81
C VAL D 208 4.47 12.76 4.95
N LEU D 209 5.14 13.09 6.07
CA LEU D 209 6.52 12.66 6.24
C LEU D 209 6.62 11.15 6.41
N ALA D 210 5.66 10.54 7.13
CA ALA D 210 5.67 9.09 7.25
C ALA D 210 5.54 8.44 5.89
N ALA D 211 4.72 9.02 5.00
CA ALA D 211 4.58 8.48 3.65
C ALA D 211 5.85 8.69 2.84
N VAL D 212 6.50 9.84 3.00
CA VAL D 212 7.73 10.11 2.26
C VAL D 212 8.81 9.09 2.59
N TYR D 213 9.00 8.79 3.88
CA TYR D 213 10.11 7.92 4.25
C TYR D 213 9.80 6.44 4.05
N LYS D 214 8.52 6.06 4.03
CA LYS D 214 8.19 4.72 3.56
C LYS D 214 8.49 4.58 2.07
N ALA D 215 8.10 5.58 1.27
CA ALA D 215 8.45 5.56 -0.15
C ALA D 215 9.96 5.48 -0.34
N LEU D 216 10.71 6.33 0.36
CA LEU D 216 12.16 6.31 0.22
C LEU D 216 12.73 4.96 0.63
N SER D 217 12.13 4.30 1.62
CA SER D 217 12.56 2.95 1.97
C SER D 217 12.24 1.97 0.85
N ASP D 218 11.03 2.04 0.32
CA ASP D 218 10.63 1.13 -0.76
C ASP D 218 11.56 1.24 -1.96
N HIS D 219 12.10 2.43 -2.23
CA HIS D 219 12.94 2.67 -3.40
C HIS D 219 14.43 2.59 -3.09
N HIS D 220 14.81 2.20 -1.87
CA HIS D 220 16.20 1.89 -1.53
C HIS D 220 17.08 3.14 -1.46
N ILE D 221 16.53 4.23 -0.94
CA ILE D 221 17.30 5.47 -0.87
C ILE D 221 18.22 5.44 0.34
N TYR D 222 19.42 5.99 0.17
CA TYR D 222 20.44 6.05 1.22
C TYR D 222 20.23 7.35 2.00
N LEU D 223 19.61 7.24 3.18
CA LEU D 223 19.16 8.42 3.90
C LEU D 223 20.31 9.30 4.35
N GLU D 224 21.44 8.70 4.71
CA GLU D 224 22.61 9.48 5.10
C GLU D 224 23.07 10.39 3.98
N GLY D 225 22.74 10.07 2.72
CA GLY D 225 23.08 10.92 1.60
C GLY D 225 21.90 11.71 1.07
N THR D 226 20.99 12.10 1.97
CA THR D 226 19.83 12.91 1.61
C THR D 226 19.66 14.03 2.61
N LEU D 227 18.90 15.05 2.20
CA LEU D 227 18.44 16.11 3.05
C LEU D 227 16.94 16.26 2.92
N LEU D 228 16.32 16.79 3.96
CA LEU D 228 14.89 17.08 3.96
C LEU D 228 14.68 18.58 3.98
N LYS D 229 13.75 19.05 3.14
CA LYS D 229 13.37 20.45 3.09
C LYS D 229 11.87 20.54 3.37
N PRO D 230 11.48 20.54 4.64
CA PRO D 230 10.06 20.63 4.96
C PRO D 230 9.64 22.02 5.37
N ASN D 231 8.34 22.27 5.33
CA ASN D 231 7.77 23.42 6.00
C ASN D 231 7.98 23.30 7.50
N MET D 232 7.97 24.45 8.17
CA MET D 232 7.79 24.44 9.62
C MET D 232 6.32 24.22 9.93
N VAL D 233 6.04 23.66 11.10
CA VAL D 233 4.66 23.43 11.52
C VAL D 233 4.12 24.75 12.08
N THR D 234 3.17 25.34 11.38
CA THR D 234 2.59 26.62 11.71
C THR D 234 1.10 26.58 11.42
N PRO D 235 0.32 27.47 12.01
CA PRO D 235 -1.09 27.58 11.63
C PRO D 235 -1.24 28.17 10.23
N GLY D 236 -2.44 28.05 9.69
CA GLY D 236 -2.72 28.64 8.40
C GLY D 236 -2.64 30.16 8.42
N HIS D 237 -2.39 30.72 7.23
CA HIS D 237 -2.31 32.17 7.11
C HIS D 237 -3.55 32.85 7.66
N ALA D 238 -4.71 32.19 7.57
CA ALA D 238 -5.99 32.79 7.93
C ALA D 238 -6.51 32.31 9.28
N CYS D 239 -5.66 31.71 10.11
CA CYS D 239 -6.11 31.25 11.41
C CYS D 239 -6.12 32.39 12.41
N THR D 240 -7.18 32.44 13.22
CA THR D 240 -7.34 33.53 14.19
C THR D 240 -6.45 33.32 15.41
N GLN D 241 -6.35 32.09 15.90
CA GLN D 241 -5.56 31.82 17.09
C GLN D 241 -4.11 32.22 16.86
N LYS D 242 -3.46 32.72 17.92
CA LYS D 242 -2.07 33.13 17.87
C LYS D 242 -1.22 32.16 18.67
N TYR D 243 0.00 31.92 18.20
CA TYR D 243 0.91 30.98 18.82
C TYR D 243 2.27 31.62 18.99
N SER D 244 2.97 31.23 20.06
CA SER D 244 4.31 31.73 20.31
C SER D 244 5.33 30.98 19.47
N HIS D 245 6.55 31.52 19.42
CA HIS D 245 7.62 30.86 18.70
C HIS D 245 8.03 29.55 19.37
N GLU D 246 7.87 29.46 20.68
CA GLU D 246 8.17 28.21 21.37
C GLU D 246 7.16 27.13 21.03
N GLU D 247 5.89 27.50 20.78
CA GLU D 247 4.89 26.52 20.40
C GLU D 247 5.11 26.03 18.98
N ILE D 248 5.43 26.94 18.05
CA ILE D 248 5.76 26.55 16.68
C ILE D 248 6.98 25.63 16.69
N ALA D 249 7.99 25.96 17.48
CA ALA D 249 9.18 25.12 17.56
C ALA D 249 8.85 23.74 18.12
N MET D 250 8.02 23.70 19.17
CA MET D 250 7.66 22.43 19.78
C MET D 250 6.88 21.55 18.82
N ALA D 251 5.92 22.15 18.09
CA ALA D 251 5.14 21.38 17.13
C ALA D 251 5.98 20.93 15.94
N THR D 252 6.95 21.75 15.52
CA THR D 252 7.79 21.39 14.39
C THR D 252 8.77 20.29 14.76
N VAL D 253 9.42 20.41 15.92
CA VAL D 253 10.37 19.39 16.34
C VAL D 253 9.65 18.09 16.65
N THR D 254 8.44 18.18 17.22
CA THR D 254 7.69 16.98 17.54
C THR D 254 7.30 16.23 16.27
N ALA D 255 6.78 16.95 15.27
CA ALA D 255 6.45 16.31 14.00
C ALA D 255 7.65 15.56 13.45
N LEU D 256 8.81 16.21 13.45
CA LEU D 256 10.02 15.60 12.89
C LEU D 256 10.48 14.41 13.72
N ARG D 257 10.44 14.54 15.04
CA ARG D 257 10.89 13.45 15.89
C ARG D 257 10.05 12.19 15.70
N ARG D 258 8.80 12.33 15.25
CA ARG D 258 7.91 11.20 15.08
C ARG D 258 7.99 10.58 13.69
N THR D 259 8.78 11.14 12.78
CA THR D 259 8.75 10.69 11.39
C THR D 259 10.11 10.57 10.72
N VAL D 260 11.10 11.40 11.06
CA VAL D 260 12.34 11.50 10.29
C VAL D 260 13.39 10.61 10.96
N PRO D 261 13.90 9.57 10.30
CA PRO D 261 14.87 8.69 10.93
C PRO D 261 16.14 9.44 11.27
N PRO D 262 16.85 9.02 12.33
CA PRO D 262 18.11 9.69 12.69
C PRO D 262 19.16 9.65 11.59
N ALA D 263 19.07 8.70 10.66
CA ALA D 263 20.08 8.57 9.63
C ALA D 263 20.07 9.74 8.66
N VAL D 264 18.94 10.44 8.53
CA VAL D 264 18.90 11.63 7.69
C VAL D 264 19.92 12.63 8.22
N THR D 265 20.69 13.22 7.31
CA THR D 265 21.82 14.03 7.74
C THR D 265 21.38 15.42 8.20
N GLY D 266 20.38 16.00 7.56
CA GLY D 266 19.98 17.36 7.91
C GLY D 266 18.61 17.72 7.38
N VAL D 267 18.01 18.70 8.04
CA VAL D 267 16.70 19.24 7.70
C VAL D 267 16.90 20.72 7.43
N THR D 268 16.63 21.13 6.21
CA THR D 268 16.80 22.52 5.77
C THR D 268 15.41 23.11 5.54
N PHE D 269 14.92 23.85 6.52
CA PHE D 269 13.56 24.36 6.46
C PHE D 269 13.39 25.38 5.34
N LEU D 270 12.20 25.38 4.74
CA LEU D 270 11.76 26.45 3.86
C LEU D 270 11.03 27.49 4.68
N SER D 271 11.09 28.75 4.23
CA SER D 271 10.53 29.85 4.99
C SER D 271 9.04 30.04 4.74
N GLY D 272 8.52 29.57 3.60
CA GLY D 272 7.12 29.73 3.30
C GLY D 272 6.73 31.18 3.12
N GLY D 273 5.74 31.63 3.89
CA GLY D 273 5.31 33.02 3.87
C GLY D 273 5.94 33.88 4.95
N GLN D 274 6.86 33.33 5.73
CA GLN D 274 7.41 34.05 6.88
C GLN D 274 8.31 35.19 6.44
N SER D 275 8.32 36.25 7.24
CA SER D 275 9.24 37.37 7.04
C SER D 275 10.66 36.93 7.36
N GLU D 276 11.63 37.76 6.93
CA GLU D 276 13.04 37.46 7.20
C GLU D 276 13.27 37.20 8.68
N GLU D 277 12.74 38.06 9.54
CA GLU D 277 12.99 37.95 10.98
C GLU D 277 12.18 36.82 11.59
N GLU D 278 10.91 36.69 11.19
CA GLU D 278 10.09 35.59 11.67
C GLU D 278 10.74 34.24 11.38
N ALA D 279 11.31 34.09 10.18
CA ALA D 279 11.98 32.84 9.84
C ALA D 279 13.22 32.64 10.70
N SER D 280 13.94 33.71 11.02
CA SER D 280 15.15 33.59 11.84
C SER D 280 14.80 33.29 13.29
N ILE D 281 13.76 33.93 13.81
CA ILE D 281 13.33 33.69 15.19
C ILE D 281 12.85 32.25 15.34
N ASN D 282 11.98 31.81 14.43
CA ASN D 282 11.46 30.45 14.53
C ASN D 282 12.58 29.42 14.41
N LEU D 283 13.51 29.63 13.48
CA LEU D 283 14.63 28.69 13.34
C LEU D 283 15.46 28.65 14.61
N ASN D 284 15.63 29.80 15.27
CA ASN D 284 16.37 29.82 16.54
C ASN D 284 15.61 29.06 17.62
N ALA D 285 14.29 29.30 17.72
CA ALA D 285 13.49 28.57 18.69
C ALA D 285 13.62 27.07 18.49
N ILE D 286 13.51 26.62 17.23
CA ILE D 286 13.62 25.20 16.92
C ILE D 286 14.93 24.62 17.47
N ASN D 287 16.04 25.33 17.25
CA ASN D 287 17.34 24.83 17.68
C ASN D 287 17.55 24.93 19.17
N LYS D 288 16.75 25.72 19.88
CA LYS D 288 16.80 25.78 21.34
C LYS D 288 15.76 24.88 22.00
N CYS D 289 14.91 24.22 21.21
CA CYS D 289 13.91 23.33 21.78
C CYS D 289 14.60 22.26 22.62
N PRO D 290 14.12 21.98 23.84
CA PRO D 290 14.87 21.06 24.72
C PRO D 290 14.92 19.62 24.22
N LEU D 291 14.00 19.20 23.37
CA LEU D 291 13.95 17.81 22.93
C LEU D 291 15.21 17.44 22.15
N LEU D 292 15.45 16.14 22.04
CA LEU D 292 16.65 15.64 21.38
C LEU D 292 16.43 15.57 19.88
N LYS D 293 17.37 16.13 19.12
CA LYS D 293 17.22 16.33 17.68
C LYS D 293 18.45 15.76 16.98
N PRO D 294 18.37 14.54 16.42
CA PRO D 294 19.57 13.88 15.91
C PRO D 294 19.94 14.26 14.47
N TRP D 295 19.44 15.38 13.98
CA TRP D 295 19.83 15.89 12.68
C TRP D 295 20.06 17.39 12.76
N ALA D 296 20.93 17.90 11.88
CA ALA D 296 21.09 19.33 11.76
C ALA D 296 19.77 19.97 11.37
N LEU D 297 19.45 21.08 12.03
CA LEU D 297 18.21 21.83 11.78
C LEU D 297 18.61 23.23 11.34
N THR D 298 18.64 23.47 10.02
CA THR D 298 19.07 24.76 9.50
C THR D 298 18.11 25.27 8.42
N PHE D 299 18.62 26.11 7.52
CA PHE D 299 17.77 26.84 6.59
C PHE D 299 18.13 26.52 5.14
N SER D 300 17.11 26.58 4.29
CA SER D 300 17.24 26.65 2.83
C SER D 300 16.30 27.77 2.41
N TYR D 301 16.78 29.00 2.50
CA TYR D 301 15.95 30.19 2.38
C TYR D 301 16.19 30.90 1.05
N GLY D 302 15.10 31.32 0.41
CA GLY D 302 15.16 32.18 -0.73
C GLY D 302 14.75 33.60 -0.36
N ARG D 303 13.44 33.81 -0.17
CA ARG D 303 12.94 35.14 0.15
C ARG D 303 13.42 35.61 1.53
N ALA D 304 13.49 34.69 2.49
CA ALA D 304 13.90 35.07 3.84
C ALA D 304 15.35 35.54 3.91
N LEU D 305 16.15 35.26 2.88
CA LEU D 305 17.51 35.78 2.78
C LEU D 305 17.64 36.92 1.79
N GLN D 306 16.73 37.04 0.82
CA GLN D 306 16.87 37.98 -0.28
C GLN D 306 15.94 39.18 -0.21
N ALA D 307 14.91 39.15 0.64
CA ALA D 307 13.88 40.17 0.59
C ALA D 307 14.46 41.57 0.68
N SER D 308 15.26 41.83 1.72
CA SER D 308 15.84 43.17 1.88
C SER D 308 16.84 43.48 0.78
N ALA D 309 17.64 42.50 0.39
CA ALA D 309 18.63 42.73 -0.66
C ALA D 309 17.96 43.17 -1.96
N LEU D 310 16.88 42.49 -2.35
CA LEU D 310 16.19 42.85 -3.59
C LEU D 310 15.71 44.29 -3.55
N LYS D 311 15.15 44.71 -2.41
CA LYS D 311 14.58 46.06 -2.33
C LYS D 311 15.66 47.12 -2.25
N ALA D 312 16.75 46.84 -1.52
CA ALA D 312 17.87 47.78 -1.46
C ALA D 312 18.56 47.93 -2.81
N TRP D 313 18.55 46.87 -3.63
CA TRP D 313 19.07 46.96 -4.98
C TRP D 313 18.20 47.85 -5.85
N GLY D 314 16.91 47.53 -5.95
CA GLY D 314 15.95 48.32 -6.70
C GLY D 314 16.22 48.37 -8.19
N GLY D 315 17.16 47.55 -8.67
CA GLY D 315 17.56 47.58 -10.05
C GLY D 315 18.69 48.53 -10.38
N LYS D 316 19.12 49.35 -9.42
CA LYS D 316 20.15 50.35 -9.64
C LYS D 316 21.52 49.70 -9.39
N LYS D 317 22.40 49.80 -10.39
CA LYS D 317 23.73 49.19 -10.27
C LYS D 317 24.54 49.81 -9.14
N GLU D 318 24.27 51.06 -8.79
CA GLU D 318 25.03 51.74 -7.75
C GLU D 318 24.61 51.34 -6.35
N ASN D 319 23.51 50.60 -6.19
CA ASN D 319 23.10 50.08 -4.89
C ASN D 319 23.71 48.70 -4.62
N LEU D 320 24.72 48.30 -5.39
CA LEU D 320 25.34 46.99 -5.20
C LEU D 320 25.78 46.79 -3.75
N LYS D 321 26.52 47.75 -3.21
CA LYS D 321 27.01 47.63 -1.83
C LYS D 321 25.85 47.63 -0.84
N ALA D 322 24.84 48.45 -1.07
CA ALA D 322 23.69 48.51 -0.17
C ALA D 322 22.98 47.16 -0.12
N ALA D 323 22.70 46.59 -1.29
CA ALA D 323 21.96 45.33 -1.35
C ALA D 323 22.76 44.21 -0.69
N GLN D 324 24.03 44.06 -1.07
CA GLN D 324 24.84 42.97 -0.51
C GLN D 324 24.89 43.02 1.00
N GLU D 325 24.88 44.23 1.58
CA GLU D 325 24.93 44.33 3.04
C GLU D 325 23.68 43.74 3.68
N GLU D 326 22.51 43.96 3.06
CA GLU D 326 21.27 43.41 3.60
C GLU D 326 21.26 41.89 3.54
N TYR D 327 21.87 41.32 2.49
CA TYR D 327 21.96 39.86 2.39
C TYR D 327 22.90 39.29 3.44
N VAL D 328 24.05 39.93 3.65
CA VAL D 328 25.00 39.46 4.65
C VAL D 328 24.39 39.49 6.05
N LYS D 329 23.52 40.47 6.30
CA LYS D 329 22.85 40.54 7.61
C LYS D 329 22.04 39.27 7.86
N ARG D 330 21.18 38.90 6.91
CA ARG D 330 20.35 37.72 7.09
C ARG D 330 21.20 36.45 7.13
N ALA D 331 22.23 36.37 6.29
CA ALA D 331 23.11 35.20 6.34
C ALA D 331 23.78 35.07 7.68
N LEU D 332 24.14 36.21 8.30
CA LEU D 332 24.73 36.16 9.64
C LEU D 332 23.67 35.86 10.69
N ALA D 333 22.46 36.42 10.52
CA ALA D 333 21.38 36.15 11.47
C ALA D 333 21.04 34.67 11.49
N ASN D 334 20.83 34.06 10.32
CA ASN D 334 20.40 32.67 10.25
C ASN D 334 21.53 31.70 10.57
N SER D 335 22.79 32.10 10.35
CA SER D 335 23.90 31.24 10.77
C SER D 335 23.94 31.10 12.28
N LEU D 336 23.53 32.15 13.00
CA LEU D 336 23.40 32.05 14.45
C LEU D 336 22.16 31.24 14.84
N ALA D 337 21.06 31.45 14.13
CA ALA D 337 19.80 30.80 14.51
C ALA D 337 19.91 29.29 14.44
N CYS D 338 20.58 28.77 13.41
CA CYS D 338 20.73 27.32 13.29
C CYS D 338 21.73 26.75 14.29
N GLN D 339 22.26 27.59 15.18
CA GLN D 339 23.02 27.14 16.34
C GLN D 339 22.31 27.48 17.65
N GLY D 340 21.16 28.15 17.58
CA GLY D 340 20.45 28.56 18.77
C GLY D 340 21.03 29.76 19.47
N LYS D 341 21.82 30.58 18.78
CA LYS D 341 22.51 31.71 19.39
C LYS D 341 22.06 33.04 18.80
N TYR D 342 20.84 33.11 18.27
CA TYR D 342 20.35 34.32 17.63
C TYR D 342 19.35 35.03 18.54
N THR D 343 19.61 36.30 18.82
CA THR D 343 18.70 37.16 19.56
C THR D 343 18.66 38.53 18.90
N PRO D 344 17.48 39.03 18.49
CA PRO D 344 17.42 40.35 17.85
C PRO D 344 17.93 41.47 18.75
N HIS D 361 3.35 16.82 25.86
CA HIS D 361 2.33 15.77 25.68
C HIS D 361 1.05 16.34 25.09
N ALA D 362 0.96 17.67 25.01
CA ALA D 362 -0.15 18.31 24.33
C ALA D 362 0.01 18.32 22.82
N TYR D 363 1.10 17.76 22.31
CA TYR D 363 1.37 17.73 20.87
C TYR D 363 1.22 16.32 20.32
C1 RD3 E . 8.17 -17.54 22.81
C2 RD3 E . 9.15 -18.63 22.96
C3 RD3 E . 9.30 -19.52 21.91
C4 RD3 E . 10.21 -20.57 22.01
C5 RD3 E . 10.97 -20.73 23.15
C6 RD3 E . 10.80 -19.84 24.20
C7 RD3 E . 9.90 -18.79 24.11
P8 RD3 E . 8.80 -15.90 23.31
P9 RD3 E . 6.65 -17.95 23.71
O10 RD3 E . 11.86 -21.77 23.26
P11 RD3 E . 12.81 -22.23 22.03
O12 RD3 E . 13.77 -23.30 22.54
O14 RD3 E . 13.62 -21.02 21.54
O15 RD3 E . 11.97 -22.80 20.90
O16 RD3 E . 8.98 -15.79 24.81
O17 RD3 E . 7.79 -14.83 22.89
O18 RD3 E . 10.12 -15.64 22.60
O19 RD3 E . 5.53 -17.04 23.22
O20 RD3 E . 6.27 -19.40 23.38
O21 RD3 E . 6.83 -17.80 25.21
H3 RD3 E . 8.71 -19.40 21.02
H4 RD3 E . 10.32 -21.26 21.18
H6 RD3 E . 11.39 -19.96 25.10
H7 RD3 E . 9.79 -18.10 24.94
H1 RD3 E . 7.91 -17.47 21.74
C1 GOL F . -5.33 -8.49 11.04
C1 GOL F . -6.16 -7.52 11.08
O1 GOL F . -4.16 -8.11 10.35
O1 GOL F . -6.20 -6.59 10.04
C2 GOL F . -6.09 -7.23 11.40
C2 GOL F . -5.22 -8.64 10.69
O2 GOL F . -6.46 -6.55 10.21
O2 GOL F . -3.99 -8.08 10.29
C3 GOL F . -7.33 -7.59 12.21
C3 GOL F . -5.01 -9.57 11.88
O3 GOL F . -7.85 -6.43 12.84
O3 GOL F . -4.52 -10.81 11.41
H11 GOL F . -5.94 -9.13 10.40
H11 GOL F . -5.82 -7.05 12.00
H12 GOL F . -5.07 -9.05 11.93
H12 GOL F . -7.16 -7.93 11.25
HO1 GOL F . -3.61 -8.90 10.16
HO1 GOL F . -6.87 -5.90 10.24
H2 GOL F . -5.44 -6.59 12.02
H2 GOL F . -5.66 -9.21 9.87
HO2 GOL F . -7.05 -7.13 9.68
HO2 GOL F . -3.60 -7.58 11.04
H31 GOL F . -8.09 -8.01 11.56
H31 GOL F . -4.29 -9.13 12.57
H32 GOL F . -7.07 -8.33 12.97
H32 GOL F . -5.96 -9.72 12.40
HO3 GOL F . -8.69 -6.66 13.31
HO3 GOL F . -4.34 -11.39 12.18
C1 RD3 G . -26.01 -8.34 12.26
C2 RD3 G . -27.29 -7.64 12.52
C3 RD3 G . -27.27 -6.35 13.02
C4 RD3 G . -28.44 -5.67 13.27
C5 RD3 G . -29.65 -6.29 13.02
C6 RD3 G . -29.68 -7.58 12.53
C7 RD3 G . -28.50 -8.27 12.28
P8 RD3 G . -26.12 -9.27 10.71
P9 RD3 G . -25.61 -9.50 13.60
O10 RD3 G . -30.84 -5.63 13.26
P11 RD3 G . -30.95 -4.07 13.58
O12 RD3 G . -30.47 -3.27 12.37
O14 RD3 G . -30.13 -3.70 14.82
O15 RD3 G . -32.42 -3.75 13.85
O16 RD3 G . -26.89 -10.57 10.92
O17 RD3 G . -24.71 -9.59 10.23
O18 RD3 G . -26.84 -8.42 9.67
O19 RD3 G . -24.12 -9.78 13.53
O20 RD3 G . -25.96 -8.90 14.96
O21 RD3 G . -26.37 -10.81 13.41
H3 RD3 G . -26.32 -5.86 13.21
H4 RD3 G . -28.41 -4.66 13.65
H6 RD3 G . -30.63 -8.07 12.34
H7 RD3 G . -28.53 -9.27 11.89
H1 RD3 G . -25.21 -7.60 12.19
C1 RD3 H . 8.80 -1.82 -28.31
C2 RD3 H . 9.56 -2.85 -29.06
C3 RD3 H . 10.61 -3.50 -28.46
C4 RD3 H . 11.33 -4.47 -29.16
C5 RD3 H . 10.99 -4.76 -30.47
C6 RD3 H . 9.93 -4.10 -31.07
C7 RD3 H . 9.21 -3.14 -30.38
P8 RD3 H . 7.02 -2.04 -28.60
P9 RD3 H . 9.36 -0.17 -28.81
O10 RD3 H . 11.69 -5.72 -31.17
P11 RD3 H . 12.72 -6.71 -30.44
O12 RD3 H . 14.02 -5.96 -30.15
O14 RD3 H . 12.11 -7.21 -29.13
O15 RD3 H . 12.99 -7.89 -31.37
O16 RD3 H . 6.59 -1.33 -29.88
O17 RD3 H . 6.23 -1.48 -27.42
O18 RD3 H . 6.73 -3.53 -28.74
O19 RD3 H . 8.68 0.25 -30.11
O20 RD3 H . 10.87 -0.20 -29.03
O21 RD3 H . 9.03 0.83 -27.71
H3 RD3 H . 10.88 -3.26 -27.44
H4 RD3 H . 12.16 -4.97 -28.68
H6 RD3 H . 9.66 -4.34 -32.10
H7 RD3 H . 8.39 -2.63 -30.85
H1 RD3 H . 9.00 -1.96 -27.24
C1 GOL I . 4.25 9.29 -11.61
C1 GOL I . 7.41 7.57 -11.65
O1 GOL I . 4.03 10.71 -11.59
O1 GOL I . 8.09 6.68 -12.55
C2 GOL I . 5.47 8.87 -10.81
C2 GOL I . 5.90 7.45 -11.61
O2 GOL I . 5.06 8.61 -9.50
O2 GOL I . 5.48 6.36 -10.82
C3 GOL I . 6.15 7.61 -11.29
C3 GOL I . 5.23 8.70 -11.08
O3 GOL I . 5.42 6.47 -10.86
O3 GOL I . 5.18 8.55 -9.69
H11 GOL I . 3.38 8.78 -11.20
H11 GOL I . 7.79 7.41 -10.64
H12 GOL I . 4.38 8.94 -12.63
H12 GOL I . 7.67 8.59 -11.94
HO1 GOL I . 3.14 10.92 -11.92
HO1 GOL I . 8.99 6.53 -12.25
H2 GOL I . 6.18 9.69 -10.85
H2 GOL I . 5.57 7.30 -12.64
HO2 GOL I . 4.35 7.97 -9.51
HO2 GOL I . 5.91 6.41 -9.96
H31 GOL I . 6.24 7.61 -12.37
H31 GOL I . 5.81 9.59 -11.34
H32 GOL I . 7.15 7.57 -10.89
H32 GOL I . 4.24 8.83 -11.49
HO3 GOL I . 6.01 5.73 -10.73
HO3 GOL I . 4.46 9.10 -9.34
C1 RD3 J . 9.03 27.70 -6.58
C2 RD3 J . 8.52 29.05 -6.27
C3 RD3 J . 7.15 29.26 -6.23
C4 RD3 J . 6.64 30.52 -5.94
C5 RD3 J . 7.51 31.58 -5.72
C6 RD3 J . 8.88 31.37 -5.77
C7 RD3 J . 9.39 30.11 -6.06
P8 RD3 J . 10.38 27.21 -5.46
P9 RD3 J . 9.58 27.68 -8.31
O10 RD3 J . 7.00 32.84 -5.44
P11 RD3 J . 5.46 33.10 -5.10
O12 RD3 J . 5.26 34.57 -4.76
O14 RD3 J . 5.07 32.25 -3.89
O15 RD3 J . 4.60 32.73 -6.31
O16 RD3 J . 11.64 28.03 -5.73
O17 RD3 J . 9.93 27.42 -4.02
O18 RD3 J . 10.71 25.73 -5.66
O19 RD3 J . 10.84 28.54 -8.46
O20 RD3 J . 9.89 26.26 -8.74
O21 RD3 J . 8.49 28.25 -9.20
H3 RD3 J . 6.48 28.43 -6.40
H4 RD3 J . 5.57 30.67 -5.90
H6 RD3 J . 9.56 32.20 -5.60
H7 RD3 J . 10.46 29.95 -6.09
H1 RD3 J . 8.21 26.98 -6.47
#